data_8KDK
#
_entry.id   8KDK
#
_cell.length_a   75.391
_cell.length_b   102.700
_cell.length_c   102.954
_cell.angle_alpha   90.000
_cell.angle_beta   92.440
_cell.angle_gamma   90.000
#
_symmetry.space_group_name_H-M   'P 1 21 1'
#
loop_
_entity.id
_entity.type
_entity.pdbx_description
1 polymer CcbF
2 water water
#
_entity_poly.entity_id   1
_entity_poly.type   'polypeptide(L)'
_entity_poly.pdbx_seq_one_letter_code
;MSDLAAVDDWSTLRRIAIDAVSTGRNPELKWLADHPEGTPAYALHLADPLEGAPEGLRQCLREAWDEPLDSYVLSHHGLP
ELRQAMERWFADDENWPRRRRLLTTATMTGTGPAMYDLLRTIKAREPEGPMAALVPRPGWDYRLFAHDVGYEPIGYHVPF
TSPTGPEPGDLDRAVEQTRAKGLRPTVLVLNPQHYATGGNWTPEFVRYALSLADTLGMWVLVDNAYHGMTAAGTQPTSTV
RLALDGGFEERLIHVRTLG(LLP)QFACNGWAVGSVTAMPDVIDEFAHRWRGFREYPGHAREQAAFAGWLNNPESRKWAD
ERREAIRSNGDALLDALAEVSNTTRHCHGGSPFVLFEVPGGWSQEDFRQRLFADTGVLLASAQIPYAPDWVKVFLGRRPD
RFLPAVEALRTRPSRAWQPRLEHHHHHHHH
;
_entity_poly.pdbx_strand_id   D,A,B,C
#
# COMPACT_ATOMS: atom_id res chain seq x y z
N ALA A 6 26.72 20.80 -32.75
CA ALA A 6 26.42 22.15 -33.24
C ALA A 6 25.15 22.74 -32.60
N VAL A 7 24.58 22.00 -31.65
CA VAL A 7 23.31 22.38 -31.02
C VAL A 7 23.62 23.14 -29.75
N ASP A 8 22.99 24.30 -29.58
CA ASP A 8 23.28 25.20 -28.48
C ASP A 8 22.08 25.30 -27.54
N ASP A 9 22.13 26.28 -26.65
CA ASP A 9 21.20 26.43 -25.54
C ASP A 9 20.30 27.66 -25.67
N TRP A 10 20.43 28.45 -26.74
CA TRP A 10 19.80 29.76 -26.73
C TRP A 10 18.28 29.66 -26.65
N SER A 11 17.65 28.75 -27.41
CA SER A 11 16.19 28.71 -27.40
C SER A 11 15.67 28.42 -25.99
N THR A 12 16.34 27.53 -25.29
CA THR A 12 15.92 27.17 -23.93
C THR A 12 16.23 28.29 -22.94
N LEU A 13 17.41 28.91 -23.06
CA LEU A 13 17.72 30.03 -22.17
C LEU A 13 16.70 31.15 -22.35
N ARG A 14 16.35 31.46 -23.59
CA ARG A 14 15.31 32.46 -23.82
C ARG A 14 14.01 32.08 -23.12
N ARG A 15 13.64 30.79 -23.17
CA ARG A 15 12.37 30.38 -22.58
C ARG A 15 12.36 30.50 -21.06
N ILE A 16 13.51 30.29 -20.41
CA ILE A 16 13.56 30.22 -18.94
C ILE A 16 14.21 31.46 -18.31
N ALA A 17 14.78 32.38 -19.10
CA ALA A 17 15.49 33.52 -18.52
C ALA A 17 15.10 34.91 -19.04
N ILE A 18 14.23 35.02 -20.03
CA ILE A 18 13.93 36.31 -20.66
C ILE A 18 12.48 36.68 -20.37
N ASP A 19 12.26 37.92 -19.92
CA ASP A 19 10.90 38.36 -19.57
C ASP A 19 10.82 39.88 -19.71
N ALA A 20 9.58 40.39 -19.74
CA ALA A 20 9.32 41.83 -19.87
C ALA A 20 9.55 42.60 -18.58
N VAL A 21 9.83 41.93 -17.47
CA VAL A 21 10.16 42.59 -16.23
C VAL A 21 11.53 42.07 -15.81
N SER A 22 12.07 42.60 -14.72
CA SER A 22 13.39 42.17 -14.26
C SER A 22 13.36 40.69 -13.92
N THR A 23 14.35 39.95 -14.41
CA THR A 23 14.39 38.53 -14.15
C THR A 23 15.26 38.21 -12.94
N GLY A 24 15.85 39.22 -12.31
CA GLY A 24 16.72 38.95 -11.17
C GLY A 24 17.90 39.88 -11.11
N ARG A 25 18.64 39.80 -10.01
CA ARG A 25 19.74 40.73 -9.77
C ARG A 25 21.08 40.18 -10.24
N ASN A 26 21.15 38.89 -10.56
CA ASN A 26 22.40 38.29 -11.00
C ASN A 26 22.85 38.92 -12.31
N PRO A 27 24.14 39.21 -12.47
CA PRO A 27 24.61 39.88 -13.70
C PRO A 27 24.39 39.07 -14.96
N GLU A 28 24.49 37.75 -14.90
CA GLU A 28 24.38 36.92 -16.08
C GLU A 28 23.02 37.07 -16.75
N LEU A 29 21.98 37.40 -15.97
CA LEU A 29 20.66 37.62 -16.55
C LEU A 29 20.63 38.85 -17.45
N LYS A 30 21.42 39.89 -17.14
CA LYS A 30 21.51 41.03 -18.05
C LYS A 30 22.28 40.65 -19.30
N TRP A 31 23.37 39.89 -19.15
CA TRP A 31 24.13 39.45 -20.31
C TRP A 31 23.24 38.64 -21.26
N LEU A 32 22.42 37.74 -20.71
CA LEU A 32 21.50 36.96 -21.53
C LEU A 32 20.48 37.85 -22.23
N ALA A 33 19.94 38.84 -21.51
CA ALA A 33 18.96 39.75 -22.10
C ALA A 33 19.55 40.52 -23.27
N ASP A 34 20.85 40.79 -23.22
CA ASP A 34 21.53 41.53 -24.27
C ASP A 34 22.16 40.62 -25.31
N HIS A 35 21.95 39.31 -25.23
CA HIS A 35 22.61 38.38 -26.13
C HIS A 35 22.00 38.48 -27.53
N PRO A 36 22.82 38.61 -28.58
CA PRO A 36 22.28 38.72 -29.95
C PRO A 36 21.43 37.52 -30.35
N GLU A 37 20.16 37.79 -30.65
CA GLU A 37 19.27 36.73 -31.10
C GLU A 37 19.78 36.13 -32.41
N GLY A 38 19.56 34.82 -32.57
CA GLY A 38 20.02 34.12 -33.74
C GLY A 38 21.47 33.68 -33.69
N THR A 39 22.18 33.93 -32.58
CA THR A 39 23.56 33.50 -32.44
C THR A 39 23.67 32.52 -31.28
N PRO A 40 24.61 31.58 -31.34
CA PRO A 40 24.65 30.51 -30.33
C PRO A 40 24.98 31.02 -28.93
N ALA A 41 24.44 30.32 -27.95
CA ALA A 41 24.74 30.57 -26.55
C ALA A 41 24.79 29.23 -25.84
N TYR A 42 25.83 29.02 -25.03
CA TYR A 42 26.02 27.77 -24.29
C TYR A 42 26.10 28.09 -22.82
N ALA A 43 25.28 27.40 -22.02
CA ALA A 43 25.20 27.66 -20.58
C ALA A 43 26.01 26.60 -19.83
N LEU A 44 27.14 26.99 -19.27
CA LEU A 44 27.91 26.08 -18.44
C LEU A 44 28.13 26.62 -17.03
N HIS A 45 27.34 27.61 -16.62
CA HIS A 45 27.53 28.32 -15.36
C HIS A 45 26.75 27.70 -14.20
N LEU A 46 25.85 26.77 -14.47
CA LEU A 46 25.09 26.11 -13.41
C LEU A 46 25.18 24.61 -13.60
N ALA A 47 25.05 23.89 -12.48
CA ALA A 47 24.99 22.43 -12.51
C ALA A 47 23.56 22.03 -12.88
N ASP A 48 23.23 22.24 -14.14
CA ASP A 48 21.85 22.29 -14.58
C ASP A 48 21.82 22.05 -16.09
N PRO A 49 21.85 20.79 -16.55
CA PRO A 49 21.93 20.54 -18.01
C PRO A 49 20.65 20.97 -18.70
N LEU A 50 20.76 21.94 -19.60
CA LEU A 50 19.57 22.45 -20.28
C LEU A 50 19.03 21.49 -21.34
N GLU A 51 19.76 20.44 -21.70
CA GLU A 51 19.23 19.49 -22.66
C GLU A 51 18.15 18.60 -22.06
N GLY A 52 17.97 18.62 -20.74
CA GLY A 52 16.83 17.95 -20.14
C GLY A 52 17.18 16.60 -19.54
N ALA A 53 16.13 15.95 -19.01
CA ALA A 53 16.23 14.70 -18.26
C ALA A 53 16.34 13.50 -19.20
N PRO A 54 16.83 12.35 -18.71
CA PRO A 54 16.90 11.15 -19.55
C PRO A 54 15.52 10.75 -20.05
N GLU A 55 15.49 10.21 -21.27
CA GLU A 55 14.21 9.94 -21.91
C GLU A 55 13.38 8.98 -21.06
N GLY A 56 14.03 7.99 -20.44
CA GLY A 56 13.29 7.02 -19.64
C GLY A 56 12.46 7.65 -18.52
N LEU A 57 13.00 8.71 -17.89
CA LEU A 57 12.27 9.42 -16.85
C LEU A 57 11.11 10.23 -17.44
N ARG A 58 11.38 10.98 -18.50
CA ARG A 58 10.30 11.75 -19.13
C ARG A 58 9.20 10.84 -19.66
N GLN A 59 9.56 9.61 -20.08
CA GLN A 59 8.54 8.69 -20.58
C GLN A 59 7.61 8.24 -19.45
N CYS A 60 8.15 8.05 -18.25
CA CYS A 60 7.32 7.70 -17.12
C CYS A 60 6.29 8.79 -16.84
N LEU A 61 6.71 10.04 -16.94
CA LEU A 61 5.77 11.15 -16.74
C LEU A 61 4.71 11.16 -17.82
N ARG A 62 5.14 11.01 -19.08
CA ARG A 62 4.20 11.07 -20.21
C ARG A 62 3.13 9.98 -20.09
N GLU A 63 3.54 8.74 -19.84
CA GLU A 63 2.62 7.60 -19.89
C GLU A 63 1.60 7.60 -18.76
N ALA A 64 1.80 8.40 -17.72
CA ALA A 64 0.85 8.51 -16.61
C ALA A 64 -0.06 9.72 -16.75
N TRP A 65 -0.03 10.42 -17.88
CA TRP A 65 -0.81 11.65 -18.04
C TRP A 65 -2.31 11.44 -17.79
N ASP A 66 -2.81 10.21 -17.94
CA ASP A 66 -4.23 9.93 -17.81
C ASP A 66 -4.59 9.35 -16.45
N GLU A 67 -3.61 9.32 -15.48
CA GLU A 67 -3.86 8.79 -14.15
C GLU A 67 -4.19 9.93 -13.17
N PRO A 68 -5.00 9.68 -12.14
CA PRO A 68 -5.40 10.74 -11.19
C PRO A 68 -4.32 11.05 -10.16
N LEU A 69 -3.33 11.83 -10.60
CA LEU A 69 -2.14 12.17 -9.81
C LEU A 69 -2.02 13.66 -9.56
N ASP A 70 -3.12 14.39 -9.60
CA ASP A 70 -3.04 15.84 -9.52
C ASP A 70 -3.44 16.38 -8.16
N SER A 71 -3.86 15.52 -7.23
CA SER A 71 -4.40 15.95 -5.94
C SER A 71 -3.31 16.08 -4.89
N TYR A 72 -3.71 16.50 -3.69
CA TYR A 72 -2.83 16.38 -2.54
C TYR A 72 -2.37 14.94 -2.38
N VAL A 73 -1.16 14.76 -1.87
CA VAL A 73 -0.67 13.46 -1.47
C VAL A 73 -0.90 13.33 0.02
N LEU A 74 -1.65 12.32 0.43
CA LEU A 74 -2.14 12.25 1.80
C LEU A 74 -1.14 11.69 2.80
N SER A 75 0.04 11.24 2.36
CA SER A 75 1.10 10.90 3.30
C SER A 75 2.10 12.04 3.29
N HIS A 76 2.38 12.59 4.47
CA HIS A 76 3.33 13.70 4.54
C HIS A 76 4.74 13.27 4.17
N HIS A 77 5.02 11.98 4.17
CA HIS A 77 6.34 11.48 3.82
C HIS A 77 6.49 11.20 2.34
N GLY A 78 5.44 11.40 1.55
CA GLY A 78 5.46 11.08 0.13
C GLY A 78 4.88 9.72 -0.17
N LEU A 79 4.79 9.41 -1.46
CA LEU A 79 4.29 8.11 -1.89
C LEU A 79 5.22 7.00 -1.40
N PRO A 80 4.69 5.95 -0.78
CA PRO A 80 5.58 4.87 -0.33
C PRO A 80 6.41 4.27 -1.45
N GLU A 81 5.87 4.20 -2.67
CA GLU A 81 6.61 3.60 -3.77
C GLU A 81 7.84 4.42 -4.11
N LEU A 82 7.75 5.76 -3.95
CA LEU A 82 8.90 6.60 -4.18
C LEU A 82 9.87 6.54 -3.00
N ARG A 83 9.36 6.62 -1.77
CA ARG A 83 10.22 6.52 -0.61
C ARG A 83 11.08 5.26 -0.70
N GLN A 84 10.46 4.16 -1.11
CA GLN A 84 11.16 2.89 -1.14
C GLN A 84 12.18 2.84 -2.28
N ALA A 85 11.78 3.30 -3.46
CA ALA A 85 12.68 3.23 -4.61
C ALA A 85 13.88 4.15 -4.42
N MET A 86 13.63 5.29 -3.78
CA MET A 86 14.68 6.27 -3.51
C MET A 86 15.68 5.74 -2.49
N GLU A 87 15.18 5.30 -1.34
CA GLU A 87 16.08 4.72 -0.35
C GLU A 87 16.90 3.59 -0.93
N ARG A 88 16.28 2.72 -1.74
CA ARG A 88 17.01 1.64 -2.40
C ARG A 88 18.13 2.17 -3.28
N TRP A 89 17.82 3.17 -4.11
CA TRP A 89 18.80 3.64 -5.09
C TRP A 89 19.98 4.30 -4.38
N PHE A 90 19.71 5.14 -3.37
CA PHE A 90 20.80 5.82 -2.65
C PHE A 90 21.55 4.85 -1.74
N ALA A 91 20.86 3.90 -1.12
CA ALA A 91 21.58 3.01 -0.20
C ALA A 91 22.56 2.15 -0.97
N ASP A 92 22.18 1.75 -2.18
CA ASP A 92 23.10 1.00 -3.04
C ASP A 92 24.21 1.89 -3.55
N ASP A 93 23.85 3.06 -4.05
CA ASP A 93 24.85 4.01 -4.57
C ASP A 93 25.89 4.36 -3.52
N GLU A 94 25.47 4.48 -2.26
CA GLU A 94 26.33 4.92 -1.16
C GLU A 94 26.79 3.77 -0.27
N ASN A 95 26.47 2.53 -0.62
CA ASN A 95 26.86 1.36 0.16
C ASN A 95 26.46 1.49 1.63
N TRP A 96 25.22 1.93 1.86
CA TRP A 96 24.74 1.97 3.24
C TRP A 96 24.72 0.55 3.83
N PRO A 97 25.00 0.40 5.11
CA PRO A 97 24.84 -0.91 5.74
C PRO A 97 23.36 -1.23 5.91
N ARG A 98 23.03 -2.52 5.88
CA ARG A 98 21.63 -2.91 6.06
C ARG A 98 21.16 -2.68 7.49
N ARG A 99 22.05 -2.84 8.47
CA ARG A 99 21.72 -2.65 9.87
C ARG A 99 21.69 -1.15 10.14
N ARG A 100 20.49 -0.57 10.06
CA ARG A 100 20.29 0.86 10.27
C ARG A 100 18.89 1.10 10.82
N ARG A 101 18.77 2.13 11.67
CA ARG A 101 17.49 2.60 12.20
C ARG A 101 16.94 3.79 11.43
N LEU A 102 17.76 4.43 10.60
CA LEU A 102 17.31 5.61 9.88
C LEU A 102 16.17 5.29 8.92
N LEU A 103 15.27 6.25 8.76
CA LEU A 103 14.15 6.13 7.84
C LEU A 103 14.22 7.26 6.85
N THR A 104 13.68 7.03 5.65
CA THR A 104 13.75 7.96 4.53
C THR A 104 12.40 8.56 4.22
N THR A 105 12.36 9.88 4.05
CA THR A 105 11.15 10.61 3.70
C THR A 105 11.45 11.40 2.43
N ALA A 106 10.42 11.65 1.64
CA ALA A 106 10.60 12.31 0.36
C ALA A 106 10.29 13.79 0.49
N THR A 107 11.06 14.62 -0.23
CA THR A 107 10.86 16.06 -0.28
C THR A 107 10.54 16.46 -1.72
N MET A 108 9.63 17.43 -1.87
CA MET A 108 9.06 17.71 -3.18
C MET A 108 9.25 19.17 -3.61
N THR A 109 9.84 20.03 -2.78
CA THR A 109 10.03 21.42 -3.16
C THR A 109 11.51 21.82 -3.11
N GLY A 110 12.42 20.86 -3.13
CA GLY A 110 13.84 21.15 -3.20
C GLY A 110 14.52 20.83 -1.89
N THR A 111 15.81 20.45 -1.96
CA THR A 111 16.51 20.17 -0.72
C THR A 111 17.05 21.44 -0.06
N GLY A 112 16.98 22.59 -0.72
CA GLY A 112 17.23 23.85 -0.05
C GLY A 112 16.20 24.09 1.05
N PRO A 113 14.93 24.12 0.65
CA PRO A 113 13.85 24.16 1.64
C PRO A 113 13.90 23.03 2.64
N ALA A 114 14.29 21.82 2.20
CA ALA A 114 14.45 20.72 3.14
C ALA A 114 15.49 21.04 4.20
N MET A 115 16.67 21.54 3.81
CA MET A 115 17.63 21.80 4.88
C MET A 115 17.28 23.03 5.70
N TYR A 116 16.58 23.99 5.13
CA TYR A 116 16.04 25.07 5.95
C TYR A 116 15.14 24.50 7.05
N ASP A 117 14.22 23.60 6.69
CA ASP A 117 13.32 23.09 7.71
C ASP A 117 13.98 22.07 8.63
N LEU A 118 15.04 21.38 8.18
CA LEU A 118 15.78 20.51 9.10
C LEU A 118 16.55 21.33 10.13
N LEU A 119 17.09 22.50 9.74
CA LEU A 119 17.71 23.37 10.73
C LEU A 119 16.69 23.85 11.75
N ARG A 120 15.46 24.13 11.30
CA ARG A 120 14.40 24.47 12.26
C ARG A 120 14.05 23.28 13.14
N THR A 121 14.06 22.06 12.58
CA THR A 121 13.72 20.86 13.34
C THR A 121 14.75 20.62 14.45
N ILE A 122 16.03 20.69 14.11
CA ILE A 122 17.08 20.58 15.12
C ILE A 122 16.89 21.66 16.19
N LYS A 123 16.67 22.91 15.77
CA LYS A 123 16.52 24.00 16.73
C LYS A 123 15.37 23.73 17.69
N ALA A 124 14.28 23.15 17.19
CA ALA A 124 13.13 22.87 18.04
C ALA A 124 13.43 21.78 19.07
N ARG A 125 14.33 20.87 18.75
CA ARG A 125 14.66 19.74 19.62
C ARG A 125 15.71 20.07 20.65
N GLU A 126 16.41 21.13 20.48
CA GLU A 126 17.54 21.45 21.31
C GLU A 126 17.15 22.55 22.29
N PRO A 127 17.83 22.65 23.43
CA PRO A 127 17.55 23.74 24.37
C PRO A 127 17.79 25.09 23.73
N GLU A 128 16.99 26.07 24.10
CA GLU A 128 17.19 27.40 23.54
C GLU A 128 18.53 27.94 24.02
N GLY A 129 19.27 28.55 23.10
CA GLY A 129 20.59 29.07 23.40
C GLY A 129 21.28 29.55 22.13
N PRO A 130 22.47 30.13 22.26
CA PRO A 130 23.19 30.60 21.07
C PRO A 130 23.83 29.44 20.32
N MET A 131 23.59 29.40 19.01
CA MET A 131 23.70 28.23 18.15
C MET A 131 24.58 28.58 16.96
N ALA A 132 25.63 27.80 16.69
CA ALA A 132 26.41 27.95 15.46
C ALA A 132 26.13 26.78 14.54
N ALA A 133 26.09 27.05 13.24
CA ALA A 133 26.09 26.01 12.23
C ALA A 133 27.44 26.05 11.53
N LEU A 134 28.16 24.93 11.55
CA LEU A 134 29.50 24.90 10.96
C LEU A 134 29.37 24.45 9.52
N VAL A 135 29.76 25.31 8.58
CA VAL A 135 29.46 25.10 7.16
C VAL A 135 30.73 25.19 6.34
N PRO A 136 30.85 24.46 5.24
CA PRO A 136 32.07 24.59 4.41
C PRO A 136 32.19 25.96 3.76
N ARG A 137 33.43 26.47 3.69
CA ARG A 137 33.68 27.75 3.05
C ARG A 137 34.91 27.66 2.16
N PRO A 138 34.77 27.74 0.83
CA PRO A 138 33.54 27.95 0.09
C PRO A 138 32.57 26.76 0.21
N GLY A 139 31.31 26.98 -0.15
CA GLY A 139 30.36 25.90 -0.12
C GLY A 139 29.06 26.33 -0.77
N TRP A 140 28.06 25.46 -0.66
CA TRP A 140 26.72 25.79 -1.15
C TRP A 140 26.03 26.73 -0.16
N ASP A 141 24.70 26.84 -0.25
CA ASP A 141 23.96 27.94 0.38
C ASP A 141 23.58 27.68 1.84
N TYR A 142 24.24 26.73 2.51
CA TYR A 142 23.84 26.41 3.88
C TYR A 142 23.85 27.63 4.79
N ARG A 143 24.85 28.50 4.62
CA ARG A 143 24.95 29.68 5.49
C ARG A 143 23.73 30.58 5.37
N LEU A 144 23.05 30.58 4.22
CA LEU A 144 21.89 31.43 4.08
C LEU A 144 20.73 30.88 4.90
N PHE A 145 20.49 29.58 4.83
CA PHE A 145 19.42 28.98 5.63
C PHE A 145 19.74 29.12 7.11
N ALA A 146 21.00 28.88 7.49
CA ALA A 146 21.37 28.94 8.89
C ALA A 146 21.06 30.31 9.47
N HIS A 147 21.51 31.36 8.78
CA HIS A 147 21.26 32.70 9.27
C HIS A 147 19.77 32.98 9.43
N ASP A 148 18.96 32.61 8.43
CA ASP A 148 17.55 32.97 8.50
C ASP A 148 16.78 32.18 9.56
N VAL A 149 17.32 31.05 10.01
CA VAL A 149 16.67 30.22 11.03
C VAL A 149 17.17 30.51 12.45
N GLY A 150 18.30 31.20 12.60
CA GLY A 150 18.69 31.68 13.90
C GLY A 150 20.01 31.12 14.40
N TYR A 151 20.77 30.50 13.51
CA TYR A 151 22.14 30.06 13.79
C TYR A 151 23.12 31.10 13.27
N GLU A 152 24.24 31.26 13.96
CA GLU A 152 25.36 31.94 13.32
C GLU A 152 26.14 30.96 12.46
N PRO A 153 26.28 31.20 11.15
CA PRO A 153 27.07 30.27 10.33
C PRO A 153 28.53 30.56 10.53
N ILE A 154 29.30 29.50 10.77
CA ILE A 154 30.74 29.58 10.98
C ILE A 154 31.40 28.75 9.92
N GLY A 155 32.22 29.37 9.09
CA GLY A 155 32.84 28.65 7.99
C GLY A 155 34.05 27.87 8.44
N TYR A 156 34.19 26.67 7.91
CA TYR A 156 35.42 25.92 8.06
C TYR A 156 36.12 25.86 6.71
N HIS A 157 37.43 26.05 6.74
CA HIS A 157 38.19 26.24 5.51
C HIS A 157 38.17 25.01 4.62
N VAL A 158 37.86 25.20 3.36
CA VAL A 158 37.91 24.15 2.35
C VAL A 158 38.90 24.58 1.27
N PRO A 159 40.07 23.94 1.19
CA PRO A 159 41.04 24.33 0.16
C PRO A 159 40.57 23.90 -1.23
N PHE A 160 40.69 24.80 -2.20
CA PHE A 160 40.26 24.47 -3.55
C PHE A 160 41.39 23.90 -4.41
N THR A 161 42.63 24.05 -3.97
CA THR A 161 43.77 23.63 -4.76
C THR A 161 44.10 22.17 -4.57
N SER A 162 43.57 21.57 -3.52
CA SER A 162 43.78 20.18 -3.16
C SER A 162 42.58 19.35 -3.61
N PRO A 163 42.78 18.21 -4.25
CA PRO A 163 41.64 17.34 -4.56
C PRO A 163 41.00 16.69 -3.34
N THR A 164 41.59 16.79 -2.15
CA THR A 164 41.22 15.97 -1.01
C THR A 164 40.51 16.71 0.12
N GLY A 165 40.30 18.02 0.00
CA GLY A 165 39.40 18.68 0.91
C GLY A 165 40.05 19.16 2.19
N PRO A 166 39.25 19.49 3.18
CA PRO A 166 39.79 20.00 4.44
C PRO A 166 40.58 18.93 5.17
N GLU A 167 41.48 19.39 6.05
CA GLU A 167 42.12 18.54 7.04
C GLU A 167 41.44 18.70 8.40
N PRO A 168 41.66 17.77 9.34
CA PRO A 168 41.05 17.93 10.67
C PRO A 168 41.29 19.27 11.31
N GLY A 169 42.49 19.83 11.15
CA GLY A 169 42.79 21.13 11.75
C GLY A 169 41.91 22.25 11.23
N ASP A 170 41.42 22.13 9.99
CA ASP A 170 40.49 23.12 9.46
C ASP A 170 39.17 23.10 10.22
N LEU A 171 38.71 21.92 10.60
CA LEU A 171 37.52 21.84 11.44
C LEU A 171 37.80 22.35 12.84
N ASP A 172 38.97 22.01 13.40
CA ASP A 172 39.32 22.46 14.74
C ASP A 172 39.29 23.96 14.84
N ARG A 173 39.80 24.65 13.82
CA ARG A 173 39.84 26.11 13.85
C ARG A 173 38.44 26.68 13.86
N ALA A 174 37.49 26.04 13.16
CA ALA A 174 36.12 26.53 13.18
C ALA A 174 35.49 26.33 14.55
N VAL A 175 35.74 25.18 15.17
CA VAL A 175 35.23 24.94 16.52
C VAL A 175 35.83 25.96 17.50
N GLU A 176 37.11 26.30 17.31
CA GLU A 176 37.76 27.25 18.20
C GLU A 176 37.18 28.65 18.04
N GLN A 177 36.88 29.05 16.80
CA GLN A 177 36.23 30.33 16.57
C GLN A 177 34.81 30.35 17.09
N THR A 178 34.12 29.21 17.06
CA THR A 178 32.78 29.12 17.66
C THR A 178 32.83 29.36 19.16
N ARG A 179 33.81 28.75 19.84
CA ARG A 179 33.96 28.96 21.28
C ARG A 179 34.38 30.39 21.59
N ALA A 180 35.28 30.96 20.79
CA ALA A 180 35.68 32.35 20.98
C ALA A 180 34.50 33.32 20.85
N LYS A 181 33.47 32.96 20.09
CA LYS A 181 32.31 33.82 19.95
C LYS A 181 31.21 33.52 20.96
N GLY A 182 31.41 32.54 21.84
CA GLY A 182 30.42 32.26 22.87
C GLY A 182 29.25 31.44 22.41
N LEU A 183 29.42 30.64 21.35
CA LEU A 183 28.35 29.93 20.68
C LEU A 183 28.50 28.44 20.90
N ARG A 184 27.40 27.74 20.87
CA ARG A 184 27.56 26.28 20.91
C ARG A 184 27.64 25.76 19.49
N PRO A 185 28.65 24.92 19.16
CA PRO A 185 28.64 24.24 17.86
C PRO A 185 27.52 23.22 17.79
N THR A 186 26.46 23.49 17.02
CA THR A 186 25.22 22.74 17.13
C THR A 186 24.99 21.79 15.97
N VAL A 187 25.28 22.23 14.76
CA VAL A 187 25.20 21.36 13.59
C VAL A 187 26.45 21.58 12.75
N LEU A 188 26.97 20.49 12.18
CA LEU A 188 28.08 20.47 11.23
C LEU A 188 27.53 19.99 9.90
N VAL A 189 27.61 20.84 8.87
CA VAL A 189 27.24 20.44 7.51
C VAL A 189 28.46 19.88 6.80
N LEU A 190 28.33 18.68 6.26
CA LEU A 190 29.38 18.08 5.44
C LEU A 190 28.89 17.96 4.00
N ASN A 191 29.82 18.15 3.06
CA ASN A 191 29.51 18.03 1.63
C ASN A 191 30.73 17.45 0.93
N PRO A 192 31.02 16.15 1.16
CA PRO A 192 32.32 15.59 0.74
C PRO A 192 32.52 15.49 -0.75
N GLN A 193 31.46 15.40 -1.57
CA GLN A 193 31.61 15.62 -3.01
C GLN A 193 31.21 17.08 -3.24
N HIS A 194 32.22 17.95 -3.17
CA HIS A 194 32.06 19.33 -2.74
C HIS A 194 31.62 20.30 -3.82
N TYR A 195 30.51 20.97 -3.59
CA TYR A 195 30.09 22.12 -4.38
C TYR A 195 30.91 23.32 -3.92
N ALA A 196 31.70 23.94 -4.81
CA ALA A 196 31.92 23.52 -6.19
C ALA A 196 33.41 23.61 -6.49
N THR A 197 34.23 22.94 -5.72
CA THR A 197 35.66 22.84 -5.99
C THR A 197 36.04 21.59 -6.77
N GLY A 198 35.15 20.60 -6.82
CA GLY A 198 35.53 19.31 -7.35
C GLY A 198 36.16 18.37 -6.33
N GLY A 199 36.24 18.76 -5.07
CA GLY A 199 36.86 17.89 -4.09
C GLY A 199 36.08 16.63 -3.83
N ASN A 200 36.81 15.60 -3.40
CA ASN A 200 36.24 14.36 -2.86
C ASN A 200 36.98 14.20 -1.54
N TRP A 201 36.32 14.57 -0.45
CA TRP A 201 37.00 14.65 0.84
C TRP A 201 37.41 13.26 1.29
N THR A 202 38.42 13.20 2.18
CA THR A 202 39.03 11.92 2.57
C THR A 202 38.18 11.19 3.59
N PRO A 203 38.13 9.85 3.54
CA PRO A 203 37.55 9.09 4.66
C PRO A 203 38.14 9.48 6.00
N GLU A 204 39.43 9.86 6.03
CA GLU A 204 40.11 10.31 7.24
C GLU A 204 39.44 11.54 7.84
N PHE A 205 39.19 12.54 7.01
CA PHE A 205 38.57 13.75 7.52
C PHE A 205 37.12 13.51 7.92
N VAL A 206 36.37 12.75 7.12
CA VAL A 206 34.96 12.53 7.45
C VAL A 206 34.85 11.76 8.76
N ARG A 207 35.69 10.73 8.96
CA ARG A 207 35.71 10.03 10.24
C ARG A 207 36.06 10.95 11.38
N TYR A 208 37.07 11.83 11.18
CA TYR A 208 37.40 12.82 12.20
C TYR A 208 36.22 13.71 12.50
N ALA A 209 35.55 14.24 11.47
CA ALA A 209 34.42 15.12 11.69
C ALA A 209 33.32 14.42 12.47
N LEU A 210 33.04 13.15 12.15
CA LEU A 210 31.96 12.43 12.81
C LEU A 210 32.28 12.19 14.27
N SER A 211 33.53 11.87 14.58
CA SER A 211 33.92 11.62 15.97
C SER A 211 33.91 12.91 16.76
N LEU A 212 34.36 14.01 16.16
CA LEU A 212 34.36 15.30 16.84
C LEU A 212 32.93 15.74 17.12
N ALA A 213 32.03 15.56 16.15
CA ALA A 213 30.64 15.91 16.37
C ALA A 213 30.03 15.10 17.51
N ASP A 214 30.37 13.81 17.58
CA ASP A 214 29.85 12.98 18.66
C ASP A 214 30.35 13.49 20.01
N THR A 215 31.66 13.77 20.09
CA THR A 215 32.23 14.34 21.32
C THR A 215 31.54 15.64 21.72
N LEU A 216 31.24 16.51 20.76
CA LEU A 216 30.61 17.79 21.09
C LEU A 216 29.09 17.71 21.16
N GLY A 217 28.51 16.55 20.89
CA GLY A 217 27.06 16.44 20.83
C GLY A 217 26.42 17.25 19.71
N MET A 218 27.14 17.45 18.60
CA MET A 218 26.57 18.18 17.47
C MET A 218 25.84 17.24 16.52
N TRP A 219 24.87 17.80 15.80
CA TRP A 219 24.27 17.11 14.66
C TRP A 219 25.19 17.17 13.44
N VAL A 220 25.08 16.16 12.59
CA VAL A 220 25.79 16.10 11.32
C VAL A 220 24.75 15.99 10.21
N LEU A 221 24.75 16.98 9.31
CA LEU A 221 23.89 17.02 8.14
C LEU A 221 24.81 16.80 6.96
N VAL A 222 24.68 15.68 6.25
CA VAL A 222 25.53 15.43 5.10
C VAL A 222 24.67 15.60 3.85
N ASP A 223 25.11 16.49 2.99
CA ASP A 223 24.49 16.77 1.71
C ASP A 223 25.25 15.96 0.67
N ASN A 224 24.58 15.01 0.04
CA ASN A 224 25.24 14.11 -0.90
C ASN A 224 24.77 14.32 -2.34
N ALA A 225 24.40 15.56 -2.68
CA ALA A 225 23.91 15.88 -4.02
C ALA A 225 24.78 15.30 -5.14
N TYR A 226 26.09 15.42 -5.02
CA TYR A 226 26.96 14.97 -6.10
C TYR A 226 27.62 13.63 -5.83
N HIS A 227 27.17 12.86 -4.81
CA HIS A 227 27.90 11.63 -4.46
C HIS A 227 27.98 10.67 -5.64
N GLY A 228 26.91 10.56 -6.43
CA GLY A 228 26.84 9.67 -7.57
C GLY A 228 27.38 10.24 -8.87
N MET A 229 28.04 11.39 -8.82
CA MET A 229 28.45 12.06 -10.05
C MET A 229 29.93 12.40 -10.03
N THR A 230 30.72 11.57 -9.36
CA THR A 230 32.16 11.77 -9.43
C THR A 230 32.64 11.23 -10.76
N ALA A 231 33.75 11.80 -11.25
CA ALA A 231 34.31 11.31 -12.50
C ALA A 231 34.60 9.81 -12.41
N ALA A 232 34.39 9.11 -13.51
CA ALA A 232 34.62 7.67 -13.52
C ALA A 232 36.03 7.36 -13.07
N GLY A 233 36.18 6.29 -12.27
CA GLY A 233 37.45 5.96 -11.67
C GLY A 233 37.69 6.58 -10.29
N THR A 234 36.87 7.55 -9.90
CA THR A 234 36.96 8.14 -8.57
C THR A 234 36.15 7.28 -7.60
N GLN A 235 36.63 7.20 -6.36
CA GLN A 235 35.89 6.48 -5.32
C GLN A 235 35.27 7.49 -4.36
N PRO A 236 33.98 7.75 -4.44
CA PRO A 236 33.39 8.77 -3.58
C PRO A 236 33.35 8.31 -2.13
N THR A 237 33.71 9.22 -1.23
CA THR A 237 33.60 8.93 0.19
C THR A 237 32.14 8.96 0.63
N SER A 238 31.70 7.89 1.30
CA SER A 238 30.33 7.74 1.75
C SER A 238 30.22 8.04 3.25
N THR A 239 29.64 9.20 3.60
CA THR A 239 29.56 9.59 5.00
C THR A 239 28.65 8.66 5.80
N VAL A 240 27.54 8.22 5.21
CA VAL A 240 26.59 7.35 5.91
C VAL A 240 27.23 6.02 6.25
N ARG A 241 27.99 5.46 5.31
CA ARG A 241 28.73 4.23 5.61
C ARG A 241 29.72 4.45 6.75
N LEU A 242 30.57 5.48 6.64
CA LEU A 242 31.55 5.72 7.71
C LEU A 242 30.87 5.99 9.05
N ALA A 243 29.73 6.69 9.04
CA ALA A 243 29.10 7.07 10.29
C ALA A 243 28.51 5.87 11.00
N LEU A 244 27.73 5.07 10.27
CA LEU A 244 27.08 3.92 10.89
C LEU A 244 28.09 2.86 11.28
N ASP A 245 29.09 2.60 10.43
CA ASP A 245 30.15 1.68 10.84
C ASP A 245 30.89 2.17 12.07
N GLY A 246 30.95 3.48 12.27
CA GLY A 246 31.54 4.04 13.47
C GLY A 246 30.56 4.22 14.61
N GLY A 247 29.31 3.83 14.41
CA GLY A 247 28.33 3.92 15.48
C GLY A 247 27.76 5.30 15.73
N PHE A 248 27.89 6.21 14.78
CA PHE A 248 27.29 7.54 14.90
C PHE A 248 26.04 7.52 14.01
N GLU A 249 24.87 7.46 14.64
CA GLU A 249 23.62 7.38 13.89
C GLU A 249 22.54 8.31 14.42
N GLU A 250 22.44 8.49 15.74
CA GLU A 250 21.27 9.16 16.30
C GLU A 250 21.13 10.59 15.82
N ARG A 251 22.24 11.30 15.64
CA ARG A 251 22.19 12.70 15.20
C ARG A 251 22.69 12.87 13.77
N LEU A 252 22.62 11.82 12.96
CA LEU A 252 22.97 11.90 11.55
C LEU A 252 21.73 12.21 10.72
N ILE A 253 21.87 13.14 9.77
CA ILE A 253 20.80 13.46 8.80
C ILE A 253 21.43 13.45 7.42
N HIS A 254 20.88 12.64 6.53
CA HIS A 254 21.35 12.57 5.15
C HIS A 254 20.32 13.24 4.25
N VAL A 255 20.80 14.09 3.34
CA VAL A 255 19.95 14.81 2.39
C VAL A 255 20.54 14.63 1.01
N ARG A 256 19.70 14.36 0.02
CA ARG A 256 20.25 14.21 -1.32
C ARG A 256 19.16 14.45 -2.34
N THR A 257 19.42 15.38 -3.26
CA THR A 257 18.48 15.66 -4.34
C THR A 257 18.59 14.62 -5.44
N LEU A 258 17.45 14.28 -6.03
CA LEU A 258 17.50 13.48 -7.25
C LEU A 258 17.80 14.32 -8.48
N GLY A 259 17.60 15.63 -8.38
CA GLY A 259 17.75 16.52 -9.54
C GLY A 259 19.14 16.58 -10.12
N GLN A 261 21.34 14.34 -9.84
CA GLN A 261 21.66 12.97 -10.28
C GLN A 261 21.11 12.67 -11.68
N PHE A 262 19.93 13.21 -11.97
CA PHE A 262 19.23 12.80 -13.18
C PHE A 262 18.85 13.99 -14.05
N ALA A 263 19.66 15.05 -14.02
CA ALA A 263 19.52 16.18 -14.97
C ALA A 263 18.10 16.75 -14.97
N CYS A 264 17.51 16.92 -13.79
CA CYS A 264 16.12 17.32 -13.67
C CYS A 264 15.93 18.16 -12.40
N ASN A 265 16.80 19.16 -12.23
CA ASN A 265 16.73 20.04 -11.07
C ASN A 265 15.35 20.61 -10.85
N GLY A 266 14.66 21.01 -11.92
CA GLY A 266 13.32 21.59 -11.73
C GLY A 266 12.28 20.61 -11.20
N TRP A 267 12.55 19.32 -11.23
CA TRP A 267 11.56 18.38 -10.68
C TRP A 267 11.47 18.49 -9.16
N ALA A 268 12.56 18.93 -8.51
CA ALA A 268 12.56 19.22 -7.08
C ALA A 268 12.21 18.02 -6.19
N VAL A 269 12.55 16.80 -6.61
CA VAL A 269 12.37 15.62 -5.75
C VAL A 269 13.71 15.26 -5.11
N GLY A 270 13.67 14.98 -3.81
CA GLY A 270 14.85 14.58 -3.09
C GLY A 270 14.45 13.79 -1.87
N SER A 271 15.43 13.53 -1.02
CA SER A 271 15.18 12.64 0.12
C SER A 271 15.90 13.15 1.36
N VAL A 272 15.33 12.82 2.50
CA VAL A 272 15.88 13.13 3.81
C VAL A 272 15.83 11.84 4.62
N THR A 273 16.96 11.46 5.21
CA THR A 273 17.06 10.18 5.92
C THR A 273 17.66 10.46 7.28
N ALA A 274 16.97 10.06 8.33
CA ALA A 274 17.35 10.40 9.71
C ALA A 274 16.58 9.49 10.66
N MET A 275 16.82 9.66 11.96
CA MET A 275 16.11 8.80 12.91
C MET A 275 14.59 9.00 12.83
N PRO A 276 13.81 7.99 13.23
CA PRO A 276 12.35 8.08 13.06
C PRO A 276 11.72 9.30 13.70
N ASP A 277 12.12 9.65 14.93
CA ASP A 277 11.52 10.81 15.58
C ASP A 277 11.83 12.10 14.84
N VAL A 278 13.03 12.17 14.24
CA VAL A 278 13.45 13.37 13.52
C VAL A 278 12.66 13.52 12.23
N ILE A 279 12.54 12.47 11.43
CA ILE A 279 11.78 12.65 10.18
C ILE A 279 10.31 12.89 10.50
N ASP A 280 9.80 12.36 11.62
CA ASP A 280 8.42 12.62 12.00
C ASP A 280 8.20 14.10 12.34
N GLU A 281 9.08 14.68 13.16
CA GLU A 281 8.96 16.11 13.45
C GLU A 281 9.16 16.93 12.19
N PHE A 282 10.14 16.56 11.38
CA PHE A 282 10.45 17.31 10.16
C PHE A 282 9.24 17.38 9.24
N ALA A 283 8.59 16.25 8.99
CA ALA A 283 7.54 16.15 7.98
C ALA A 283 6.21 16.72 8.46
N HIS A 284 5.96 16.72 9.76
CA HIS A 284 4.66 17.12 10.27
C HIS A 284 4.66 18.51 10.90
N ARG A 285 5.74 18.87 11.60
CA ARG A 285 5.77 20.14 12.30
C ARG A 285 6.24 21.28 11.41
N TRP A 286 7.33 21.06 10.66
CA TRP A 286 7.98 22.16 9.95
C TRP A 286 7.70 22.12 8.46
N TYR A 292 -0.77 19.53 2.87
CA TYR A 292 -0.32 18.25 2.32
C TYR A 292 0.72 18.51 1.23
N PRO A 293 1.67 17.60 1.09
CA PRO A 293 2.59 17.71 -0.06
C PRO A 293 1.84 17.43 -1.35
N GLY A 294 2.54 17.58 -2.47
CA GLY A 294 1.92 17.39 -3.77
C GLY A 294 2.86 16.68 -4.72
N HIS A 295 2.77 17.03 -6.00
CA HIS A 295 3.66 16.54 -7.05
C HIS A 295 3.74 15.02 -7.08
N ALA A 296 2.57 14.39 -7.03
CA ALA A 296 2.56 12.94 -7.18
C ALA A 296 3.00 12.52 -8.57
N ARG A 297 2.83 13.37 -9.59
CA ARG A 297 3.27 12.99 -10.92
C ARG A 297 4.78 12.79 -10.96
N GLU A 298 5.54 13.71 -10.34
CA GLU A 298 6.99 13.54 -10.25
C GLU A 298 7.35 12.35 -9.39
N GLN A 299 6.61 12.14 -8.30
CA GLN A 299 6.94 11.04 -7.40
C GLN A 299 6.69 9.71 -8.08
N ALA A 300 5.54 9.56 -8.76
CA ALA A 300 5.23 8.32 -9.47
C ALA A 300 6.22 8.05 -10.60
N ALA A 301 6.60 9.10 -11.33
CA ALA A 301 7.53 8.92 -12.46
C ALA A 301 8.91 8.51 -11.99
N PHE A 302 9.41 9.13 -10.92
CA PHE A 302 10.69 8.74 -10.36
C PHE A 302 10.67 7.31 -9.83
N ALA A 303 9.58 6.90 -9.19
CA ALA A 303 9.56 5.53 -8.66
C ALA A 303 9.72 4.51 -9.78
N GLY A 304 9.01 4.70 -10.89
CA GLY A 304 9.19 3.82 -12.02
C GLY A 304 10.60 3.87 -12.58
N TRP A 305 11.17 5.07 -12.68
CA TRP A 305 12.51 5.22 -13.23
C TRP A 305 13.56 4.56 -12.34
N LEU A 306 13.52 4.85 -11.04
CA LEU A 306 14.54 4.33 -10.14
C LEU A 306 14.46 2.81 -10.00
N ASN A 307 13.28 2.22 -10.19
CA ASN A 307 13.14 0.76 -10.16
C ASN A 307 13.56 0.10 -11.46
N ASN A 308 13.82 0.90 -12.49
CA ASN A 308 14.27 0.43 -13.80
C ASN A 308 15.79 0.38 -13.81
N PRO A 309 16.41 -0.77 -14.13
CA PRO A 309 17.88 -0.83 -14.17
C PRO A 309 18.50 0.14 -15.16
N GLU A 310 17.72 0.69 -16.10
CA GLU A 310 18.27 1.69 -17.02
C GLU A 310 18.75 2.92 -16.27
N SER A 311 18.16 3.20 -15.11
CA SER A 311 18.57 4.40 -14.38
C SER A 311 20.00 4.24 -13.87
N ARG A 312 20.33 3.05 -13.36
CA ARG A 312 21.69 2.75 -12.92
C ARG A 312 22.67 2.76 -14.09
N LYS A 313 22.26 2.23 -15.24
CA LYS A 313 23.12 2.24 -16.44
C LYS A 313 23.38 3.68 -16.88
N TRP A 314 22.32 4.49 -16.95
CA TRP A 314 22.46 5.88 -17.36
C TRP A 314 23.38 6.65 -16.42
N ALA A 315 23.26 6.44 -15.12
CA ALA A 315 24.12 7.12 -14.17
C ALA A 315 25.57 6.69 -14.34
N ASP A 316 25.82 5.40 -14.56
CA ASP A 316 27.17 4.91 -14.82
C ASP A 316 27.75 5.57 -16.05
N GLU A 317 26.99 5.59 -17.15
CA GLU A 317 27.47 6.24 -18.38
C GLU A 317 27.74 7.72 -18.16
N ARG A 318 26.96 8.38 -17.30
N ARG A 318 26.95 8.36 -17.29
CA ARG A 318 27.14 9.81 -17.08
CA ARG A 318 27.15 9.79 -17.07
C ARG A 318 28.44 10.11 -16.32
C ARG A 318 28.46 10.08 -16.35
N ARG A 319 28.87 9.18 -15.44
CA ARG A 319 30.17 9.36 -14.79
C ARG A 319 31.31 9.30 -15.80
N GLU A 320 31.17 8.48 -16.84
CA GLU A 320 32.19 8.41 -17.88
C GLU A 320 32.21 9.68 -18.73
N ALA A 321 31.02 10.21 -19.04
CA ALA A 321 30.93 11.47 -19.75
C ALA A 321 31.54 12.62 -18.94
N ILE A 322 31.34 12.62 -17.62
CA ILE A 322 31.95 13.68 -16.81
C ILE A 322 33.46 13.63 -16.93
N ARG A 323 34.03 12.42 -16.92
CA ARG A 323 35.48 12.26 -17.07
C ARG A 323 35.97 12.77 -18.41
N SER A 324 35.34 12.32 -19.49
CA SER A 324 35.81 12.72 -20.80
C SER A 324 35.53 14.19 -21.08
N ASN A 325 34.42 14.73 -20.55
CA ASN A 325 34.12 16.15 -20.73
C ASN A 325 35.19 17.01 -20.08
N GLY A 326 35.56 16.68 -18.85
CA GLY A 326 36.63 17.41 -18.18
C GLY A 326 37.95 17.38 -18.95
N ASP A 327 38.33 16.19 -19.44
CA ASP A 327 39.53 16.05 -20.25
C ASP A 327 39.48 16.94 -21.48
N ALA A 328 38.34 16.93 -22.17
CA ALA A 328 38.23 17.77 -23.37
C ALA A 328 38.34 19.25 -23.02
N LEU A 329 37.72 19.68 -21.91
CA LEU A 329 37.80 21.09 -21.52
C LEU A 329 39.22 21.48 -21.14
N LEU A 330 39.90 20.62 -20.38
CA LEU A 330 41.29 20.92 -20.01
C LEU A 330 42.16 21.10 -21.24
N ASP A 331 42.00 20.24 -22.25
CA ASP A 331 42.83 20.35 -23.45
C ASP A 331 42.58 21.67 -24.17
N ALA A 332 41.30 22.07 -24.25
CA ALA A 332 40.96 23.32 -24.91
C ALA A 332 41.51 24.51 -24.15
N LEU A 333 41.33 24.53 -22.83
CA LEU A 333 41.89 25.62 -22.02
C LEU A 333 43.40 25.73 -22.21
N ALA A 334 44.08 24.60 -22.40
CA ALA A 334 45.52 24.64 -22.62
C ALA A 334 45.86 25.31 -23.95
N GLU A 335 44.97 25.20 -24.95
CA GLU A 335 45.25 25.80 -26.26
C GLU A 335 45.02 27.31 -26.27
N VAL A 336 44.14 27.82 -25.41
CA VAL A 336 43.70 29.20 -25.50
C VAL A 336 44.18 30.04 -24.33
N SER A 337 44.84 29.44 -23.34
CA SER A 337 45.13 30.13 -22.10
C SER A 337 46.34 29.49 -21.44
N ASN A 338 46.93 30.24 -20.51
CA ASN A 338 48.01 29.73 -19.70
C ASN A 338 47.80 30.13 -18.24
N THR A 339 46.67 29.74 -17.67
CA THR A 339 46.46 29.93 -16.24
C THR A 339 46.32 28.57 -15.56
N THR A 340 46.41 28.59 -14.24
CA THR A 340 46.27 27.37 -13.45
C THR A 340 44.88 26.78 -13.62
N ARG A 341 44.80 25.45 -13.73
CA ARG A 341 43.53 24.72 -13.88
C ARG A 341 43.45 23.55 -12.91
N HIS A 342 42.24 23.32 -12.36
CA HIS A 342 41.98 22.14 -11.54
C HIS A 342 40.80 21.34 -12.10
N CYS A 343 40.92 20.01 -12.02
CA CYS A 343 39.82 19.10 -12.32
C CYS A 343 39.93 17.92 -11.35
N HIS A 344 39.43 18.11 -10.13
CA HIS A 344 39.71 17.16 -9.06
C HIS A 344 38.87 15.88 -9.16
N GLY A 345 37.76 15.90 -9.89
CA GLY A 345 36.97 14.70 -10.15
C GLY A 345 35.98 14.30 -9.07
N GLY A 346 35.87 15.07 -7.98
CA GLY A 346 35.01 14.67 -6.89
C GLY A 346 33.61 15.21 -6.98
N SER A 347 33.46 16.38 -7.56
CA SER A 347 32.17 16.89 -7.99
C SER A 347 32.41 17.43 -9.39
N PRO A 348 31.38 17.56 -10.20
CA PRO A 348 31.62 17.73 -11.65
C PRO A 348 31.89 19.17 -12.08
N PHE A 349 33.01 19.72 -11.61
CA PHE A 349 33.40 21.09 -11.90
C PHE A 349 34.88 21.16 -12.26
N VAL A 350 35.20 22.03 -13.21
CA VAL A 350 36.57 22.41 -13.51
C VAL A 350 36.77 23.83 -13.01
N LEU A 351 37.94 24.11 -12.46
CA LEU A 351 38.27 25.45 -12.00
C LEU A 351 39.44 25.96 -12.84
N PHE A 352 39.42 27.25 -13.20
CA PHE A 352 40.64 27.82 -13.77
C PHE A 352 40.77 29.29 -13.40
N GLU A 353 42.01 29.76 -13.33
CA GLU A 353 42.25 31.10 -12.85
C GLU A 353 42.06 32.13 -13.97
N VAL A 354 41.55 33.29 -13.58
CA VAL A 354 41.30 34.36 -14.56
C VAL A 354 42.64 34.95 -15.02
N PRO A 355 42.83 35.20 -16.30
CA PRO A 355 44.09 35.82 -16.76
C PRO A 355 44.39 37.09 -16.00
N GLY A 356 45.68 37.38 -15.83
CA GLY A 356 46.08 38.57 -15.09
C GLY A 356 45.51 39.85 -15.68
N GLY A 357 45.22 40.80 -14.81
CA GLY A 357 44.64 42.06 -15.24
C GLY A 357 43.16 42.04 -15.55
N TRP A 358 42.52 40.90 -15.41
CA TRP A 358 41.07 40.80 -15.51
C TRP A 358 40.53 40.41 -14.14
N SER A 359 39.31 40.85 -13.83
CA SER A 359 38.56 40.25 -12.74
C SER A 359 37.48 39.32 -13.30
N GLN A 360 36.97 38.43 -12.45
CA GLN A 360 36.23 37.29 -12.99
C GLN A 360 34.94 37.74 -13.70
N GLU A 361 34.25 38.75 -13.19
CA GLU A 361 32.99 39.14 -13.82
C GLU A 361 33.22 39.76 -15.20
N ASP A 362 34.12 40.74 -15.29
CA ASP A 362 34.45 41.31 -16.60
C ASP A 362 34.92 40.22 -17.57
N PHE A 363 35.74 39.29 -17.06
CA PHE A 363 36.24 38.19 -17.90
C PHE A 363 35.09 37.36 -18.46
N ARG A 364 34.16 36.94 -17.59
CA ARG A 364 33.08 36.08 -18.09
C ARG A 364 32.17 36.85 -19.02
N GLN A 365 31.89 38.12 -18.71
CA GLN A 365 31.06 38.94 -19.60
C GLN A 365 31.69 39.03 -20.99
N ARG A 366 32.98 39.33 -21.05
CA ARG A 366 33.64 39.48 -22.34
C ARG A 366 33.69 38.13 -23.06
N LEU A 367 34.04 37.07 -22.35
CA LEU A 367 34.07 35.75 -22.96
C LEU A 367 32.72 35.39 -23.57
N PHE A 368 31.64 35.66 -22.84
CA PHE A 368 30.30 35.29 -23.31
C PHE A 368 29.93 36.12 -24.54
N ALA A 369 30.30 37.39 -24.56
CA ALA A 369 30.06 38.22 -25.73
C ALA A 369 30.82 37.69 -26.95
N ASP A 370 32.07 37.26 -26.76
CA ASP A 370 32.90 36.86 -27.89
C ASP A 370 32.67 35.42 -28.34
N THR A 371 32.35 34.51 -27.43
CA THR A 371 32.26 33.09 -27.77
C THR A 371 30.87 32.48 -27.63
N GLY A 372 29.92 33.17 -26.99
CA GLY A 372 28.64 32.57 -26.68
C GLY A 372 28.66 31.60 -25.52
N VAL A 373 29.80 31.39 -24.87
CA VAL A 373 29.92 30.44 -23.79
C VAL A 373 29.82 31.19 -22.46
N LEU A 374 28.84 30.82 -21.62
CA LEU A 374 28.62 31.46 -20.33
C LEU A 374 29.18 30.57 -19.24
N LEU A 375 30.22 31.03 -18.56
CA LEU A 375 30.87 30.34 -17.45
C LEU A 375 30.52 31.04 -16.13
N ALA A 376 30.84 30.39 -15.00
CA ALA A 376 30.41 30.89 -13.69
C ALA A 376 31.60 31.37 -12.86
N SER A 377 31.34 32.33 -11.97
CA SER A 377 32.33 32.63 -10.94
C SER A 377 32.50 31.42 -10.04
N ALA A 378 33.75 31.11 -9.66
CA ALA A 378 33.97 29.98 -8.75
C ALA A 378 33.50 30.29 -7.34
N GLN A 379 33.36 31.59 -7.00
CA GLN A 379 32.80 32.04 -5.72
C GLN A 379 33.62 31.56 -4.53
N ILE A 380 34.94 31.55 -4.68
CA ILE A 380 35.86 31.18 -3.61
C ILE A 380 36.21 32.46 -2.85
N PRO A 381 35.80 32.61 -1.59
CA PRO A 381 35.92 33.93 -0.94
C PRO A 381 37.34 34.41 -0.76
N TYR A 382 38.28 33.51 -0.49
CA TYR A 382 39.68 33.90 -0.38
C TYR A 382 40.42 33.91 -1.71
N ALA A 383 39.70 33.71 -2.84
CA ALA A 383 40.36 33.69 -4.13
C ALA A 383 39.34 34.00 -5.21
N PRO A 384 38.91 35.27 -5.33
CA PRO A 384 37.70 35.58 -6.12
C PRO A 384 37.89 35.41 -7.61
N ASP A 385 39.10 35.49 -8.12
CA ASP A 385 39.25 35.61 -9.58
C ASP A 385 39.60 34.26 -10.18
N TRP A 386 38.67 33.34 -9.95
CA TRP A 386 38.66 32.01 -10.52
C TRP A 386 37.30 31.76 -11.14
N VAL A 387 37.29 30.89 -12.17
CA VAL A 387 36.09 30.57 -12.92
C VAL A 387 35.80 29.08 -12.74
N LYS A 388 34.52 28.71 -12.69
CA LYS A 388 34.16 27.30 -12.63
C LYS A 388 33.26 26.89 -13.80
N VAL A 389 33.42 25.64 -14.24
CA VAL A 389 32.73 25.10 -15.40
C VAL A 389 32.09 23.78 -15.02
N PHE A 390 30.78 23.65 -15.24
CA PHE A 390 30.07 22.43 -14.91
C PHE A 390 30.30 21.39 -16.00
N LEU A 391 30.51 20.13 -15.59
CA LEU A 391 30.85 19.05 -16.52
C LEU A 391 29.75 18.02 -16.73
N GLY A 392 28.65 18.07 -15.97
CA GLY A 392 27.67 17.01 -16.03
C GLY A 392 26.62 17.17 -17.13
N ARG A 393 27.06 17.30 -18.38
CA ARG A 393 26.16 17.42 -19.52
C ARG A 393 26.46 16.29 -20.50
N ARG A 394 25.48 15.98 -21.36
CA ARG A 394 25.71 15.05 -22.46
C ARG A 394 26.87 15.54 -23.32
N PRO A 395 27.78 14.67 -23.76
CA PRO A 395 28.90 15.18 -24.57
C PRO A 395 28.48 15.90 -25.83
N ASP A 396 27.39 15.48 -26.48
CA ASP A 396 26.99 16.15 -27.71
C ASP A 396 26.47 17.56 -27.47
N ARG A 397 26.22 17.92 -26.21
CA ARG A 397 25.86 19.29 -25.87
C ARG A 397 26.96 20.04 -25.15
N PHE A 398 27.94 19.33 -24.57
CA PHE A 398 29.07 19.98 -23.91
C PHE A 398 30.19 20.29 -24.89
N LEU A 399 30.51 19.34 -25.78
CA LEU A 399 31.64 19.53 -26.68
C LEU A 399 31.46 20.68 -27.69
N PRO A 400 30.26 21.01 -28.18
CA PRO A 400 30.14 22.23 -29.00
C PRO A 400 30.53 23.50 -28.26
N ALA A 401 30.31 23.54 -26.94
CA ALA A 401 30.75 24.70 -26.17
C ALA A 401 32.26 24.75 -26.08
N VAL A 402 32.89 23.60 -25.86
CA VAL A 402 34.35 23.50 -25.88
C VAL A 402 34.87 23.95 -27.24
N GLU A 403 34.18 23.56 -28.31
CA GLU A 403 34.60 23.96 -29.65
C GLU A 403 34.56 25.48 -29.80
N ALA A 404 33.47 26.11 -29.35
CA ALA A 404 33.37 27.56 -29.40
C ALA A 404 34.52 28.24 -28.65
N LEU A 405 34.83 27.75 -27.44
CA LEU A 405 35.99 28.28 -26.71
C LEU A 405 37.27 28.11 -27.52
N ARG A 406 37.44 26.94 -28.17
CA ARG A 406 38.70 26.67 -28.85
C ARG A 406 38.83 27.42 -30.16
N THR A 407 37.72 27.86 -30.76
CA THR A 407 37.77 28.40 -32.11
C THR A 407 37.34 29.85 -32.24
N ARG A 408 36.60 30.39 -31.28
CA ARG A 408 36.16 31.76 -31.37
C ARG A 408 37.11 32.65 -30.59
N PRO A 409 37.78 33.62 -31.21
CA PRO A 409 38.80 34.38 -30.48
C PRO A 409 38.19 35.33 -29.45
N SER A 410 38.94 35.60 -28.39
CA SER A 410 38.52 36.56 -27.38
C SER A 410 39.74 37.15 -26.69
N ARG A 411 39.75 38.47 -26.54
CA ARG A 411 40.80 39.11 -25.75
C ARG A 411 40.67 38.79 -24.27
N ALA A 412 39.57 38.16 -23.85
CA ALA A 412 39.46 37.75 -22.44
C ALA A 412 40.61 36.84 -22.05
N TRP A 413 41.14 36.07 -22.98
CA TRP A 413 42.20 35.14 -22.63
C TRP A 413 43.55 35.82 -22.46
N GLN A 414 43.69 37.04 -22.96
CA GLN A 414 44.98 37.70 -23.00
C GLN A 414 45.13 38.58 -21.77
N PRO A 415 46.18 38.38 -20.96
CA PRO A 415 46.34 39.20 -19.76
C PRO A 415 46.39 40.67 -20.11
N ARG A 416 45.91 41.50 -19.19
CA ARG A 416 46.03 42.94 -19.32
C ARG A 416 47.07 43.45 -18.30
N PRO B 27 -7.71 11.66 12.33
CA PRO B 27 -9.00 11.06 12.70
C PRO B 27 -9.80 10.61 11.47
N GLU B 28 -9.98 11.50 10.49
CA GLU B 28 -10.70 11.14 9.27
C GLU B 28 -9.91 10.12 8.46
N LEU B 29 -8.60 10.30 8.34
CA LEU B 29 -7.79 9.33 7.62
C LEU B 29 -7.81 7.98 8.29
N LYS B 30 -8.01 7.94 9.61
CA LYS B 30 -8.17 6.67 10.31
C LYS B 30 -9.47 5.98 9.93
N TRP B 31 -10.59 6.74 9.95
CA TRP B 31 -11.88 6.19 9.54
C TRP B 31 -11.80 5.62 8.14
N LEU B 32 -11.14 6.35 7.23
CA LEU B 32 -11.03 5.91 5.85
C LEU B 32 -10.33 4.56 5.75
N ALA B 33 -9.42 4.27 6.69
CA ALA B 33 -8.69 3.01 6.66
C ALA B 33 -9.51 1.86 7.20
N ASP B 34 -10.30 2.08 8.26
CA ASP B 34 -11.17 1.05 8.79
C ASP B 34 -12.45 0.85 7.97
N HIS B 35 -12.56 1.50 6.82
CA HIS B 35 -13.76 1.41 5.99
C HIS B 35 -13.82 0.05 5.28
N PRO B 36 -15.00 -0.57 5.21
CA PRO B 36 -15.08 -1.94 4.67
C PRO B 36 -14.88 -1.96 3.16
N GLU B 37 -14.03 -2.85 2.70
CA GLU B 37 -13.77 -2.96 1.27
C GLU B 37 -14.96 -3.61 0.58
N GLY B 38 -15.50 -2.93 -0.43
CA GLY B 38 -16.61 -3.47 -1.19
C GLY B 38 -17.79 -2.52 -1.31
N THR B 39 -17.72 -1.39 -0.62
CA THR B 39 -18.71 -0.33 -0.64
C THR B 39 -18.07 0.98 -1.07
N PRO B 40 -18.80 1.85 -1.78
CA PRO B 40 -18.20 3.11 -2.21
C PRO B 40 -17.89 4.02 -1.03
N ALA B 41 -16.74 4.69 -1.11
CA ALA B 41 -16.36 5.70 -0.14
C ALA B 41 -16.24 7.03 -0.88
N TYR B 42 -16.89 8.06 -0.36
CA TYR B 42 -16.84 9.39 -0.96
C TYR B 42 -16.18 10.33 0.04
N ALA B 43 -14.95 10.72 -0.25
CA ALA B 43 -14.20 11.60 0.64
C ALA B 43 -14.45 13.03 0.22
N LEU B 44 -15.43 13.66 0.88
CA LEU B 44 -15.83 15.05 0.63
C LEU B 44 -15.31 16.00 1.69
N HIS B 45 -14.44 15.52 2.57
CA HIS B 45 -14.02 16.31 3.74
C HIS B 45 -12.82 17.19 3.44
N LEU B 46 -12.28 17.12 2.22
CA LEU B 46 -11.13 17.93 1.84
C LEU B 46 -11.54 18.93 0.77
N ALA B 47 -10.79 20.03 0.69
CA ALA B 47 -10.99 20.97 -0.40
C ALA B 47 -10.18 20.51 -1.62
N ASP B 48 -10.48 19.28 -2.05
CA ASP B 48 -9.78 18.58 -3.12
C ASP B 48 -10.76 17.59 -3.71
N PRO B 49 -11.00 17.67 -5.02
CA PRO B 49 -12.00 16.77 -5.64
C PRO B 49 -11.53 15.34 -5.80
N LEU B 50 -10.24 15.03 -5.62
CA LEU B 50 -9.71 13.68 -5.81
C LEU B 50 -10.00 13.20 -7.23
N GLU B 51 -10.05 14.16 -8.15
CA GLU B 51 -10.25 14.00 -9.57
C GLU B 51 -8.94 14.17 -10.29
N GLY B 52 -8.85 13.62 -11.48
CA GLY B 52 -7.88 14.14 -12.43
C GLY B 52 -8.14 15.60 -12.72
N ALA B 53 -7.05 16.35 -12.94
CA ALA B 53 -7.13 17.73 -13.42
C ALA B 53 -7.83 17.76 -14.78
N PRO B 54 -8.28 18.95 -15.23
CA PRO B 54 -8.98 19.02 -16.53
C PRO B 54 -8.14 18.43 -17.63
N GLU B 55 -8.81 17.75 -18.55
CA GLU B 55 -8.09 16.99 -19.56
C GLU B 55 -7.18 17.87 -20.38
N GLY B 56 -7.63 19.09 -20.71
CA GLY B 56 -6.81 19.98 -21.51
C GLY B 56 -5.50 20.32 -20.83
N LEU B 57 -5.52 20.43 -19.49
CA LEU B 57 -4.30 20.73 -18.75
C LEU B 57 -3.35 19.55 -18.77
N ARG B 58 -3.85 18.34 -18.52
CA ARG B 58 -3.00 17.16 -18.59
C ARG B 58 -2.48 16.90 -20.00
N GLN B 59 -3.28 17.22 -21.02
CA GLN B 59 -2.81 17.09 -22.39
C GLN B 59 -1.61 18.00 -22.66
N CYS B 60 -1.67 19.23 -22.13
CA CYS B 60 -0.56 20.16 -22.28
C CYS B 60 0.71 19.61 -21.65
N LEU B 61 0.58 19.02 -20.46
CA LEU B 61 1.70 18.36 -19.81
C LEU B 61 2.24 17.20 -20.65
N ARG B 62 1.34 16.36 -21.18
CA ARG B 62 1.75 15.16 -21.89
C ARG B 62 2.47 15.52 -23.18
N GLU B 63 1.94 16.51 -23.90
CA GLU B 63 2.45 16.84 -25.23
C GLU B 63 3.82 17.50 -25.15
N ALA B 64 4.20 18.01 -23.99
CA ALA B 64 5.51 18.66 -23.87
C ALA B 64 6.57 17.73 -23.27
N TRP B 65 6.30 16.42 -23.22
CA TRP B 65 7.21 15.48 -22.56
C TRP B 65 8.58 15.47 -23.20
N ASP B 66 8.67 15.83 -24.48
CA ASP B 66 9.95 15.77 -25.18
C ASP B 66 10.57 17.15 -25.33
N GLU B 67 10.02 18.19 -24.60
CA GLU B 67 10.63 19.51 -24.61
C GLU B 67 11.60 19.61 -23.45
N PRO B 68 12.66 20.41 -23.55
CA PRO B 68 13.59 20.50 -22.41
C PRO B 68 13.09 21.45 -21.33
N LEU B 69 12.27 20.91 -20.42
CA LEU B 69 11.63 21.69 -19.36
C LEU B 69 11.97 21.14 -17.99
N ASP B 70 13.12 20.48 -17.87
CA ASP B 70 13.45 19.76 -16.64
C ASP B 70 14.34 20.56 -15.72
N SER B 71 14.83 21.71 -16.18
CA SER B 71 15.86 22.42 -15.45
C SER B 71 15.26 23.40 -14.44
N TYR B 72 16.14 24.02 -13.68
CA TYR B 72 15.75 25.20 -12.93
C TYR B 72 15.26 26.26 -13.92
N VAL B 73 14.38 27.12 -13.43
CA VAL B 73 14.03 28.35 -14.13
C VAL B 73 14.98 29.45 -13.64
N LEU B 74 15.51 30.25 -14.56
CA LEU B 74 16.55 31.21 -14.22
C LEU B 74 16.00 32.57 -13.79
N SER B 75 14.80 32.92 -14.25
CA SER B 75 14.15 34.12 -13.75
C SER B 75 13.66 33.88 -12.32
N HIS B 76 13.90 34.84 -11.41
CA HIS B 76 13.42 34.65 -10.05
C HIS B 76 11.90 34.83 -9.91
N HIS B 77 11.18 35.12 -10.98
CA HIS B 77 9.72 35.17 -10.97
C HIS B 77 9.05 33.90 -11.46
N GLY B 78 9.81 32.93 -11.92
CA GLY B 78 9.25 31.71 -12.48
C GLY B 78 9.24 31.79 -14.00
N LEU B 79 8.57 30.81 -14.62
CA LEU B 79 8.66 30.66 -16.06
C LEU B 79 7.95 31.82 -16.76
N PRO B 80 8.65 32.61 -17.58
CA PRO B 80 8.03 33.82 -18.16
C PRO B 80 6.67 33.60 -18.80
N GLU B 81 6.49 32.52 -19.57
CA GLU B 81 5.24 32.32 -20.31
C GLU B 81 4.09 32.05 -19.37
N LEU B 82 4.35 31.44 -18.22
CA LEU B 82 3.32 31.21 -17.22
C LEU B 82 3.01 32.47 -16.41
N ARG B 83 4.06 33.18 -15.98
CA ARG B 83 3.85 34.45 -15.27
C ARG B 83 3.00 35.39 -16.09
N GLN B 84 3.27 35.44 -17.41
CA GLN B 84 2.54 36.34 -18.28
C GLN B 84 1.11 35.86 -18.50
N ALA B 85 0.92 34.57 -18.76
CA ALA B 85 -0.43 34.08 -18.98
C ALA B 85 -1.28 34.18 -17.72
N MET B 86 -0.70 33.94 -16.57
CA MET B 86 -1.55 33.91 -15.39
C MET B 86 -1.85 35.34 -14.95
N GLU B 87 -0.95 36.28 -15.21
CA GLU B 87 -1.26 37.69 -14.97
C GLU B 87 -2.43 38.13 -15.84
N ARG B 88 -2.41 37.76 -17.12
CA ARG B 88 -3.50 38.12 -18.03
C ARG B 88 -4.80 37.45 -17.61
N TRP B 89 -4.74 36.16 -17.25
CA TRP B 89 -5.98 35.42 -16.98
C TRP B 89 -6.64 35.95 -15.72
N PHE B 90 -5.85 36.20 -14.67
CA PHE B 90 -6.39 36.71 -13.42
C PHE B 90 -6.87 38.16 -13.57
N ALA B 91 -6.13 39.01 -14.30
CA ALA B 91 -6.57 40.39 -14.46
C ALA B 91 -7.92 40.45 -15.17
N ASP B 92 -8.12 39.55 -16.13
CA ASP B 92 -9.42 39.46 -16.79
C ASP B 92 -10.47 38.92 -15.83
N ASP B 93 -10.16 37.82 -15.15
CA ASP B 93 -11.12 37.20 -14.25
C ASP B 93 -11.54 38.14 -13.14
N GLU B 94 -10.60 38.91 -12.61
CA GLU B 94 -10.83 39.78 -11.47
C GLU B 94 -11.07 41.22 -11.88
N ASN B 95 -11.15 41.49 -13.18
CA ASN B 95 -11.45 42.82 -13.68
C ASN B 95 -10.44 43.85 -13.14
N TRP B 96 -9.16 43.52 -13.22
CA TRP B 96 -8.17 44.51 -12.82
C TRP B 96 -8.15 45.64 -13.85
N PRO B 97 -7.81 46.85 -13.43
CA PRO B 97 -7.56 47.92 -14.41
C PRO B 97 -6.35 47.58 -15.26
N ARG B 98 -6.41 47.99 -16.53
CA ARG B 98 -5.33 47.66 -17.47
C ARG B 98 -4.05 48.41 -17.13
N ARG B 99 -4.17 49.64 -16.64
CA ARG B 99 -3.02 50.43 -16.22
C ARG B 99 -2.87 50.32 -14.71
N ARG B 100 -1.70 49.88 -14.28
CA ARG B 100 -1.41 49.66 -12.87
C ARG B 100 0.10 49.55 -12.76
N ARG B 101 0.62 49.83 -11.57
CA ARG B 101 2.05 49.63 -11.38
C ARG B 101 2.39 48.29 -10.73
N LEU B 102 1.41 47.56 -10.22
CA LEU B 102 1.66 46.25 -9.62
C LEU B 102 2.32 45.31 -10.61
N LEU B 103 3.21 44.47 -10.09
CA LEU B 103 3.92 43.45 -10.85
C LEU B 103 3.57 42.07 -10.33
N THR B 104 3.38 41.11 -11.25
CA THR B 104 2.94 39.77 -10.93
C THR B 104 4.10 38.79 -11.04
N THR B 105 4.27 37.93 -10.03
CA THR B 105 5.28 36.88 -10.03
C THR B 105 4.59 35.54 -9.88
N ALA B 106 5.23 34.47 -10.36
CA ALA B 106 4.64 33.15 -10.16
C ALA B 106 5.08 32.56 -8.82
N THR B 107 4.28 31.62 -8.31
CA THR B 107 4.69 30.85 -7.14
C THR B 107 4.74 29.37 -7.51
N MET B 108 5.72 28.65 -6.95
CA MET B 108 6.00 27.30 -7.39
C MET B 108 6.00 26.28 -6.26
N THR B 109 5.73 26.69 -5.03
CA THR B 109 5.78 25.79 -3.88
C THR B 109 4.55 25.88 -2.99
N GLY B 110 3.52 26.60 -3.40
CA GLY B 110 2.34 26.78 -2.56
C GLY B 110 2.14 28.23 -2.17
N THR B 111 0.90 28.68 -2.04
CA THR B 111 0.74 30.05 -1.58
C THR B 111 0.93 30.19 -0.06
N GLY B 112 0.98 29.06 0.68
CA GLY B 112 1.39 29.05 2.07
C GLY B 112 2.82 29.54 2.30
N PRO B 113 3.82 28.83 1.76
CA PRO B 113 5.18 29.38 1.74
C PRO B 113 5.26 30.79 1.19
N ALA B 114 4.45 31.13 0.17
CA ALA B 114 4.51 32.49 -0.38
C ALA B 114 4.08 33.51 0.65
N MET B 115 3.00 33.22 1.39
CA MET B 115 2.57 34.18 2.40
C MET B 115 3.58 34.25 3.56
N TYR B 116 4.23 33.14 3.87
CA TYR B 116 5.32 33.16 4.84
C TYR B 116 6.42 34.15 4.42
N ASP B 117 6.86 34.04 3.17
CA ASP B 117 7.87 34.94 2.64
C ASP B 117 7.35 36.37 2.45
N LEU B 118 6.08 36.55 2.09
CA LEU B 118 5.53 37.90 2.05
C LEU B 118 5.50 38.54 3.44
N LEU B 119 5.16 37.77 4.46
CA LEU B 119 5.17 38.34 5.81
C LEU B 119 6.58 38.76 6.20
N ARG B 120 7.59 37.99 5.79
CA ARG B 120 8.97 38.35 6.09
C ARG B 120 9.41 39.57 5.28
N THR B 121 8.90 39.72 4.05
CA THR B 121 9.25 40.88 3.23
C THR B 121 8.73 42.16 3.87
N ILE B 122 7.52 42.09 4.43
CA ILE B 122 6.90 43.23 5.10
C ILE B 122 7.65 43.55 6.38
N LYS B 123 7.97 42.53 7.18
CA LYS B 123 8.73 42.78 8.41
C LYS B 123 10.03 43.52 8.10
N ALA B 124 10.70 43.15 7.00
CA ALA B 124 11.96 43.79 6.66
C ALA B 124 11.78 45.25 6.28
N ARG B 125 10.57 45.69 5.96
CA ARG B 125 10.34 47.06 5.47
C ARG B 125 9.71 47.97 6.51
N GLU B 126 9.44 47.48 7.71
CA GLU B 126 8.80 48.25 8.75
C GLU B 126 9.76 48.40 9.92
N PRO B 127 9.64 49.46 10.69
CA PRO B 127 10.48 49.59 11.88
C PRO B 127 10.20 48.47 12.87
N GLU B 128 11.23 48.07 13.58
CA GLU B 128 11.10 46.96 14.52
C GLU B 128 10.16 47.34 15.66
N GLY B 129 9.45 46.35 16.17
CA GLY B 129 8.53 46.58 17.25
C GLY B 129 7.39 45.60 17.16
N PRO B 130 6.56 45.52 18.19
CA PRO B 130 5.52 44.49 18.23
C PRO B 130 4.46 44.75 17.17
N MET B 131 4.15 43.72 16.39
CA MET B 131 3.24 43.86 15.25
C MET B 131 2.17 42.80 15.34
N ALA B 132 0.95 43.19 14.95
CA ALA B 132 -0.17 42.27 14.85
C ALA B 132 -0.46 42.02 13.38
N ALA B 133 -0.94 40.82 13.08
CA ALA B 133 -1.53 40.49 11.78
C ALA B 133 -3.00 40.21 12.02
N LEU B 134 -3.86 40.97 11.35
CA LEU B 134 -5.30 40.83 11.53
C LEU B 134 -5.82 39.80 10.53
N VAL B 135 -6.38 38.69 11.05
CA VAL B 135 -6.81 37.57 10.21
C VAL B 135 -8.26 37.22 10.49
N PRO B 136 -9.00 36.75 9.47
CA PRO B 136 -10.38 36.34 9.68
C PRO B 136 -10.51 35.15 10.63
N ARG B 137 -11.53 35.19 11.48
CA ARG B 137 -11.78 34.09 12.41
C ARG B 137 -13.27 33.74 12.35
N PRO B 138 -13.65 32.56 11.83
CA PRO B 138 -12.82 31.47 11.31
C PRO B 138 -12.20 31.82 9.99
N GLY B 139 -11.18 31.06 9.61
CA GLY B 139 -10.62 31.22 8.29
C GLY B 139 -9.50 30.24 8.10
N TRP B 140 -8.78 30.43 7.01
CA TRP B 140 -7.63 29.61 6.68
C TRP B 140 -6.50 29.85 7.69
N ASP B 141 -5.39 29.15 7.48
CA ASP B 141 -4.33 29.09 8.48
C ASP B 141 -3.35 30.26 8.46
N TYR B 142 -3.80 31.46 8.08
CA TYR B 142 -2.91 32.61 8.07
C TYR B 142 -2.26 32.84 9.43
N ARG B 143 -2.99 32.56 10.52
CA ARG B 143 -2.42 32.77 11.84
C ARG B 143 -1.15 31.95 12.06
N LEU B 144 -1.06 30.76 11.45
CA LEU B 144 0.10 29.90 11.64
C LEU B 144 1.36 30.53 11.06
N PHE B 145 1.27 31.06 9.83
CA PHE B 145 2.40 31.75 9.23
C PHE B 145 2.74 33.03 9.99
N ALA B 146 1.71 33.78 10.40
CA ALA B 146 1.97 35.07 11.02
C ALA B 146 2.72 34.88 12.34
N HIS B 147 2.24 33.93 13.17
CA HIS B 147 2.92 33.62 14.42
C HIS B 147 4.35 33.20 14.17
N ASP B 148 4.55 32.31 13.19
CA ASP B 148 5.90 31.83 12.89
C ASP B 148 6.86 32.95 12.53
N VAL B 149 6.39 33.97 11.79
CA VAL B 149 7.29 35.04 11.38
C VAL B 149 7.48 36.07 12.49
N GLY B 150 6.64 36.06 13.51
CA GLY B 150 6.76 36.99 14.60
C GLY B 150 5.73 38.09 14.68
N TYR B 151 4.59 37.94 14.00
CA TYR B 151 3.42 38.76 14.24
C TYR B 151 2.57 38.10 15.31
N GLU B 152 1.86 38.89 16.09
CA GLU B 152 0.78 38.32 16.90
C GLU B 152 -0.48 38.27 16.05
N PRO B 153 -1.10 37.11 15.84
CA PRO B 153 -2.34 37.08 15.04
C PRO B 153 -3.54 37.49 15.89
N ILE B 154 -4.33 38.41 15.35
CA ILE B 154 -5.50 38.97 16.01
C ILE B 154 -6.67 38.70 15.09
N GLY B 155 -7.66 37.96 15.58
CA GLY B 155 -8.78 37.57 14.73
C GLY B 155 -9.84 38.65 14.66
N TYR B 156 -10.40 38.83 13.47
CA TYR B 156 -11.61 39.62 13.33
C TYR B 156 -12.77 38.71 12.98
N HIS B 157 -13.92 39.00 13.57
CA HIS B 157 -15.07 38.10 13.54
C HIS B 157 -15.62 37.96 12.12
N VAL B 158 -15.81 36.73 11.69
CA VAL B 158 -16.49 36.49 10.43
C VAL B 158 -17.78 35.72 10.73
N PRO B 159 -18.94 36.34 10.56
CA PRO B 159 -20.20 35.63 10.83
C PRO B 159 -20.48 34.62 9.73
N PHE B 160 -20.81 33.38 10.11
CA PHE B 160 -21.08 32.33 9.13
C PHE B 160 -22.53 32.26 8.71
N THR B 161 -23.43 32.86 9.47
CA THR B 161 -24.84 32.76 9.10
C THR B 161 -25.20 33.71 7.98
N SER B 162 -24.53 34.84 7.89
CA SER B 162 -24.79 35.77 6.81
C SER B 162 -24.05 35.34 5.56
N PRO B 163 -24.65 35.48 4.37
CA PRO B 163 -23.92 35.14 3.15
C PRO B 163 -22.89 36.17 2.72
N THR B 164 -22.78 37.29 3.44
CA THR B 164 -21.90 38.38 3.04
C THR B 164 -20.78 38.68 4.03
N GLY B 165 -20.66 37.91 5.10
CA GLY B 165 -19.49 38.03 5.95
C GLY B 165 -19.48 39.22 6.89
N PRO B 166 -18.29 39.72 7.19
CA PRO B 166 -18.12 40.69 8.28
C PRO B 166 -18.63 42.07 7.91
N GLU B 167 -18.87 42.87 8.95
CA GLU B 167 -19.20 44.28 8.83
C GLU B 167 -18.05 45.15 9.35
N PRO B 168 -18.02 46.44 8.94
CA PRO B 168 -16.93 47.32 9.41
C PRO B 168 -16.62 47.24 10.91
N GLY B 169 -17.65 47.17 11.75
CA GLY B 169 -17.40 47.08 13.18
C GLY B 169 -16.67 45.81 13.60
N ASP B 170 -16.72 44.74 12.79
CA ASP B 170 -15.93 43.56 13.10
C ASP B 170 -14.45 43.85 12.92
N LEU B 171 -14.11 44.65 11.93
CA LEU B 171 -12.72 45.08 11.78
C LEU B 171 -12.34 46.08 12.87
N ASP B 172 -13.23 47.02 13.18
CA ASP B 172 -12.94 48.00 14.22
C ASP B 172 -12.63 47.32 15.54
N ARG B 173 -13.33 46.24 15.86
CA ARG B 173 -13.11 45.53 17.12
C ARG B 173 -11.71 44.95 17.19
N ALA B 174 -11.25 44.36 16.08
CA ALA B 174 -9.91 43.77 16.04
C ALA B 174 -8.84 44.86 16.14
N VAL B 175 -9.06 46.01 15.52
CA VAL B 175 -8.11 47.10 15.65
C VAL B 175 -8.04 47.58 17.10
N GLU B 176 -9.19 47.69 17.77
CA GLU B 176 -9.16 48.14 19.15
C GLU B 176 -8.49 47.11 20.05
N GLN B 177 -8.73 45.82 19.80
CA GLN B 177 -8.02 44.79 20.55
C GLN B 177 -6.52 44.88 20.31
N THR B 178 -6.13 45.14 19.06
CA THR B 178 -4.72 45.30 18.73
C THR B 178 -4.11 46.46 19.52
N ARG B 179 -4.81 47.60 19.54
CA ARG B 179 -4.35 48.78 20.28
C ARG B 179 -4.24 48.49 21.78
N ALA B 180 -5.25 47.82 22.35
CA ALA B 180 -5.22 47.57 23.79
C ALA B 180 -4.06 46.67 24.19
N LYS B 181 -3.59 45.81 23.29
CA LYS B 181 -2.44 44.95 23.58
C LYS B 181 -1.11 45.62 23.29
N GLY B 182 -1.11 46.88 22.89
CA GLY B 182 0.13 47.57 22.56
C GLY B 182 0.81 47.04 21.32
N LEU B 183 0.04 46.56 20.35
CA LEU B 183 0.56 46.04 19.10
C LEU B 183 0.23 47.01 17.99
N ARG B 184 1.16 47.15 17.04
CA ARG B 184 0.85 47.94 15.86
C ARG B 184 0.18 47.05 14.84
N PRO B 185 -1.05 47.35 14.41
CA PRO B 185 -1.63 46.57 13.31
C PRO B 185 -0.82 46.81 12.06
N THR B 186 -0.14 45.78 11.57
CA THR B 186 0.78 45.91 10.46
C THR B 186 0.30 45.26 9.17
N VAL B 187 -0.43 44.16 9.26
CA VAL B 187 -0.95 43.45 8.10
C VAL B 187 -2.41 43.11 8.36
N LEU B 188 -3.26 43.32 7.35
CA LEU B 188 -4.64 42.81 7.32
C LEU B 188 -4.74 41.76 6.23
N VAL B 189 -5.14 40.53 6.58
CA VAL B 189 -5.44 39.50 5.57
C VAL B 189 -6.93 39.53 5.28
N LEU B 190 -7.27 39.67 4.00
CA LEU B 190 -8.66 39.61 3.53
C LEU B 190 -8.86 38.33 2.72
N ASN B 191 -10.04 37.71 2.86
CA ASN B 191 -10.38 36.50 2.11
C ASN B 191 -11.85 36.56 1.73
N PRO B 192 -12.20 37.42 0.76
CA PRO B 192 -13.63 37.76 0.56
C PRO B 192 -14.48 36.64 -0.01
N GLN B 193 -13.92 35.74 -0.80
CA GLN B 193 -14.59 34.49 -1.13
C GLN B 193 -14.09 33.48 -0.12
N HIS B 194 -14.81 33.39 1.02
CA HIS B 194 -14.20 33.03 2.29
C HIS B 194 -14.08 31.53 2.51
N TYR B 195 -12.86 31.07 2.78
CA TYR B 195 -12.63 29.73 3.31
C TYR B 195 -12.96 29.73 4.81
N ALA B 196 -13.93 28.93 5.25
CA ALA B 196 -14.71 28.00 4.42
C ALA B 196 -16.18 28.09 4.81
N THR B 197 -16.69 29.31 4.88
CA THR B 197 -18.08 29.56 5.20
C THR B 197 -18.97 29.62 3.99
N GLY B 198 -18.41 29.81 2.79
CA GLY B 198 -19.19 30.14 1.61
C GLY B 198 -19.43 31.62 1.40
N GLY B 199 -19.02 32.47 2.32
CA GLY B 199 -19.35 33.88 2.24
C GLY B 199 -18.75 34.55 1.00
N ASN B 200 -19.39 35.64 0.60
CA ASN B 200 -18.90 36.53 -0.45
C ASN B 200 -19.01 37.95 0.12
N TRP B 201 -17.91 38.45 0.66
CA TRP B 201 -17.92 39.73 1.36
C TRP B 201 -18.30 40.88 0.45
N THR B 202 -18.88 41.93 1.04
CA THR B 202 -19.49 42.99 0.26
C THR B 202 -18.44 43.99 -0.19
N PRO B 203 -18.68 44.64 -1.34
CA PRO B 203 -17.81 45.76 -1.72
C PRO B 203 -17.70 46.81 -0.64
N GLU B 204 -18.80 47.08 0.08
CA GLU B 204 -18.77 48.10 1.12
C GLU B 204 -17.79 47.74 2.22
N PHE B 205 -17.79 46.47 2.65
CA PHE B 205 -16.85 46.07 3.69
C PHE B 205 -15.43 46.14 3.18
N VAL B 206 -15.19 45.65 1.97
CA VAL B 206 -13.81 45.63 1.48
C VAL B 206 -13.31 47.06 1.30
N ARG B 207 -14.16 47.94 0.78
CA ARG B 207 -13.78 49.35 0.67
C ARG B 207 -13.44 49.94 2.04
N TYR B 208 -14.24 49.62 3.06
CA TYR B 208 -13.96 50.11 4.40
C TYR B 208 -12.64 49.58 4.90
N ALA B 209 -12.37 48.30 4.65
CA ALA B 209 -11.12 47.69 5.10
C ALA B 209 -9.92 48.34 4.41
N LEU B 210 -10.04 48.62 3.11
CA LEU B 210 -8.93 49.22 2.37
C LEU B 210 -8.64 50.64 2.85
N SER B 211 -9.69 51.42 3.07
CA SER B 211 -9.49 52.80 3.52
C SER B 211 -8.99 52.84 4.96
N LEU B 212 -9.47 51.93 5.80
CA LEU B 212 -8.96 51.86 7.17
C LEU B 212 -7.50 51.40 7.19
N ALA B 213 -7.17 50.38 6.41
CA ALA B 213 -5.77 49.94 6.37
C ALA B 213 -4.86 51.07 5.90
N ASP B 214 -5.31 51.86 4.92
CA ASP B 214 -4.49 52.95 4.39
C ASP B 214 -4.25 54.02 5.44
N THR B 215 -5.31 54.43 6.15
CA THR B 215 -5.17 55.38 7.25
C THR B 215 -4.11 54.92 8.25
N LEU B 216 -4.10 53.62 8.58
CA LEU B 216 -3.21 53.08 9.59
C LEU B 216 -1.87 52.63 9.05
N GLY B 217 -1.65 52.68 7.73
CA GLY B 217 -0.42 52.17 7.17
C GLY B 217 -0.29 50.66 7.22
N MET B 218 -1.43 49.96 7.26
CA MET B 218 -1.46 48.51 7.25
C MET B 218 -1.28 47.98 5.83
N TRP B 219 -0.54 46.88 5.70
CA TRP B 219 -0.49 46.18 4.41
C TRP B 219 -1.79 45.39 4.26
N VAL B 220 -2.30 45.29 3.04
CA VAL B 220 -3.49 44.47 2.76
C VAL B 220 -3.06 43.28 1.93
N LEU B 221 -3.19 42.08 2.50
CA LEU B 221 -2.90 40.82 1.81
C LEU B 221 -4.22 40.14 1.49
N VAL B 222 -4.59 40.09 0.22
CA VAL B 222 -5.87 39.50 -0.16
C VAL B 222 -5.62 38.14 -0.81
N ASP B 223 -6.22 37.12 -0.22
CA ASP B 223 -6.15 35.74 -0.72
C ASP B 223 -7.39 35.48 -1.56
N ASN B 224 -7.16 35.21 -2.85
CA ASN B 224 -8.22 35.08 -3.83
C ASN B 224 -8.29 33.67 -4.39
N ALA B 225 -7.92 32.69 -3.56
CA ALA B 225 -7.94 31.28 -3.96
C ALA B 225 -9.26 30.88 -4.62
N TYR B 226 -10.38 31.34 -4.05
CA TYR B 226 -11.70 30.93 -4.51
C TYR B 226 -12.40 32.00 -5.33
N HIS B 227 -11.67 33.02 -5.80
CA HIS B 227 -12.37 34.12 -6.47
C HIS B 227 -13.12 33.64 -7.71
N GLY B 228 -12.53 32.71 -8.45
CA GLY B 228 -13.11 32.23 -9.68
C GLY B 228 -14.06 31.08 -9.48
N MET B 229 -14.38 30.75 -8.23
CA MET B 229 -15.06 29.52 -7.86
C MET B 229 -16.42 29.81 -7.24
N THR B 230 -16.95 31.03 -7.39
CA THR B 230 -18.26 31.31 -6.84
C THR B 230 -19.30 30.57 -7.66
N ALA B 231 -20.43 30.26 -7.00
CA ALA B 231 -21.54 29.63 -7.70
C ALA B 231 -21.97 30.53 -8.86
N ALA B 232 -22.28 29.91 -10.00
CA ALA B 232 -22.79 30.67 -11.13
C ALA B 232 -23.95 31.54 -10.67
N GLY B 233 -24.00 32.76 -11.17
CA GLY B 233 -24.97 33.72 -10.70
C GLY B 233 -24.52 34.58 -9.54
N THR B 234 -23.43 34.23 -8.85
CA THR B 234 -22.87 35.08 -7.80
C THR B 234 -21.72 35.92 -8.34
N GLN B 235 -21.70 37.20 -7.98
CA GLN B 235 -20.65 38.10 -8.43
C GLN B 235 -19.59 38.22 -7.36
N PRO B 236 -18.40 37.63 -7.53
CA PRO B 236 -17.37 37.78 -6.49
C PRO B 236 -16.90 39.22 -6.40
N THR B 237 -16.69 39.68 -5.17
CA THR B 237 -16.13 41.00 -4.92
C THR B 237 -14.63 40.98 -5.23
N SER B 238 -14.17 41.93 -6.05
CA SER B 238 -12.77 41.97 -6.51
C SER B 238 -12.04 43.00 -5.68
N THR B 239 -11.23 42.53 -4.73
CA THR B 239 -10.49 43.46 -3.87
C THR B 239 -9.52 44.33 -4.67
N VAL B 240 -8.87 43.74 -5.67
CA VAL B 240 -7.85 44.48 -6.41
C VAL B 240 -8.49 45.62 -7.19
N ARG B 241 -9.64 45.36 -7.81
CA ARG B 241 -10.36 46.40 -8.53
C ARG B 241 -10.74 47.54 -7.60
N LEU B 242 -11.38 47.21 -6.48
CA LEU B 242 -11.77 48.26 -5.55
C LEU B 242 -10.56 49.03 -5.05
N ALA B 243 -9.49 48.32 -4.73
CA ALA B 243 -8.28 48.94 -4.20
C ALA B 243 -7.70 49.92 -5.20
N LEU B 244 -7.49 49.49 -6.44
CA LEU B 244 -6.84 50.37 -7.41
C LEU B 244 -7.74 51.52 -7.83
N ASP B 245 -9.06 51.29 -7.92
CA ASP B 245 -9.96 52.40 -8.22
C ASP B 245 -9.84 53.49 -7.17
N GLY B 246 -9.66 53.12 -5.93
CA GLY B 246 -9.56 54.06 -4.84
C GLY B 246 -8.17 54.54 -4.54
N GLY B 247 -7.17 54.09 -5.29
CA GLY B 247 -5.81 54.57 -5.13
C GLY B 247 -5.01 53.82 -4.09
N PHE B 248 -5.53 52.71 -3.54
CA PHE B 248 -4.89 51.97 -2.45
C PHE B 248 -3.95 50.88 -2.97
N GLU B 249 -2.89 51.32 -3.64
CA GLU B 249 -2.02 50.38 -4.33
C GLU B 249 -0.71 50.08 -3.59
N GLU B 250 -0.14 51.03 -2.84
CA GLU B 250 1.27 50.91 -2.47
C GLU B 250 1.55 49.71 -1.57
N ARG B 251 0.60 49.32 -0.71
N ARG B 251 0.60 49.32 -0.72
CA ARG B 251 0.81 48.20 0.20
CA ARG B 251 0.82 48.20 0.20
C ARG B 251 -0.19 47.07 -0.02
C ARG B 251 -0.20 47.09 -0.01
N LEU B 252 -0.71 46.96 -1.24
CA LEU B 252 -1.62 45.87 -1.61
C LEU B 252 -0.83 44.65 -2.10
N ILE B 253 -1.20 43.47 -1.61
CA ILE B 253 -0.59 42.22 -2.07
C ILE B 253 -1.71 41.26 -2.41
N HIS B 254 -1.74 40.78 -3.65
CA HIS B 254 -2.68 39.75 -4.10
C HIS B 254 -1.98 38.40 -4.11
N VAL B 255 -2.64 37.36 -3.60
CA VAL B 255 -2.13 35.98 -3.68
C VAL B 255 -3.24 35.10 -4.23
N ARG B 256 -2.93 34.22 -5.18
CA ARG B 256 -3.99 33.35 -5.70
C ARG B 256 -3.41 32.06 -6.29
N THR B 257 -3.75 30.93 -5.68
CA THR B 257 -3.36 29.64 -6.24
C THR B 257 -4.26 29.25 -7.39
N LEU B 258 -3.69 28.45 -8.30
CA LEU B 258 -4.46 27.82 -9.37
C LEU B 258 -5.02 26.48 -8.95
N GLY B 259 -4.60 25.97 -7.80
CA GLY B 259 -4.85 24.58 -7.43
C GLY B 259 -6.30 24.20 -7.13
N GLN B 261 -9.09 25.81 -7.96
CA GLN B 261 -10.01 26.07 -9.06
C GLN B 261 -9.90 25.03 -10.15
N PHE B 262 -8.67 24.62 -10.46
CA PHE B 262 -8.43 23.77 -11.62
C PHE B 262 -8.13 22.33 -11.23
N ALA B 263 -8.65 21.90 -10.07
CA ALA B 263 -8.62 20.50 -9.65
C ALA B 263 -7.21 19.95 -9.73
N CYS B 264 -6.26 20.68 -9.18
CA CYS B 264 -4.85 20.26 -9.27
C CYS B 264 -4.03 20.80 -8.09
N ASN B 265 -4.52 20.56 -6.87
CA ASN B 265 -3.83 21.03 -5.67
C ASN B 265 -2.38 20.60 -5.65
N GLY B 266 -2.09 19.38 -6.13
CA GLY B 266 -0.74 18.83 -6.16
C GLY B 266 0.25 19.59 -7.03
N TRP B 267 -0.21 20.45 -7.93
CA TRP B 267 0.73 21.13 -8.84
C TRP B 267 1.43 22.32 -8.20
N ALA B 268 0.85 22.91 -7.14
CA ALA B 268 1.45 24.01 -6.37
C ALA B 268 1.89 25.18 -7.25
N VAL B 269 1.05 25.58 -8.20
CA VAL B 269 1.27 26.77 -9.02
C VAL B 269 0.28 27.86 -8.62
N GLY B 270 0.77 29.09 -8.45
CA GLY B 270 -0.06 30.22 -8.12
C GLY B 270 0.65 31.51 -8.50
N SER B 271 0.16 32.63 -7.96
CA SER B 271 0.66 33.94 -8.33
C SER B 271 0.63 34.89 -7.15
N VAL B 272 1.53 35.86 -7.17
CA VAL B 272 1.55 36.95 -6.21
C VAL B 272 1.74 38.25 -6.98
N THR B 273 1.01 39.27 -6.58
CA THR B 273 1.04 40.57 -7.25
C THR B 273 1.18 41.65 -6.19
N ALA B 274 2.20 42.49 -6.34
CA ALA B 274 2.43 43.56 -5.37
C ALA B 274 3.21 44.66 -6.07
N MET B 275 3.62 45.68 -5.32
CA MET B 275 4.30 46.77 -5.98
C MET B 275 5.69 46.27 -6.41
N PRO B 276 6.29 46.87 -7.45
CA PRO B 276 7.52 46.29 -8.00
C PRO B 276 8.65 46.08 -7.00
N ASP B 277 8.92 47.06 -6.12
CA ASP B 277 10.00 46.89 -5.15
C ASP B 277 9.72 45.76 -4.15
N VAL B 278 8.45 45.56 -3.79
CA VAL B 278 8.08 44.49 -2.88
C VAL B 278 8.30 43.12 -3.53
N ILE B 279 7.81 42.94 -4.76
CA ILE B 279 8.01 41.66 -5.42
C ILE B 279 9.48 41.37 -5.61
N ASP B 280 10.29 42.39 -5.94
CA ASP B 280 11.71 42.15 -6.11
C ASP B 280 12.37 41.64 -4.84
N GLU B 281 12.05 42.24 -3.69
CA GLU B 281 12.65 41.76 -2.43
C GLU B 281 12.13 40.38 -2.07
N PHE B 282 10.82 40.18 -2.21
CA PHE B 282 10.23 38.87 -1.97
C PHE B 282 10.94 37.81 -2.81
N ALA B 283 11.14 38.11 -4.10
CA ALA B 283 11.66 37.10 -5.02
C ALA B 283 13.16 36.90 -4.86
N HIS B 284 13.90 37.98 -4.65
CA HIS B 284 15.35 37.88 -4.59
C HIS B 284 15.82 37.35 -3.24
N ARG B 285 15.25 37.89 -2.16
CA ARG B 285 15.81 37.72 -0.82
C ARG B 285 15.04 36.74 0.04
N TRP B 286 13.72 36.89 0.13
CA TRP B 286 13.03 36.12 1.17
C TRP B 286 12.68 34.73 0.65
N ARG B 287 11.93 34.66 -0.44
CA ARG B 287 11.84 33.40 -1.19
C ARG B 287 13.22 32.98 -1.72
N GLY B 288 13.95 33.92 -2.33
CA GLY B 288 15.10 33.56 -3.15
C GLY B 288 16.30 33.00 -2.41
N PHE B 289 16.44 33.28 -1.11
CA PHE B 289 17.52 32.68 -0.33
C PHE B 289 17.16 31.28 0.20
N ARG B 290 16.00 30.72 -0.17
CA ARG B 290 15.61 29.40 0.30
C ARG B 290 15.26 28.45 -0.86
N GLU B 291 14.46 28.96 -1.80
CA GLU B 291 13.97 28.18 -2.93
C GLU B 291 14.65 28.61 -4.23
N TYR B 292 14.90 27.62 -5.12
CA TYR B 292 15.30 27.89 -6.49
C TYR B 292 14.11 27.64 -7.39
N PRO B 293 13.76 28.56 -8.30
CA PRO B 293 12.59 28.33 -9.16
C PRO B 293 12.74 27.06 -9.98
N GLY B 294 11.65 26.30 -10.05
CA GLY B 294 11.65 25.02 -10.74
C GLY B 294 10.24 24.70 -11.19
N HIS B 295 9.93 23.43 -11.42
CA HIS B 295 8.60 23.01 -11.89
C HIS B 295 8.20 23.73 -13.18
N ALA B 296 9.16 23.80 -14.12
CA ALA B 296 8.86 24.38 -15.42
C ALA B 296 7.79 23.58 -16.17
N ARG B 297 7.73 22.26 -15.94
CA ARG B 297 6.73 21.44 -16.62
C ARG B 297 5.31 21.84 -16.21
N GLU B 298 5.05 21.94 -14.90
CA GLU B 298 3.74 22.42 -14.46
C GLU B 298 3.44 23.80 -15.02
N GLN B 299 4.44 24.67 -15.03
CA GLN B 299 4.17 26.05 -15.41
C GLN B 299 3.92 26.19 -16.90
N ALA B 300 4.71 25.49 -17.72
CA ALA B 300 4.46 25.51 -19.16
C ALA B 300 3.10 24.89 -19.50
N ALA B 301 2.74 23.80 -18.80
CA ALA B 301 1.44 23.20 -19.04
C ALA B 301 0.32 24.17 -18.70
N PHE B 302 0.46 24.91 -17.59
CA PHE B 302 -0.58 25.89 -17.24
C PHE B 302 -0.63 27.05 -18.23
N ALA B 303 0.52 27.49 -18.74
CA ALA B 303 0.47 28.57 -19.72
C ALA B 303 -0.23 28.11 -21.00
N GLY B 304 0.05 26.89 -21.44
CA GLY B 304 -0.66 26.36 -22.59
C GLY B 304 -2.15 26.26 -22.36
N TRP B 305 -2.55 25.95 -21.13
CA TRP B 305 -3.97 25.79 -20.77
C TRP B 305 -4.65 27.15 -20.65
N LEU B 306 -4.05 28.08 -19.89
CA LEU B 306 -4.67 29.39 -19.72
C LEU B 306 -4.73 30.14 -21.03
N ASN B 307 -3.76 29.92 -21.91
CA ASN B 307 -3.75 30.56 -23.23
C ASN B 307 -4.67 29.90 -24.23
N ASN B 308 -5.31 28.81 -23.85
CA ASN B 308 -6.33 28.11 -24.65
C ASN B 308 -7.70 28.64 -24.26
N PRO B 309 -8.58 28.96 -25.22
CA PRO B 309 -9.93 29.40 -24.83
C PRO B 309 -10.68 28.39 -23.97
N GLU B 310 -10.33 27.10 -24.05
CA GLU B 310 -11.01 26.06 -23.28
C GLU B 310 -10.86 26.26 -21.79
N SER B 311 -9.79 26.92 -21.34
CA SER B 311 -9.63 27.11 -19.90
C SER B 311 -10.72 28.03 -19.34
N ARG B 312 -11.04 29.12 -20.07
CA ARG B 312 -12.12 30.00 -19.65
C ARG B 312 -13.46 29.29 -19.73
N LYS B 313 -13.70 28.52 -20.80
CA LYS B 313 -14.94 27.75 -20.91
C LYS B 313 -15.07 26.75 -19.76
N TRP B 314 -13.98 26.05 -19.45
CA TRP B 314 -13.99 25.07 -18.37
C TRP B 314 -14.29 25.75 -17.03
N ALA B 315 -13.66 26.91 -16.78
CA ALA B 315 -13.89 27.62 -15.53
C ALA B 315 -15.33 28.07 -15.41
N ASP B 316 -15.92 28.52 -16.52
CA ASP B 316 -17.33 28.90 -16.52
C ASP B 316 -18.22 27.71 -16.22
N GLU B 317 -17.96 26.58 -16.89
CA GLU B 317 -18.72 25.37 -16.67
C GLU B 317 -18.58 24.88 -15.23
N ARG B 318 -17.42 25.12 -14.61
CA ARG B 318 -17.22 24.69 -13.23
C ARG B 318 -18.08 25.48 -12.25
N ARG B 319 -18.23 26.80 -12.47
CA ARG B 319 -19.13 27.59 -11.63
C ARG B 319 -20.57 27.09 -11.73
N GLU B 320 -20.97 26.61 -12.92
CA GLU B 320 -22.29 26.02 -13.04
C GLU B 320 -22.37 24.70 -12.29
N ALA B 321 -21.30 23.90 -12.32
CA ALA B 321 -21.27 22.65 -11.55
C ALA B 321 -21.33 22.92 -10.06
N ILE B 322 -20.62 23.96 -9.59
CA ILE B 322 -20.67 24.29 -8.16
C ILE B 322 -22.07 24.67 -7.76
N ARG B 323 -22.76 25.45 -8.61
CA ARG B 323 -24.14 25.84 -8.30
C ARG B 323 -25.06 24.64 -8.25
N SER B 324 -25.02 23.80 -9.28
CA SER B 324 -25.93 22.67 -9.30
C SER B 324 -25.56 21.63 -8.25
N ASN B 325 -24.28 21.48 -7.92
CA ASN B 325 -23.89 20.57 -6.86
C ASN B 325 -24.47 21.03 -5.53
N GLY B 326 -24.35 22.33 -5.23
CA GLY B 326 -24.85 22.82 -3.96
C GLY B 326 -26.36 22.72 -3.86
N ASP B 327 -27.07 23.00 -4.95
CA ASP B 327 -28.51 22.82 -4.96
C ASP B 327 -28.87 21.37 -4.69
N ALA B 328 -28.18 20.43 -5.32
CA ALA B 328 -28.50 19.01 -5.18
C ALA B 328 -28.26 18.53 -3.76
N LEU B 329 -27.18 19.00 -3.13
CA LEU B 329 -26.94 18.67 -1.72
C LEU B 329 -28.04 19.25 -0.82
N LEU B 330 -28.37 20.54 -1.01
CA LEU B 330 -29.44 21.14 -0.21
C LEU B 330 -30.75 20.37 -0.37
N ASP B 331 -31.06 19.91 -1.58
CA ASP B 331 -32.27 19.13 -1.80
C ASP B 331 -32.23 17.82 -1.03
N ALA B 332 -31.08 17.14 -1.07
CA ALA B 332 -30.92 15.88 -0.36
C ALA B 332 -30.98 16.09 1.14
N LEU B 333 -30.41 17.20 1.63
CA LEU B 333 -30.47 17.49 3.06
C LEU B 333 -31.90 17.72 3.52
N ALA B 334 -32.69 18.44 2.70
CA ALA B 334 -34.09 18.66 3.05
C ALA B 334 -34.86 17.35 3.13
N GLU B 335 -34.41 16.34 2.40
CA GLU B 335 -35.08 15.05 2.39
C GLU B 335 -34.75 14.23 3.63
N VAL B 336 -33.52 14.28 4.11
CA VAL B 336 -33.07 13.36 5.15
C VAL B 336 -32.92 14.02 6.51
N SER B 337 -33.07 15.33 6.62
CA SER B 337 -32.70 16.03 7.84
C SER B 337 -33.61 17.24 8.06
N ASN B 338 -33.50 17.82 9.26
CA ASN B 338 -34.30 18.97 9.64
C ASN B 338 -33.41 19.84 10.52
N THR B 339 -32.34 20.35 9.93
CA THR B 339 -31.45 21.30 10.58
C THR B 339 -31.22 22.47 9.65
N THR B 340 -30.66 23.54 10.23
CA THR B 340 -30.26 24.70 9.45
C THR B 340 -29.16 24.36 8.47
N ARG B 341 -29.27 24.84 7.24
CA ARG B 341 -28.23 24.65 6.25
C ARG B 341 -27.97 25.96 5.54
N HIS B 342 -26.73 26.13 5.08
CA HIS B 342 -26.34 27.34 4.35
C HIS B 342 -25.64 26.93 3.05
N CYS B 343 -25.87 27.70 2.00
CA CYS B 343 -25.12 27.56 0.76
C CYS B 343 -25.04 28.99 0.23
N HIS B 344 -24.08 29.75 0.76
CA HIS B 344 -24.02 31.20 0.49
C HIS B 344 -23.51 31.53 -0.91
N GLY B 345 -22.80 30.62 -1.58
CA GLY B 345 -22.46 30.83 -2.97
C GLY B 345 -21.17 31.58 -3.26
N GLY B 346 -20.43 32.01 -2.24
CA GLY B 346 -19.24 32.81 -2.47
C GLY B 346 -17.92 32.05 -2.51
N SER B 347 -17.80 31.01 -1.70
CA SER B 347 -16.76 30.01 -1.86
C SER B 347 -17.48 28.68 -1.92
N PRO B 348 -16.86 27.64 -2.50
CA PRO B 348 -17.64 26.40 -2.78
C PRO B 348 -17.86 25.47 -1.58
N PHE B 349 -18.61 25.95 -0.56
CA PHE B 349 -18.90 25.16 0.62
C PHE B 349 -20.38 25.23 0.99
N VAL B 350 -20.92 24.09 1.39
CA VAL B 350 -22.22 24.05 2.07
C VAL B 350 -21.93 23.82 3.54
N LEU B 351 -22.69 24.49 4.41
CA LEU B 351 -22.62 24.28 5.85
C LEU B 351 -23.95 23.73 6.34
N PHE B 352 -23.91 22.80 7.31
CA PHE B 352 -25.16 22.47 7.98
C PHE B 352 -24.90 22.04 9.42
N GLU B 353 -25.92 22.21 10.24
CA GLU B 353 -25.82 21.97 11.67
C GLU B 353 -26.16 20.52 11.98
N VAL B 354 -25.44 19.92 12.93
CA VAL B 354 -25.70 18.52 13.28
C VAL B 354 -26.94 18.50 14.16
N PRO B 355 -27.74 17.44 14.15
CA PRO B 355 -28.91 17.37 15.02
C PRO B 355 -28.53 17.46 16.50
N GLY B 356 -29.51 17.79 17.32
CA GLY B 356 -29.26 17.93 18.76
C GLY B 356 -28.84 16.60 19.37
N GLY B 357 -27.92 16.66 20.33
CA GLY B 357 -27.43 15.46 20.98
C GLY B 357 -26.24 14.82 20.30
N TRP B 358 -25.69 15.45 19.27
CA TRP B 358 -24.58 14.91 18.50
C TRP B 358 -23.45 15.92 18.53
N SER B 359 -22.24 15.46 18.83
CA SER B 359 -21.10 16.30 18.49
C SER B 359 -20.83 16.15 17.00
N GLN B 360 -20.07 17.10 16.44
CA GLN B 360 -19.77 17.00 15.02
C GLN B 360 -18.91 15.78 14.72
N GLU B 361 -17.98 15.44 15.60
CA GLU B 361 -17.11 14.30 15.30
C GLU B 361 -17.87 12.98 15.31
N ASP B 362 -18.71 12.76 16.33
CA ASP B 362 -19.53 11.54 16.38
C ASP B 362 -20.49 11.48 15.20
N PHE B 363 -21.09 12.62 14.87
CA PHE B 363 -22.01 12.68 13.74
C PHE B 363 -21.33 12.23 12.46
N ARG B 364 -20.17 12.82 12.14
CA ARG B 364 -19.51 12.49 10.89
C ARG B 364 -19.00 11.05 10.89
N GLN B 365 -18.58 10.54 12.04
CA GLN B 365 -18.11 9.17 12.07
C GLN B 365 -19.27 8.21 11.88
N ARG B 366 -20.42 8.48 12.51
CA ARG B 366 -21.58 7.61 12.30
C ARG B 366 -22.07 7.71 10.86
N LEU B 367 -22.18 8.94 10.34
CA LEU B 367 -22.64 9.11 8.96
C LEU B 367 -21.73 8.38 7.97
N PHE B 368 -20.41 8.47 8.16
CA PHE B 368 -19.50 7.82 7.24
C PHE B 368 -19.66 6.30 7.31
N ALA B 369 -19.83 5.77 8.52
CA ALA B 369 -20.01 4.33 8.70
C ALA B 369 -21.26 3.84 8.00
N ASP B 370 -22.35 4.61 8.07
CA ASP B 370 -23.60 4.14 7.50
C ASP B 370 -23.73 4.41 6.00
N THR B 371 -23.13 5.50 5.51
CA THR B 371 -23.36 5.93 4.14
C THR B 371 -22.13 5.87 3.24
N GLY B 372 -20.93 5.76 3.80
CA GLY B 372 -19.75 5.83 2.99
C GLY B 372 -19.35 7.24 2.58
N VAL B 373 -20.06 8.26 3.06
CA VAL B 373 -19.78 9.65 2.71
C VAL B 373 -19.09 10.30 3.90
N LEU B 374 -17.90 10.85 3.67
CA LEU B 374 -17.10 11.43 4.73
C LEU B 374 -17.10 12.94 4.56
N LEU B 375 -17.58 13.65 5.58
CA LEU B 375 -17.67 15.10 5.59
C LEU B 375 -16.72 15.67 6.64
N ALA B 376 -16.54 17.00 6.57
CA ALA B 376 -15.60 17.73 7.39
C ALA B 376 -16.32 18.51 8.49
N SER B 377 -15.61 18.76 9.58
CA SER B 377 -16.10 19.73 10.54
C SER B 377 -16.02 21.11 9.92
N ALA B 378 -17.01 21.96 10.22
CA ALA B 378 -16.97 23.34 9.72
C ALA B 378 -15.84 24.14 10.39
N GLN B 379 -15.40 23.73 11.59
CA GLN B 379 -14.26 24.36 12.27
C GLN B 379 -14.54 25.83 12.61
N ILE B 380 -15.78 26.11 12.99
CA ILE B 380 -16.18 27.45 13.42
C ILE B 380 -16.00 27.51 14.94
N PRO B 381 -15.02 28.25 15.44
CA PRO B 381 -14.67 28.13 16.87
C PRO B 381 -15.80 28.54 17.80
N TYR B 382 -16.66 29.46 17.38
CA TYR B 382 -17.81 29.86 18.18
C TYR B 382 -19.07 29.07 17.84
N ALA B 383 -18.96 28.02 17.00
CA ALA B 383 -20.09 27.19 16.63
C ALA B 383 -19.60 25.79 16.27
N PRO B 384 -19.09 25.00 17.24
CA PRO B 384 -18.31 23.80 16.85
C PRO B 384 -19.11 22.72 16.14
N ASP B 385 -20.38 22.55 16.45
CA ASP B 385 -21.12 21.37 15.97
C ASP B 385 -21.86 21.68 14.66
N TRP B 386 -21.04 21.97 13.64
CA TRP B 386 -21.47 22.20 12.27
C TRP B 386 -20.53 21.43 11.36
N VAL B 387 -21.03 21.12 10.17
CA VAL B 387 -20.32 20.36 9.14
C VAL B 387 -20.18 21.23 7.89
N LYS B 388 -19.09 21.02 7.13
CA LYS B 388 -18.94 21.69 5.85
C LYS B 388 -18.68 20.67 4.74
N VAL B 389 -19.09 21.01 3.52
CA VAL B 389 -19.00 20.13 2.37
C VAL B 389 -18.47 20.89 1.16
N PHE B 390 -17.31 20.47 0.65
CA PHE B 390 -16.70 21.10 -0.51
C PHE B 390 -17.47 20.73 -1.78
N LEU B 391 -17.74 21.74 -2.63
CA LEU B 391 -18.58 21.54 -3.80
C LEU B 391 -17.81 21.51 -5.11
N GLY B 392 -16.51 21.77 -5.09
CA GLY B 392 -15.81 21.88 -6.34
C GLY B 392 -15.33 20.56 -6.91
N ARG B 393 -16.25 19.70 -7.36
CA ARG B 393 -15.88 18.45 -8.01
C ARG B 393 -16.86 18.15 -9.13
N ARG B 394 -16.46 17.26 -10.03
CA ARG B 394 -17.28 16.92 -11.19
C ARG B 394 -18.66 16.46 -10.73
N PRO B 395 -19.74 16.94 -11.36
CA PRO B 395 -21.07 16.45 -10.98
C PRO B 395 -21.24 14.94 -11.08
N ASP B 396 -20.64 14.28 -12.08
CA ASP B 396 -20.79 12.83 -12.17
C ASP B 396 -20.04 12.08 -11.08
N ARG B 397 -19.21 12.77 -10.32
CA ARG B 397 -18.57 12.21 -9.13
C ARG B 397 -19.16 12.72 -7.83
N PHE B 398 -19.71 13.95 -7.79
CA PHE B 398 -20.37 14.48 -6.60
C PHE B 398 -21.77 13.90 -6.45
N LEU B 399 -22.54 13.84 -7.54
CA LEU B 399 -23.91 13.38 -7.42
C LEU B 399 -24.02 11.96 -6.87
N PRO B 400 -23.13 11.01 -7.16
CA PRO B 400 -23.26 9.71 -6.50
C PRO B 400 -23.12 9.79 -4.99
N ALA B 401 -22.31 10.72 -4.49
CA ALA B 401 -22.22 10.90 -3.04
C ALA B 401 -23.52 11.44 -2.47
N VAL B 402 -24.14 12.39 -3.18
CA VAL B 402 -25.44 12.90 -2.76
C VAL B 402 -26.47 11.79 -2.71
N GLU B 403 -26.48 10.92 -3.73
CA GLU B 403 -27.43 9.80 -3.71
C GLU B 403 -27.17 8.84 -2.57
N ALA B 404 -25.91 8.64 -2.19
CA ALA B 404 -25.63 7.80 -1.03
C ALA B 404 -26.24 8.39 0.24
N LEU B 405 -26.20 9.72 0.41
CA LEU B 405 -26.83 10.34 1.58
C LEU B 405 -28.34 10.14 1.56
N ARG B 406 -28.95 10.10 0.39
CA ARG B 406 -30.41 9.98 0.31
C ARG B 406 -30.88 8.55 0.57
N THR B 407 -30.15 7.55 0.07
CA THR B 407 -30.65 6.18 0.02
C THR B 407 -30.04 5.27 1.09
N ARG B 408 -29.05 5.73 1.84
CA ARG B 408 -28.48 4.88 2.88
C ARG B 408 -28.89 5.45 4.23
N PRO B 409 -29.84 4.83 4.92
CA PRO B 409 -30.36 5.40 6.17
C PRO B 409 -29.27 5.52 7.19
N SER B 410 -29.38 6.57 8.01
CA SER B 410 -28.46 6.74 9.11
C SER B 410 -29.19 7.42 10.25
N ARG B 411 -28.94 6.94 11.47
CA ARG B 411 -29.48 7.63 12.61
C ARG B 411 -28.70 8.90 12.97
N ALA B 412 -27.58 9.18 12.29
CA ALA B 412 -26.87 10.44 12.48
C ALA B 412 -27.79 11.65 12.29
N TRP B 413 -28.76 11.52 11.38
CA TRP B 413 -29.70 12.59 11.04
C TRP B 413 -30.79 12.77 12.10
N GLN B 414 -30.90 11.86 13.05
CA GLN B 414 -31.98 11.95 14.03
C GLN B 414 -31.47 12.54 15.33
N PRO B 415 -32.15 13.54 15.89
CA PRO B 415 -31.69 14.13 17.15
C PRO B 415 -31.66 13.09 18.26
N ARG B 416 -30.62 13.17 19.10
CA ARG B 416 -30.45 12.30 20.26
C ARG B 416 -30.80 13.00 21.57
N LEU B 417 -31.55 14.10 21.49
CA LEU B 417 -31.99 14.86 22.65
C LEU B 417 -33.50 14.95 22.65
N GLU B 418 -34.08 15.12 23.84
CA GLU B 418 -35.53 15.24 23.97
C GLU B 418 -35.83 16.19 25.12
N HIS B 419 -36.68 17.17 24.85
CA HIS B 419 -37.08 18.12 25.88
C HIS B 419 -38.47 17.78 26.41
N ALA C 6 -27.05 -21.44 32.31
CA ALA C 6 -26.06 -21.88 33.28
C ALA C 6 -24.69 -22.12 32.64
N VAL C 7 -24.65 -22.93 31.58
CA VAL C 7 -23.42 -23.23 30.86
C VAL C 7 -23.25 -22.21 29.75
N ASP C 8 -22.13 -21.52 29.74
CA ASP C 8 -21.89 -20.46 28.78
C ASP C 8 -20.77 -20.87 27.82
N ASP C 9 -20.26 -19.89 27.08
CA ASP C 9 -19.30 -20.09 26.01
C ASP C 9 -17.93 -19.51 26.30
N TRP C 10 -17.69 -18.90 27.47
CA TRP C 10 -16.48 -18.09 27.61
C TRP C 10 -15.21 -18.95 27.47
N SER C 11 -15.17 -20.13 28.09
CA SER C 11 -13.97 -20.95 28.01
C SER C 11 -13.60 -21.27 26.56
N THR C 12 -14.60 -21.57 25.75
CA THR C 12 -14.34 -21.89 24.34
C THR C 12 -14.02 -20.65 23.52
N LEU C 13 -14.73 -19.54 23.75
CA LEU C 13 -14.39 -18.29 23.09
C LEU C 13 -12.96 -17.90 23.41
N ARG C 14 -12.55 -18.03 24.67
CA ARG C 14 -11.18 -17.71 25.03
C ARG C 14 -10.19 -18.56 24.22
N ARG C 15 -10.51 -19.84 24.05
CA ARG C 15 -9.58 -20.75 23.39
C ARG C 15 -9.41 -20.42 21.91
N ILE C 16 -10.48 -19.95 21.25
CA ILE C 16 -10.47 -19.76 19.80
C ILE C 16 -10.38 -18.30 19.38
N ALA C 17 -10.47 -17.33 20.31
CA ALA C 17 -10.49 -15.93 19.90
C ALA C 17 -9.51 -15.00 20.61
N ILE C 18 -8.73 -15.45 21.59
CA ILE C 18 -7.84 -14.58 22.36
C ILE C 18 -6.39 -14.97 22.08
N ASP C 19 -5.53 -13.97 21.82
CA ASP C 19 -4.13 -14.25 21.50
C ASP C 19 -3.30 -13.01 21.85
N ALA C 20 -1.97 -13.18 21.78
CA ALA C 20 -1.02 -12.11 22.09
C ALA C 20 -0.74 -11.19 20.92
N VAL C 21 -1.18 -11.55 19.73
CA VAL C 21 -1.15 -10.69 18.56
C VAL C 21 -2.59 -10.36 18.21
N SER C 22 -2.77 -9.42 17.28
CA SER C 22 -4.11 -9.03 16.89
C SER C 22 -4.84 -10.21 16.29
N THR C 23 -6.04 -10.48 16.77
CA THR C 23 -6.82 -11.60 16.27
C THR C 23 -7.68 -11.22 15.09
N GLY C 24 -7.62 -9.98 14.63
CA GLY C 24 -8.45 -9.59 13.50
C GLY C 24 -9.02 -8.19 13.64
N ARG C 25 -9.73 -7.73 12.61
CA ARG C 25 -10.20 -6.35 12.56
C ARG C 25 -11.66 -6.20 12.99
N ASN C 26 -12.39 -7.31 13.17
CA ASN C 26 -13.79 -7.22 13.56
C ASN C 26 -13.88 -6.59 14.96
N PRO C 27 -14.86 -5.72 15.19
CA PRO C 27 -14.94 -5.09 16.51
C PRO C 27 -15.25 -6.07 17.62
N GLU C 28 -15.97 -7.14 17.32
CA GLU C 28 -16.37 -8.08 18.36
C GLU C 28 -15.16 -8.76 19.01
N LEU C 29 -14.07 -8.92 18.25
CA LEU C 29 -12.85 -9.51 18.81
C LEU C 29 -12.24 -8.62 19.88
N LYS C 30 -12.35 -7.29 19.75
CA LYS C 30 -11.88 -6.43 20.83
C LYS C 30 -12.81 -6.49 22.02
N TRP C 31 -14.13 -6.58 21.79
CA TRP C 31 -15.05 -6.71 22.92
C TRP C 31 -14.78 -8.01 23.68
N LEU C 32 -14.43 -9.08 22.97
CA LEU C 32 -14.12 -10.35 23.64
C LEU C 32 -12.80 -10.25 24.40
N ALA C 33 -11.81 -9.58 23.82
CA ALA C 33 -10.54 -9.41 24.50
C ALA C 33 -10.71 -8.58 25.78
N ASP C 34 -11.70 -7.71 25.83
CA ASP C 34 -11.95 -6.90 27.01
C ASP C 34 -13.00 -7.50 27.94
N HIS C 35 -13.49 -8.69 27.63
CA HIS C 35 -14.57 -9.27 28.41
C HIS C 35 -14.06 -9.70 29.79
N PRO C 36 -14.75 -9.34 30.88
CA PRO C 36 -14.30 -9.74 32.23
C PRO C 36 -14.21 -11.24 32.39
N GLU C 37 -13.01 -11.71 32.69
CA GLU C 37 -12.80 -13.13 32.96
C GLU C 37 -13.61 -13.54 34.20
N GLY C 38 -14.08 -14.79 34.20
CA GLY C 38 -14.90 -15.26 35.28
C GLY C 38 -16.33 -14.75 35.25
N THR C 39 -16.78 -14.24 34.11
CA THR C 39 -18.15 -13.82 33.91
C THR C 39 -18.67 -14.45 32.63
N PRO C 40 -19.95 -14.79 32.58
CA PRO C 40 -20.46 -15.56 31.43
C PRO C 40 -20.44 -14.77 30.13
N ALA C 41 -20.33 -15.50 29.04
CA ALA C 41 -20.39 -14.92 27.72
C ALA C 41 -21.14 -15.89 26.82
N TYR C 42 -22.11 -15.40 26.06
CA TYR C 42 -22.86 -16.24 25.12
C TYR C 42 -22.66 -15.72 23.71
N ALA C 43 -22.25 -16.62 22.81
CA ALA C 43 -21.95 -16.25 21.43
C ALA C 43 -23.15 -16.64 20.57
N LEU C 44 -23.94 -15.64 20.16
CA LEU C 44 -25.01 -15.88 19.21
C LEU C 44 -24.84 -15.05 17.95
N HIS C 45 -23.63 -14.56 17.70
CA HIS C 45 -23.37 -13.65 16.58
C HIS C 45 -22.92 -14.37 15.32
N LEU C 46 -22.70 -15.69 15.38
CA LEU C 46 -22.31 -16.46 14.21
C LEU C 46 -23.14 -17.72 14.11
N ALA C 47 -23.31 -18.22 12.89
CA ALA C 47 -23.94 -19.51 12.65
C ALA C 47 -22.94 -20.63 12.91
N ASP C 48 -22.59 -20.79 14.17
CA ASP C 48 -21.41 -21.54 14.58
C ASP C 48 -21.66 -22.00 16.03
N PRO C 49 -22.33 -23.12 16.27
CA PRO C 49 -22.59 -23.55 17.66
C PRO C 49 -21.30 -23.96 18.34
N LEU C 50 -20.94 -23.26 19.40
CA LEU C 50 -19.68 -23.54 20.09
C LEU C 50 -19.77 -24.78 20.97
N GLU C 51 -20.96 -25.33 21.18
CA GLU C 51 -21.03 -26.56 21.96
C GLU C 51 -20.54 -27.76 21.18
N GLY C 52 -20.31 -27.62 19.88
CA GLY C 52 -19.66 -28.67 19.12
C GLY C 52 -20.64 -29.58 18.41
N ALA C 53 -20.03 -30.56 17.73
CA ALA C 53 -20.68 -31.47 16.81
C ALA C 53 -21.40 -32.61 17.53
N PRO C 54 -22.32 -33.30 16.85
CA PRO C 54 -23.04 -34.41 17.51
C PRO C 54 -22.07 -35.50 17.95
N GLU C 55 -22.39 -36.13 19.08
CA GLU C 55 -21.47 -37.12 19.62
C GLU C 55 -21.20 -38.27 18.64
N GLY C 56 -22.22 -38.68 17.87
CA GLY C 56 -22.01 -39.76 16.92
C GLY C 56 -20.96 -39.45 15.85
N LEU C 57 -20.88 -38.18 15.43
CA LEU C 57 -19.85 -37.79 14.46
C LEU C 57 -18.47 -37.76 15.11
N ARG C 58 -18.35 -37.13 16.28
CA ARG C 58 -17.06 -37.14 16.97
C ARG C 58 -16.62 -38.56 17.34
N GLN C 59 -17.57 -39.46 17.60
CA GLN C 59 -17.23 -40.86 17.89
C GLN C 59 -16.56 -41.52 16.70
N CYS C 60 -17.06 -41.26 15.49
CA CYS C 60 -16.45 -41.82 14.30
C CYS C 60 -15.00 -41.39 14.18
N LEU C 61 -14.74 -40.11 14.47
CA LEU C 61 -13.37 -39.59 14.42
C LEU C 61 -12.49 -40.26 15.46
N ARG C 62 -12.99 -40.34 16.69
CA ARG C 62 -12.22 -40.97 17.76
C ARG C 62 -11.87 -42.41 17.42
N GLU C 63 -12.83 -43.18 16.93
CA GLU C 63 -12.60 -44.63 16.83
C GLU C 63 -11.68 -45.00 15.68
N ALA C 64 -11.43 -44.09 14.75
CA ALA C 64 -10.54 -44.30 13.62
C ALA C 64 -9.13 -43.76 13.87
N TRP C 65 -8.84 -43.31 15.10
CA TRP C 65 -7.54 -42.74 15.41
C TRP C 65 -6.37 -43.64 15.08
N ASP C 66 -6.58 -44.96 15.02
CA ASP C 66 -5.48 -45.91 14.82
C ASP C 66 -5.43 -46.44 13.39
N GLU C 67 -6.19 -45.85 12.47
CA GLU C 67 -6.21 -46.18 11.04
C GLU C 67 -5.30 -45.23 10.26
N PRO C 68 -4.67 -45.67 9.18
CA PRO C 68 -3.79 -44.76 8.39
C PRO C 68 -4.55 -43.79 7.47
N LEU C 69 -4.97 -42.68 8.06
CA LEU C 69 -5.81 -41.68 7.39
C LEU C 69 -5.16 -40.31 7.37
N ASP C 70 -3.84 -40.24 7.46
CA ASP C 70 -3.17 -38.95 7.59
C ASP C 70 -2.50 -38.49 6.30
N SER C 71 -2.57 -39.30 5.25
CA SER C 71 -1.79 -39.03 4.05
C SER C 71 -2.62 -38.22 3.05
N TYR C 72 -2.01 -37.87 1.93
CA TYR C 72 -2.79 -37.35 0.81
C TYR C 72 -3.87 -38.33 0.45
N VAL C 73 -5.01 -37.80 -0.02
CA VAL C 73 -6.07 -38.62 -0.59
C VAL C 73 -5.88 -38.61 -2.10
N LEU C 74 -5.74 -39.79 -2.68
CA LEU C 74 -5.25 -39.90 -4.06
C LEU C 74 -6.34 -39.67 -5.11
N SER C 75 -7.60 -39.56 -4.73
CA SER C 75 -8.64 -39.15 -5.68
C SER C 75 -8.94 -37.68 -5.43
N HIS C 76 -8.82 -36.87 -6.48
CA HIS C 76 -9.09 -35.44 -6.34
C HIS C 76 -10.54 -35.15 -6.00
N HIS C 77 -11.44 -36.11 -6.19
CA HIS C 77 -12.85 -35.91 -5.85
C HIS C 77 -13.19 -36.33 -4.43
N GLY C 78 -12.23 -36.85 -3.67
CA GLY C 78 -12.47 -37.32 -2.32
C GLY C 78 -12.67 -38.82 -2.25
N LEU C 79 -12.74 -39.32 -1.02
CA LEU C 79 -12.98 -40.74 -0.79
C LEU C 79 -14.32 -41.15 -1.40
N PRO C 80 -14.36 -42.21 -2.22
CA PRO C 80 -15.66 -42.69 -2.73
C PRO C 80 -16.72 -42.84 -1.66
N GLU C 81 -16.37 -43.37 -0.49
CA GLU C 81 -17.38 -43.63 0.52
C GLU C 81 -18.04 -42.33 0.99
N LEU C 82 -17.26 -41.24 1.06
CA LEU C 82 -17.85 -39.95 1.43
C LEU C 82 -18.67 -39.36 0.29
N ARG C 83 -18.12 -39.38 -0.93
CA ARG C 83 -18.88 -38.88 -2.08
C ARG C 83 -20.26 -39.51 -2.14
N GLN C 84 -20.31 -40.83 -1.97
CA GLN C 84 -21.56 -41.56 -2.08
C GLN C 84 -22.49 -41.24 -0.92
N ALA C 85 -21.96 -41.22 0.30
CA ALA C 85 -22.83 -41.01 1.45
C ALA C 85 -23.37 -39.58 1.46
N MET C 86 -22.56 -38.62 1.01
CA MET C 86 -22.97 -37.23 0.98
C MET C 86 -23.98 -36.97 -0.13
N GLU C 87 -23.71 -37.49 -1.33
CA GLU C 87 -24.70 -37.39 -2.39
C GLU C 87 -26.04 -37.96 -1.94
N ARG C 88 -26.02 -39.15 -1.34
CA ARG C 88 -27.25 -39.78 -0.85
C ARG C 88 -27.96 -38.89 0.15
N TRP C 89 -27.23 -38.38 1.14
CA TRP C 89 -27.88 -37.65 2.21
C TRP C 89 -28.51 -36.36 1.69
N PHE C 90 -27.79 -35.64 0.82
CA PHE C 90 -28.31 -34.40 0.26
C PHE C 90 -29.41 -34.66 -0.75
N ALA C 91 -29.28 -35.72 -1.56
CA ALA C 91 -30.32 -35.99 -2.54
C ALA C 91 -31.63 -36.33 -1.87
N ASP C 92 -31.56 -37.02 -0.73
CA ASP C 92 -32.79 -37.34 0.00
C ASP C 92 -33.33 -36.09 0.68
N ASP C 93 -32.45 -35.34 1.36
CA ASP C 93 -32.88 -34.12 2.04
C ASP C 93 -33.53 -33.15 1.07
N GLU C 94 -33.01 -33.02 -0.14
CA GLU C 94 -33.48 -32.06 -1.13
C GLU C 94 -34.41 -32.66 -2.17
N ASN C 95 -34.75 -33.94 -2.04
CA ASN C 95 -35.68 -34.61 -2.96
C ASN C 95 -35.19 -34.47 -4.41
N TRP C 96 -33.91 -34.76 -4.64
CA TRP C 96 -33.41 -34.75 -6.01
C TRP C 96 -34.05 -35.88 -6.80
N PRO C 97 -34.34 -35.66 -8.08
CA PRO C 97 -34.84 -36.77 -8.91
C PRO C 97 -33.71 -37.76 -9.21
N ARG C 98 -34.07 -39.06 -9.25
CA ARG C 98 -33.07 -40.06 -9.60
C ARG C 98 -32.51 -39.84 -11.00
N ARG C 99 -33.35 -39.34 -11.90
CA ARG C 99 -32.99 -39.04 -13.28
C ARG C 99 -32.08 -37.82 -13.36
N ARG C 100 -30.77 -38.02 -13.32
CA ARG C 100 -29.85 -36.87 -13.31
C ARG C 100 -28.49 -37.30 -13.84
N ARG C 101 -27.82 -36.36 -14.52
CA ARG C 101 -26.46 -36.55 -15.01
C ARG C 101 -25.42 -35.90 -14.12
N LEU C 102 -25.86 -35.02 -13.22
CA LEU C 102 -24.92 -34.33 -12.34
C LEU C 102 -24.13 -35.32 -11.50
N LEU C 103 -22.87 -35.01 -11.26
CA LEU C 103 -22.01 -35.83 -10.42
C LEU C 103 -21.53 -34.99 -9.24
N THR C 104 -21.27 -35.65 -8.11
CA THR C 104 -20.95 -34.99 -6.85
C THR C 104 -19.49 -35.19 -6.49
N THR C 105 -18.82 -34.11 -6.09
CA THR C 105 -17.43 -34.17 -5.65
C THR C 105 -17.34 -33.54 -4.26
N ALA C 106 -16.39 -34.01 -3.47
CA ALA C 106 -16.23 -33.55 -2.10
C ALA C 106 -15.20 -32.44 -2.02
N THR C 107 -15.46 -31.46 -1.15
CA THR C 107 -14.56 -30.34 -0.91
C THR C 107 -14.13 -30.35 0.54
N MET C 108 -12.88 -29.95 0.81
CA MET C 108 -12.31 -30.23 2.10
C MET C 108 -11.64 -29.02 2.74
N THR C 109 -11.73 -27.84 2.12
CA THR C 109 -11.23 -26.62 2.75
C THR C 109 -12.30 -25.54 2.85
N GLY C 110 -13.57 -25.89 2.71
CA GLY C 110 -14.66 -24.94 2.90
C GLY C 110 -15.37 -24.63 1.59
N THR C 111 -16.66 -24.32 1.69
CA THR C 111 -17.33 -24.04 0.41
C THR C 111 -17.09 -22.61 -0.05
N GLY C 112 -16.50 -21.74 0.77
CA GLY C 112 -16.07 -20.43 0.30
C GLY C 112 -15.00 -20.58 -0.77
N PRO C 113 -13.90 -21.25 -0.41
CA PRO C 113 -12.91 -21.62 -1.42
C PRO C 113 -13.51 -22.38 -2.60
N ALA C 114 -14.43 -23.31 -2.36
CA ALA C 114 -15.09 -24.01 -3.46
C ALA C 114 -15.76 -23.05 -4.42
N MET C 115 -16.60 -22.12 -3.91
CA MET C 115 -17.24 -21.25 -4.90
C MET C 115 -16.28 -20.23 -5.52
N TYR C 116 -15.21 -19.86 -4.82
CA TYR C 116 -14.17 -19.08 -5.50
C TYR C 116 -13.63 -19.82 -6.72
N ASP C 117 -13.30 -21.10 -6.56
CA ASP C 117 -12.76 -21.88 -7.67
C ASP C 117 -13.80 -22.28 -8.69
N LEU C 118 -15.08 -22.37 -8.30
CA LEU C 118 -16.12 -22.61 -9.29
C LEU C 118 -16.31 -21.37 -10.17
N LEU C 119 -16.17 -20.18 -9.60
CA LEU C 119 -16.25 -18.97 -10.42
C LEU C 119 -15.10 -18.93 -11.41
N ARG C 120 -13.91 -19.35 -10.98
CA ARG C 120 -12.79 -19.48 -11.90
C ARG C 120 -13.05 -20.52 -13.00
N THR C 121 -13.73 -21.61 -12.64
CA THR C 121 -14.01 -22.69 -13.58
C THR C 121 -14.99 -22.24 -14.66
N ILE C 122 -16.08 -21.60 -14.26
CA ILE C 122 -16.99 -20.97 -15.23
C ILE C 122 -16.23 -19.98 -16.12
N LYS C 123 -15.42 -19.11 -15.52
CA LYS C 123 -14.70 -18.09 -16.27
C LYS C 123 -13.81 -18.72 -17.33
N ALA C 124 -13.18 -19.85 -17.01
CA ALA C 124 -12.30 -20.51 -17.96
C ALA C 124 -13.06 -21.18 -19.09
N ARG C 125 -14.30 -21.61 -18.84
CA ARG C 125 -15.14 -22.27 -19.84
C ARG C 125 -15.88 -21.30 -20.75
N GLU C 126 -15.93 -20.10 -20.39
CA GLU C 126 -16.70 -19.12 -21.12
C GLU C 126 -15.77 -18.25 -21.95
N PRO C 127 -16.22 -17.67 -23.05
CA PRO C 127 -15.36 -16.75 -23.80
C PRO C 127 -14.96 -15.58 -22.93
N GLU C 128 -13.74 -15.09 -23.14
CA GLU C 128 -13.29 -13.91 -22.44
C GLU C 128 -14.17 -12.70 -22.81
N GLY C 129 -14.50 -11.92 -21.79
CA GLY C 129 -15.32 -10.73 -21.95
C GLY C 129 -15.73 -10.19 -20.59
N PRO C 130 -16.45 -9.07 -20.57
CA PRO C 130 -16.85 -8.48 -19.29
C PRO C 130 -18.00 -9.27 -18.67
N MET C 131 -17.85 -9.65 -17.41
CA MET C 131 -18.80 -10.57 -16.79
C MET C 131 -19.34 -10.03 -15.47
N ALA C 132 -20.64 -10.20 -15.25
CA ALA C 132 -21.25 -9.88 -13.96
C ALA C 132 -21.63 -11.17 -13.27
N ALA C 133 -21.47 -11.18 -11.95
CA ALA C 133 -22.02 -12.21 -11.10
C ALA C 133 -23.20 -11.60 -10.34
N LEU C 134 -24.37 -12.19 -10.47
CA LEU C 134 -25.58 -11.64 -9.86
C LEU C 134 -25.77 -12.31 -8.53
N VAL C 135 -25.71 -11.54 -7.44
CA VAL C 135 -25.62 -12.10 -6.10
C VAL C 135 -26.70 -11.48 -5.22
N PRO C 136 -27.22 -12.21 -4.23
CA PRO C 136 -28.24 -11.62 -3.36
C PRO C 136 -27.69 -10.48 -2.50
N ARG C 137 -28.52 -9.44 -2.33
CA ARG C 137 -28.12 -8.30 -1.51
C ARG C 137 -29.26 -7.87 -0.59
N PRO C 138 -29.16 -8.06 0.73
CA PRO C 138 -28.02 -8.61 1.49
C PRO C 138 -27.81 -10.10 1.21
N GLY C 139 -26.63 -10.59 1.57
CA GLY C 139 -26.34 -11.99 1.36
C GLY C 139 -24.99 -12.34 1.94
N TRP C 140 -24.57 -13.56 1.66
CA TRP C 140 -23.28 -14.06 2.11
C TRP C 140 -22.16 -13.48 1.25
N ASP C 141 -20.97 -14.08 1.30
CA ASP C 141 -19.75 -13.44 0.81
C ASP C 141 -19.49 -13.66 -0.67
N TYR C 142 -20.50 -14.04 -1.46
CA TYR C 142 -20.27 -14.30 -2.88
C TYR C 142 -19.61 -13.11 -3.58
N ARG C 143 -20.04 -11.89 -3.25
CA ARG C 143 -19.51 -10.70 -3.94
C ARG C 143 -18.00 -10.58 -3.76
N LEU C 144 -17.46 -11.08 -2.63
CA LEU C 144 -16.01 -10.99 -2.41
C LEU C 144 -15.27 -11.92 -3.36
N PHE C 145 -15.74 -13.17 -3.49
CA PHE C 145 -15.08 -14.08 -4.41
C PHE C 145 -15.21 -13.59 -5.85
N ALA C 146 -16.41 -13.14 -6.24
CA ALA C 146 -16.63 -12.67 -7.61
C ALA C 146 -15.66 -11.55 -7.98
N HIS C 147 -15.56 -10.54 -7.12
CA HIS C 147 -14.64 -9.44 -7.40
C HIS C 147 -13.21 -9.93 -7.56
N ASP C 148 -12.74 -10.82 -6.66
CA ASP C 148 -11.33 -11.21 -6.72
C ASP C 148 -11.03 -12.10 -7.93
N VAL C 149 -12.04 -12.72 -8.53
CA VAL C 149 -11.83 -13.62 -9.66
C VAL C 149 -12.07 -12.91 -10.99
N GLY C 150 -12.64 -11.71 -10.97
CA GLY C 150 -12.75 -10.89 -12.16
C GLY C 150 -14.15 -10.67 -12.67
N TYR C 151 -15.17 -10.96 -11.87
CA TYR C 151 -16.54 -10.58 -12.18
C TYR C 151 -16.87 -9.26 -11.49
N GLU C 152 -17.76 -8.48 -12.09
CA GLU C 152 -18.34 -7.39 -11.32
C GLU C 152 -19.56 -7.93 -10.60
N PRO C 153 -19.63 -7.84 -9.27
CA PRO C 153 -20.83 -8.34 -8.58
C PRO C 153 -21.94 -7.32 -8.71
N ILE C 154 -23.13 -7.82 -9.02
CA ILE C 154 -24.32 -6.98 -9.15
C ILE C 154 -25.35 -7.56 -8.19
N GLY C 155 -25.79 -6.74 -7.24
CA GLY C 155 -26.71 -7.26 -6.24
C GLY C 155 -28.14 -7.21 -6.75
N TYR C 156 -28.90 -8.24 -6.43
CA TYR C 156 -30.34 -8.21 -6.61
C TYR C 156 -31.03 -8.12 -5.26
N HIS C 157 -32.09 -7.31 -5.21
CA HIS C 157 -32.68 -6.93 -3.94
C HIS C 157 -33.32 -8.12 -3.24
N VAL C 158 -32.96 -8.32 -1.98
CA VAL C 158 -33.59 -9.32 -1.14
C VAL C 158 -34.27 -8.59 0.01
N PRO C 159 -35.61 -8.52 0.03
CA PRO C 159 -36.30 -7.83 1.12
C PRO C 159 -36.18 -8.64 2.40
N PHE C 160 -35.84 -7.97 3.49
CA PHE C 160 -35.73 -8.69 4.76
C PHE C 160 -37.05 -8.75 5.52
N THR C 161 -38.03 -7.95 5.13
CA THR C 161 -39.26 -7.87 5.88
C THR C 161 -40.23 -8.97 5.53
N SER C 162 -40.07 -9.60 4.36
CA SER C 162 -40.91 -10.67 3.86
C SER C 162 -40.29 -12.01 4.22
N PRO C 163 -41.09 -12.99 4.68
CA PRO C 163 -40.51 -14.32 4.91
C PRO C 163 -40.23 -15.08 3.63
N THR C 164 -40.67 -14.60 2.48
CA THR C 164 -40.61 -15.40 1.26
C THR C 164 -39.70 -14.82 0.19
N GLY C 165 -38.95 -13.77 0.49
CA GLY C 165 -37.79 -13.43 -0.32
C GLY C 165 -38.12 -12.55 -1.52
N PRO C 166 -37.20 -12.50 -2.46
CA PRO C 166 -37.35 -11.60 -3.60
C PRO C 166 -38.50 -12.00 -4.51
N GLU C 167 -38.97 -11.02 -5.27
CA GLU C 167 -39.91 -11.22 -6.38
C GLU C 167 -39.14 -11.27 -7.69
N PRO C 168 -39.73 -11.86 -8.76
CA PRO C 168 -39.08 -11.83 -10.08
C PRO C 168 -38.59 -10.44 -10.50
N GLY C 169 -39.35 -9.37 -10.20
CA GLY C 169 -38.94 -8.03 -10.59
C GLY C 169 -37.63 -7.60 -9.96
N ASP C 170 -37.31 -8.10 -8.77
CA ASP C 170 -36.02 -7.83 -8.16
C ASP C 170 -34.88 -8.40 -8.99
N LEU C 171 -35.09 -9.56 -9.61
CA LEU C 171 -34.08 -10.09 -10.52
C LEU C 171 -34.02 -9.29 -11.81
N ASP C 172 -35.18 -8.91 -12.36
CA ASP C 172 -35.21 -8.11 -13.58
C ASP C 172 -34.42 -6.81 -13.42
N ARG C 173 -34.54 -6.16 -12.27
CA ARG C 173 -33.83 -4.90 -12.08
C ARG C 173 -32.32 -5.13 -12.06
N ALA C 174 -31.86 -6.26 -11.52
CA ALA C 174 -30.43 -6.53 -11.55
C ALA C 174 -29.96 -6.85 -12.96
N VAL C 175 -30.77 -7.59 -13.72
CA VAL C 175 -30.43 -7.87 -15.12
C VAL C 175 -30.35 -6.56 -15.90
N GLU C 176 -31.24 -5.63 -15.61
CA GLU C 176 -31.27 -4.34 -16.29
C GLU C 176 -30.04 -3.50 -15.95
N GLN C 177 -29.60 -3.55 -14.70
CA GLN C 177 -28.41 -2.79 -14.33
C GLN C 177 -27.15 -3.41 -14.93
N THR C 178 -27.13 -4.74 -15.05
CA THR C 178 -26.04 -5.41 -15.76
C THR C 178 -25.94 -4.93 -17.20
N ARG C 179 -27.08 -4.83 -17.89
CA ARG C 179 -27.05 -4.36 -19.27
C ARG C 179 -26.63 -2.89 -19.33
N ALA C 180 -27.18 -2.07 -18.44
CA ALA C 180 -26.81 -0.65 -18.40
C ALA C 180 -25.31 -0.47 -18.19
N LYS C 181 -24.65 -1.41 -17.54
CA LYS C 181 -23.21 -1.32 -17.28
C LYS C 181 -22.38 -1.95 -18.38
N GLY C 182 -23.02 -2.59 -19.35
CA GLY C 182 -22.30 -3.18 -20.47
C GLY C 182 -21.72 -4.53 -20.18
N LEU C 183 -22.22 -5.22 -19.16
CA LEU C 183 -21.70 -6.50 -18.71
C LEU C 183 -22.61 -7.62 -19.17
N ARG C 184 -22.04 -8.80 -19.29
CA ARG C 184 -22.83 -9.99 -19.54
C ARG C 184 -23.26 -10.60 -18.21
N PRO C 185 -24.56 -10.85 -17.99
CA PRO C 185 -24.96 -11.60 -16.79
C PRO C 185 -24.51 -13.05 -16.92
N THR C 186 -23.47 -13.43 -16.19
CA THR C 186 -22.76 -14.66 -16.48
C THR C 186 -23.06 -15.77 -15.49
N VAL C 187 -23.17 -15.43 -14.21
CA VAL C 187 -23.58 -16.38 -13.18
C VAL C 187 -24.58 -15.70 -12.27
N LEU C 188 -25.63 -16.43 -11.90
CA LEU C 188 -26.59 -16.04 -10.88
C LEU C 188 -26.37 -16.96 -9.68
N VAL C 189 -26.08 -16.36 -8.53
CA VAL C 189 -26.04 -17.10 -7.26
C VAL C 189 -27.41 -17.05 -6.60
N LEU C 190 -27.93 -18.24 -6.28
CA LEU C 190 -29.15 -18.33 -5.48
C LEU C 190 -28.83 -18.89 -4.10
N ASN C 191 -29.58 -18.42 -3.10
CA ASN C 191 -29.42 -18.92 -1.73
C ASN C 191 -30.81 -18.86 -1.08
N PRO C 192 -31.71 -19.79 -1.46
CA PRO C 192 -33.13 -19.65 -1.11
C PRO C 192 -33.45 -19.87 0.36
N GLN C 193 -32.61 -20.59 1.11
CA GLN C 193 -32.69 -20.58 2.58
C GLN C 193 -31.62 -19.59 3.03
N HIS C 194 -32.05 -18.33 3.12
CA HIS C 194 -31.18 -17.17 2.89
C HIS C 194 -30.36 -16.74 4.11
N TYR C 195 -29.03 -16.68 3.92
CA TYR C 195 -28.15 -16.01 4.86
C TYR C 195 -28.26 -14.51 4.61
N ALA C 196 -28.72 -13.74 5.60
CA ALA C 196 -29.14 -14.20 6.91
C ALA C 196 -30.38 -13.41 7.32
N THR C 197 -31.38 -13.40 6.45
CA THR C 197 -32.67 -12.81 6.77
C THR C 197 -33.65 -13.81 7.37
N GLY C 198 -33.37 -15.09 7.23
CA GLY C 198 -34.36 -16.09 7.59
C GLY C 198 -35.34 -16.42 6.48
N GLY C 199 -35.19 -15.83 5.30
CA GLY C 199 -36.15 -16.08 4.25
C GLY C 199 -36.09 -17.51 3.73
N ASN C 200 -37.23 -17.97 3.23
CA ASN C 200 -37.35 -19.21 2.47
C ASN C 200 -37.97 -18.78 1.14
N TRP C 201 -37.15 -18.67 0.09
CA TRP C 201 -37.61 -18.09 -1.17
C TRP C 201 -38.61 -19.04 -1.83
N THR C 202 -39.43 -18.46 -2.72
CA THR C 202 -40.57 -19.20 -3.27
C THR C 202 -40.19 -20.07 -4.46
N PRO C 203 -40.86 -21.21 -4.65
CA PRO C 203 -40.71 -21.94 -5.92
C PRO C 203 -40.95 -21.06 -7.14
N GLU C 204 -41.92 -20.13 -7.07
CA GLU C 204 -42.20 -19.22 -8.19
C GLU C 204 -40.98 -18.40 -8.57
N PHE C 205 -40.33 -17.79 -7.58
CA PHE C 205 -39.13 -17.02 -7.85
C PHE C 205 -38.00 -17.90 -8.36
N VAL C 206 -37.78 -19.05 -7.71
CA VAL C 206 -36.66 -19.90 -8.15
C VAL C 206 -36.89 -20.38 -9.58
N ARG C 207 -38.13 -20.77 -9.90
CA ARG C 207 -38.45 -21.18 -11.27
C ARG C 207 -38.24 -20.02 -12.22
N TYR C 208 -38.63 -18.82 -11.80
CA TYR C 208 -38.41 -17.65 -12.65
C TYR C 208 -36.93 -17.46 -12.88
N ALA C 209 -36.12 -17.51 -11.81
CA ALA C 209 -34.68 -17.36 -11.96
C ALA C 209 -34.08 -18.38 -12.92
N LEU C 210 -34.54 -19.63 -12.83
CA LEU C 210 -33.97 -20.67 -13.68
C LEU C 210 -34.33 -20.45 -15.14
N SER C 211 -35.57 -20.06 -15.41
CA SER C 211 -36.00 -19.79 -16.77
C SER C 211 -35.25 -18.60 -17.35
N LEU C 212 -35.07 -17.55 -16.55
CA LEU C 212 -34.33 -16.39 -17.04
C LEU C 212 -32.87 -16.76 -17.32
N ALA C 213 -32.25 -17.54 -16.44
CA ALA C 213 -30.88 -17.97 -16.66
C ALA C 213 -30.77 -18.80 -17.93
N ASP C 214 -31.77 -19.63 -18.20
CA ASP C 214 -31.78 -20.41 -19.43
C ASP C 214 -31.84 -19.48 -20.63
N THR C 215 -32.74 -18.50 -20.59
CA THR C 215 -32.88 -17.56 -21.71
C THR C 215 -31.59 -16.78 -21.93
N LEU C 216 -30.94 -16.33 -20.85
CA LEU C 216 -29.73 -15.54 -20.97
C LEU C 216 -28.46 -16.38 -21.11
N GLY C 217 -28.56 -17.69 -20.98
CA GLY C 217 -27.36 -18.51 -21.02
C GLY C 217 -26.48 -18.36 -19.80
N MET C 218 -27.04 -17.94 -18.67
CA MET C 218 -26.29 -17.80 -17.44
C MET C 218 -26.13 -19.14 -16.74
N TRP C 219 -25.06 -19.27 -15.97
CA TRP C 219 -24.93 -20.35 -15.00
C TRP C 219 -25.72 -20.02 -13.73
N VAL C 220 -26.18 -21.07 -13.03
CA VAL C 220 -26.87 -20.93 -11.76
C VAL C 220 -26.07 -21.70 -10.73
N LEU C 221 -25.57 -20.98 -9.72
CA LEU C 221 -24.89 -21.59 -8.58
C LEU C 221 -25.85 -21.47 -7.41
N VAL C 222 -26.32 -22.61 -6.89
CA VAL C 222 -27.21 -22.57 -5.74
C VAL C 222 -26.43 -23.06 -4.52
N ASP C 223 -26.33 -22.19 -3.52
CA ASP C 223 -25.77 -22.49 -2.22
C ASP C 223 -26.90 -22.95 -1.29
N ASN C 224 -26.81 -24.18 -0.81
CA ASN C 224 -27.88 -24.75 0.02
C ASN C 224 -27.39 -25.06 1.42
N ALA C 225 -26.53 -24.20 1.96
CA ALA C 225 -25.97 -24.39 3.30
C ALA C 225 -27.04 -24.63 4.35
N TYR C 226 -28.13 -23.87 4.32
CA TYR C 226 -29.16 -23.97 5.33
C TYR C 226 -30.40 -24.72 4.84
N HIS C 227 -30.30 -25.47 3.74
CA HIS C 227 -31.51 -26.13 3.20
C HIS C 227 -32.15 -27.05 4.24
N GLY C 228 -31.32 -27.79 5.00
CA GLY C 228 -31.76 -28.74 5.98
C GLY C 228 -31.98 -28.19 7.37
N MET C 229 -31.98 -26.88 7.52
CA MET C 229 -32.07 -26.26 8.84
C MET C 229 -33.18 -25.22 8.90
N THR C 230 -34.21 -25.36 8.07
CA THR C 230 -35.39 -24.54 8.26
C THR C 230 -36.09 -24.98 9.54
N ALA C 231 -36.80 -24.05 10.17
CA ALA C 231 -37.59 -24.40 11.34
C ALA C 231 -38.56 -25.52 11.02
N ALA C 232 -38.76 -26.45 11.96
CA ALA C 232 -39.73 -27.52 11.76
C ALA C 232 -41.07 -26.91 11.35
N GLY C 233 -41.75 -27.57 10.41
CA GLY C 233 -42.97 -27.04 9.86
C GLY C 233 -42.81 -26.09 8.68
N THR C 234 -41.57 -25.79 8.27
CA THR C 234 -41.30 -24.98 7.10
C THR C 234 -40.72 -25.87 6.01
N GLN C 235 -41.36 -25.89 4.80
CA GLN C 235 -40.62 -26.75 3.88
C GLN C 235 -39.69 -25.92 3.00
N PRO C 236 -38.42 -26.30 2.91
CA PRO C 236 -37.46 -25.54 2.10
C PRO C 236 -37.69 -25.74 0.61
N THR C 237 -37.52 -24.66 -0.15
CA THR C 237 -37.56 -24.77 -1.60
C THR C 237 -36.29 -25.43 -2.10
N SER C 238 -36.44 -26.49 -2.91
CA SER C 238 -35.34 -27.26 -3.47
C SER C 238 -35.05 -26.78 -4.89
N THR C 239 -33.95 -26.05 -5.07
CA THR C 239 -33.61 -25.53 -6.39
C THR C 239 -33.26 -26.65 -7.36
N VAL C 240 -32.58 -27.69 -6.88
CA VAL C 240 -32.16 -28.79 -7.76
C VAL C 240 -33.38 -29.51 -8.31
N ARG C 241 -34.37 -29.76 -7.46
CA ARG C 241 -35.61 -30.37 -7.93
C ARG C 241 -36.29 -29.52 -8.99
N LEU C 242 -36.54 -28.25 -8.68
CA LEU C 242 -37.17 -27.37 -9.66
C LEU C 242 -36.37 -27.29 -10.96
N ALA C 243 -35.04 -27.28 -10.86
CA ALA C 243 -34.22 -27.12 -12.07
C ALA C 243 -34.28 -28.35 -12.95
N LEU C 244 -34.04 -29.53 -12.37
CA LEU C 244 -34.02 -30.75 -13.15
C LEU C 244 -35.39 -31.06 -13.73
N ASP C 245 -36.44 -30.87 -12.93
CA ASP C 245 -37.80 -31.06 -13.45
C ASP C 245 -38.08 -30.12 -14.61
N GLY C 246 -37.52 -28.91 -14.57
CA GLY C 246 -37.72 -27.94 -15.62
C GLY C 246 -36.77 -28.05 -16.77
N GLY C 247 -35.81 -28.96 -16.71
CA GLY C 247 -34.88 -29.18 -17.79
C GLY C 247 -33.59 -28.37 -17.73
N PHE C 248 -33.34 -27.64 -16.64
CA PHE C 248 -32.15 -26.82 -16.53
C PHE C 248 -31.13 -27.65 -15.75
N GLU C 249 -30.16 -28.19 -16.46
CA GLU C 249 -29.17 -29.03 -15.77
C GLU C 249 -27.74 -28.70 -16.17
N GLU C 250 -27.49 -28.42 -17.46
CA GLU C 250 -26.13 -28.28 -17.97
C GLU C 250 -25.32 -27.23 -17.21
N ARG C 251 -25.93 -26.07 -16.94
CA ARG C 251 -25.20 -24.98 -16.27
C ARG C 251 -25.65 -24.78 -14.82
N LEU C 252 -26.19 -25.83 -14.20
CA LEU C 252 -26.49 -25.84 -12.77
C LEU C 252 -25.30 -26.35 -11.95
N ILE C 253 -25.02 -25.65 -10.84
CA ILE C 253 -23.97 -26.05 -9.89
C ILE C 253 -24.60 -25.97 -8.51
N HIS C 254 -24.59 -27.10 -7.78
CA HIS C 254 -25.08 -27.12 -6.41
C HIS C 254 -23.89 -27.21 -5.46
N VAL C 255 -23.89 -26.40 -4.40
CA VAL C 255 -22.83 -26.35 -3.40
C VAL C 255 -23.50 -26.43 -2.03
N ARG C 256 -22.97 -27.28 -1.16
CA ARG C 256 -23.56 -27.34 0.18
C ARG C 256 -22.54 -27.83 1.19
N THR C 257 -22.30 -27.01 2.22
CA THR C 257 -21.45 -27.43 3.32
C THR C 257 -22.15 -28.40 4.27
N LEU C 258 -21.40 -29.37 4.80
CA LEU C 258 -21.91 -30.20 5.89
C LEU C 258 -21.78 -29.52 7.24
N GLY C 259 -20.94 -28.48 7.34
CA GLY C 259 -20.66 -27.83 8.62
C GLY C 259 -21.85 -27.14 9.26
N GLN C 261 -24.86 -27.92 8.71
CA GLN C 261 -25.84 -28.97 8.96
C GLN C 261 -25.59 -29.71 10.28
N PHE C 262 -24.32 -29.85 10.63
CA PHE C 262 -23.98 -30.76 11.71
C PHE C 262 -23.07 -30.10 12.73
N ALA C 263 -23.22 -28.77 12.89
CA ALA C 263 -22.60 -28.02 13.99
C ALA C 263 -21.09 -28.25 14.03
N CYS C 264 -20.48 -28.24 12.86
CA CYS C 264 -19.05 -28.58 12.73
C CYS C 264 -18.41 -27.76 11.61
N ASN C 265 -18.62 -26.45 11.64
CA ASN C 265 -18.08 -25.55 10.63
C ASN C 265 -16.58 -25.75 10.41
N GLY C 266 -15.83 -26.01 11.48
CA GLY C 266 -14.39 -26.15 11.35
C GLY C 266 -13.94 -27.40 10.61
N TRP C 267 -14.82 -28.39 10.46
CA TRP C 267 -14.42 -29.59 9.72
C TRP C 267 -14.25 -29.31 8.23
N ALA C 268 -14.95 -28.30 7.71
CA ALA C 268 -14.74 -27.80 6.35
C ALA C 268 -15.00 -28.87 5.28
N VAL C 269 -15.95 -29.77 5.50
CA VAL C 269 -16.32 -30.78 4.50
C VAL C 269 -17.60 -30.30 3.83
N GLY C 270 -17.63 -30.37 2.50
CA GLY C 270 -18.83 -30.02 1.80
C GLY C 270 -18.87 -30.70 0.45
N SER C 271 -19.84 -30.34 -0.38
CA SER C 271 -20.02 -31.04 -1.65
C SER C 271 -20.29 -30.04 -2.74
N VAL C 272 -19.88 -30.40 -3.96
CA VAL C 272 -20.15 -29.66 -5.18
C VAL C 272 -20.73 -30.66 -6.18
N THR C 273 -21.85 -30.30 -6.82
CA THR C 273 -22.56 -31.19 -7.72
C THR C 273 -22.85 -30.44 -9.02
N ALA C 274 -22.41 -30.99 -10.15
CA ALA C 274 -22.52 -30.31 -11.44
C ALA C 274 -22.30 -31.35 -12.55
N MET C 275 -22.39 -30.91 -13.81
CA MET C 275 -22.07 -31.83 -14.91
C MET C 275 -20.66 -32.41 -14.82
N PRO C 276 -20.46 -33.61 -15.37
CA PRO C 276 -19.16 -34.30 -15.25
C PRO C 276 -17.99 -33.48 -15.72
N ASP C 277 -18.13 -32.77 -16.83
CA ASP C 277 -17.04 -31.96 -17.36
C ASP C 277 -16.71 -30.80 -16.44
N VAL C 278 -17.72 -30.23 -15.78
CA VAL C 278 -17.48 -29.08 -14.89
C VAL C 278 -16.77 -29.54 -13.62
N ILE C 279 -17.23 -30.63 -13.01
CA ILE C 279 -16.57 -31.08 -11.80
C ILE C 279 -15.16 -31.57 -12.11
N ASP C 280 -14.93 -32.11 -13.31
CA ASP C 280 -13.59 -32.54 -13.68
C ASP C 280 -12.65 -31.35 -13.81
N GLU C 281 -13.08 -30.29 -14.49
CA GLU C 281 -12.25 -29.08 -14.55
C GLU C 281 -12.06 -28.49 -13.17
N PHE C 282 -13.14 -28.40 -12.39
CA PHE C 282 -13.09 -27.84 -11.04
C PHE C 282 -12.03 -28.54 -10.19
N ALA C 283 -12.05 -29.88 -10.18
CA ALA C 283 -11.22 -30.64 -9.25
C ALA C 283 -9.75 -30.66 -9.65
N HIS C 284 -9.45 -30.63 -10.94
CA HIS C 284 -8.10 -30.93 -11.39
C HIS C 284 -7.30 -29.69 -11.77
N ARG C 285 -7.95 -28.61 -12.18
CA ARG C 285 -7.24 -27.40 -12.60
C ARG C 285 -7.37 -26.27 -11.60
N TRP C 286 -8.54 -26.14 -10.96
CA TRP C 286 -8.88 -24.94 -10.21
C TRP C 286 -8.90 -25.21 -8.72
N TYR C 292 -2.72 -32.91 -3.95
CA TYR C 292 -3.85 -33.79 -3.64
C TYR C 292 -4.64 -33.20 -2.47
N PRO C 293 -5.92 -33.51 -2.38
CA PRO C 293 -6.68 -33.12 -1.19
C PRO C 293 -6.23 -33.92 0.02
N GLY C 294 -6.73 -33.54 1.18
CA GLY C 294 -6.36 -34.19 2.41
C GLY C 294 -7.59 -34.50 3.25
N HIS C 295 -7.37 -34.50 4.57
CA HIS C 295 -8.44 -34.60 5.56
C HIS C 295 -9.27 -35.87 5.40
N ALA C 296 -8.58 -36.99 5.19
CA ALA C 296 -9.27 -38.25 5.10
C ALA C 296 -9.99 -38.59 6.40
N ARG C 297 -9.49 -38.09 7.54
CA ARG C 297 -10.14 -38.40 8.80
C ARG C 297 -11.52 -37.78 8.88
N GLU C 298 -11.65 -36.52 8.46
CA GLU C 298 -12.99 -35.90 8.38
C GLU C 298 -13.86 -36.63 7.38
N GLN C 299 -13.29 -36.98 6.23
CA GLN C 299 -14.07 -37.65 5.20
C GLN C 299 -14.57 -39.00 5.68
N ALA C 300 -13.68 -39.81 6.27
CA ALA C 300 -14.09 -41.13 6.73
C ALA C 300 -15.08 -41.03 7.88
N ALA C 301 -14.91 -40.04 8.74
CA ALA C 301 -15.83 -39.89 9.87
C ALA C 301 -17.22 -39.47 9.39
N PHE C 302 -17.29 -38.53 8.44
CA PHE C 302 -18.58 -38.14 7.90
C PHE C 302 -19.25 -39.28 7.16
N ALA C 303 -18.47 -40.08 6.43
CA ALA C 303 -19.10 -41.18 5.70
C ALA C 303 -19.81 -42.11 6.66
N GLY C 304 -19.15 -42.44 7.78
CA GLY C 304 -19.79 -43.29 8.77
C GLY C 304 -21.02 -42.65 9.39
N TRP C 305 -20.93 -41.36 9.70
CA TRP C 305 -22.04 -40.66 10.33
C TRP C 305 -23.25 -40.55 9.39
N LEU C 306 -23.01 -40.15 8.14
CA LEU C 306 -24.12 -39.93 7.23
C LEU C 306 -24.82 -41.22 6.84
N ASN C 307 -24.09 -42.35 6.87
CA ASN C 307 -24.67 -43.66 6.62
C ASN C 307 -25.43 -44.24 7.82
N ASN C 308 -25.35 -43.56 8.95
CA ASN C 308 -26.02 -43.93 10.19
C ASN C 308 -27.34 -43.18 10.28
N PRO C 309 -28.48 -43.87 10.45
CA PRO C 309 -29.77 -43.14 10.51
C PRO C 309 -29.86 -42.18 11.69
N GLU C 310 -28.96 -42.28 12.68
CA GLU C 310 -28.93 -41.28 13.74
C GLU C 310 -28.68 -39.89 13.18
N SER C 311 -27.96 -39.78 12.07
CA SER C 311 -27.66 -38.47 11.52
C SER C 311 -28.93 -37.78 11.03
N ARG C 312 -29.82 -38.55 10.40
CA ARG C 312 -31.13 -38.03 10.02
C ARG C 312 -31.97 -37.68 11.25
N LYS C 313 -31.97 -38.54 12.27
CA LYS C 313 -32.76 -38.25 13.47
C LYS C 313 -32.24 -37.00 14.18
N TRP C 314 -30.91 -36.87 14.30
CA TRP C 314 -30.34 -35.67 14.90
C TRP C 314 -30.73 -34.42 14.12
N ALA C 315 -30.70 -34.50 12.78
CA ALA C 315 -31.02 -33.31 11.99
C ALA C 315 -32.49 -32.93 12.13
N ASP C 316 -33.39 -33.92 12.21
CA ASP C 316 -34.81 -33.61 12.42
C ASP C 316 -35.02 -32.96 13.76
N GLU C 317 -34.36 -33.48 14.80
CA GLU C 317 -34.45 -32.91 16.14
C GLU C 317 -33.97 -31.46 16.14
N ARG C 318 -32.94 -31.15 15.36
CA ARG C 318 -32.36 -29.82 15.39
C ARG C 318 -33.29 -28.80 14.74
N ARG C 319 -34.07 -29.23 13.75
CA ARG C 319 -35.09 -28.35 13.17
C ARG C 319 -36.16 -28.02 14.19
N GLU C 320 -36.49 -28.98 15.08
CA GLU C 320 -37.45 -28.69 16.14
C GLU C 320 -36.86 -27.73 17.17
N ALA C 321 -35.57 -27.92 17.50
CA ALA C 321 -34.87 -27.00 18.39
C ALA C 321 -34.82 -25.59 17.80
N ILE C 322 -34.57 -25.49 16.48
CA ILE C 322 -34.56 -24.18 15.84
C ILE C 322 -35.90 -23.50 16.00
N ARG C 323 -36.99 -24.25 15.85
CA ARG C 323 -38.32 -23.66 15.99
C ARG C 323 -38.57 -23.18 17.41
N SER C 324 -38.32 -24.03 18.40
CA SER C 324 -38.59 -23.63 19.77
C SER C 324 -37.61 -22.57 20.26
N ASN C 325 -36.36 -22.60 19.79
CA ASN C 325 -35.41 -21.54 20.16
C ASN C 325 -35.91 -20.18 19.70
N GLY C 326 -36.33 -20.09 18.44
CA GLY C 326 -36.84 -18.82 17.93
C GLY C 326 -38.02 -18.30 18.72
N ASP C 327 -39.01 -19.18 18.97
CA ASP C 327 -40.16 -18.80 19.77
C ASP C 327 -39.74 -18.31 21.15
N ALA C 328 -38.83 -19.03 21.80
CA ALA C 328 -38.34 -18.58 23.10
C ALA C 328 -37.69 -17.20 23.01
N LEU C 329 -36.94 -16.96 21.93
CA LEU C 329 -36.25 -15.68 21.80
C LEU C 329 -37.25 -14.56 21.58
N LEU C 330 -38.25 -14.80 20.74
CA LEU C 330 -39.24 -13.76 20.45
C LEU C 330 -39.99 -13.37 21.71
N ASP C 331 -40.39 -14.37 22.50
CA ASP C 331 -41.12 -14.08 23.74
C ASP C 331 -40.27 -13.22 24.67
N ALA C 332 -38.98 -13.53 24.80
CA ALA C 332 -38.11 -12.75 25.66
C ALA C 332 -37.93 -11.34 25.13
N LEU C 333 -37.75 -11.19 23.82
CA LEU C 333 -37.63 -9.86 23.26
C LEU C 333 -38.89 -9.04 23.50
N ALA C 334 -40.06 -9.69 23.56
CA ALA C 334 -41.29 -8.97 23.84
C ALA C 334 -41.34 -8.45 25.28
N GLU C 335 -40.59 -9.06 26.19
CA GLU C 335 -40.53 -8.62 27.58
C GLU C 335 -39.61 -7.44 27.79
N VAL C 336 -38.57 -7.31 26.97
CA VAL C 336 -37.51 -6.35 27.24
C VAL C 336 -37.50 -5.20 26.25
N SER C 337 -38.28 -5.28 25.17
CA SER C 337 -38.17 -4.31 24.08
C SER C 337 -39.54 -4.14 23.42
N ASN C 338 -39.64 -3.11 22.57
CA ASN C 338 -40.86 -2.84 21.81
C ASN C 338 -40.57 -2.65 20.32
N THR C 339 -39.45 -3.16 19.81
CA THR C 339 -39.11 -2.93 18.42
C THR C 339 -39.63 -4.06 17.52
N THR C 340 -39.61 -3.80 16.22
CA THR C 340 -40.05 -4.78 15.23
C THR C 340 -39.13 -6.00 15.23
N ARG C 341 -39.71 -7.19 15.15
CA ARG C 341 -38.94 -8.44 15.18
C ARG C 341 -39.44 -9.38 14.11
N HIS C 342 -38.53 -10.18 13.55
CA HIS C 342 -38.86 -11.17 12.53
C HIS C 342 -38.24 -12.52 12.88
N CYS C 343 -39.00 -13.58 12.63
CA CYS C 343 -38.46 -14.94 12.68
C CYS C 343 -39.12 -15.68 11.52
N HIS C 344 -38.50 -15.59 10.34
CA HIS C 344 -39.16 -16.06 9.12
C HIS C 344 -39.13 -17.57 8.96
N GLY C 345 -38.17 -18.26 9.60
CA GLY C 345 -38.13 -19.72 9.63
C GLY C 345 -37.38 -20.41 8.50
N GLY C 346 -36.86 -19.66 7.52
CA GLY C 346 -36.26 -20.31 6.37
C GLY C 346 -34.78 -20.54 6.50
N SER C 347 -34.13 -19.70 7.28
CA SER C 347 -32.78 -19.96 7.73
C SER C 347 -32.77 -19.58 9.19
N PRO C 348 -31.82 -20.10 9.98
CA PRO C 348 -31.97 -20.08 11.46
C PRO C 348 -31.53 -18.78 12.14
N PHE C 349 -32.23 -17.70 11.82
CA PHE C 349 -31.93 -16.35 12.28
C PHE C 349 -33.20 -15.62 12.68
N VAL C 350 -33.12 -14.87 13.77
CA VAL C 350 -34.12 -13.88 14.15
C VAL C 350 -33.53 -12.51 13.87
N LEU C 351 -34.38 -11.58 13.41
CA LEU C 351 -34.00 -10.19 13.18
C LEU C 351 -34.81 -9.29 14.12
N PHE C 352 -34.14 -8.30 14.72
CA PHE C 352 -34.91 -7.27 15.40
C PHE C 352 -34.27 -5.91 15.22
N GLU C 353 -35.12 -4.88 15.30
CA GLU C 353 -34.66 -3.52 15.05
C GLU C 353 -34.05 -2.91 16.30
N VAL C 354 -33.06 -2.06 16.10
CA VAL C 354 -32.37 -1.46 17.24
C VAL C 354 -33.25 -0.36 17.81
N PRO C 355 -33.34 -0.21 19.14
CA PRO C 355 -34.07 0.91 19.73
C PRO C 355 -33.68 2.27 19.17
N GLY C 356 -34.60 3.24 19.24
CA GLY C 356 -34.32 4.56 18.71
C GLY C 356 -33.13 5.21 19.39
N GLY C 357 -32.39 6.01 18.62
CA GLY C 357 -31.21 6.67 19.12
C GLY C 357 -29.96 5.81 19.16
N TRP C 358 -30.09 4.50 19.17
CA TRP C 358 -28.93 3.64 19.12
C TRP C 358 -28.63 3.29 17.67
N SER C 359 -27.35 3.10 17.38
CA SER C 359 -26.93 2.38 16.17
C SER C 359 -26.51 0.96 16.55
N GLN C 360 -26.48 0.07 15.57
CA GLN C 360 -26.40 -1.35 15.89
C GLN C 360 -25.08 -1.69 16.58
N GLU C 361 -23.96 -1.11 16.16
CA GLU C 361 -22.69 -1.54 16.77
C GLU C 361 -22.63 -1.12 18.23
N ASP C 362 -22.97 0.13 18.53
CA ASP C 362 -22.98 0.59 19.92
C ASP C 362 -23.96 -0.22 20.75
N PHE C 363 -25.14 -0.51 20.19
CA PHE C 363 -26.15 -1.30 20.90
C PHE C 363 -25.63 -2.69 21.24
N ARG C 364 -25.00 -3.37 20.26
CA ARG C 364 -24.52 -4.72 20.55
C ARG C 364 -23.36 -4.69 21.54
N GLN C 365 -22.45 -3.73 21.40
CA GLN C 365 -21.37 -3.61 22.39
C GLN C 365 -21.93 -3.38 23.79
N ARG C 366 -22.92 -2.49 23.94
CA ARG C 366 -23.46 -2.22 25.26
C ARG C 366 -24.19 -3.44 25.80
N LEU C 367 -25.03 -4.07 24.99
CA LEU C 367 -25.71 -5.29 25.43
C LEU C 367 -24.73 -6.34 25.90
N PHE C 368 -23.63 -6.52 25.16
CA PHE C 368 -22.70 -7.58 25.51
C PHE C 368 -22.03 -7.29 26.84
N ALA C 369 -21.63 -6.03 27.07
CA ALA C 369 -21.05 -5.66 28.36
C ALA C 369 -22.05 -5.88 29.49
N ASP C 370 -23.33 -5.57 29.26
CA ASP C 370 -24.32 -5.63 30.33
C ASP C 370 -24.87 -7.04 30.57
N THR C 371 -25.02 -7.86 29.53
CA THR C 371 -25.67 -9.16 29.68
C THR C 371 -24.76 -10.34 29.38
N GLY C 372 -23.57 -10.11 28.82
CA GLY C 372 -22.73 -11.21 28.33
C GLY C 372 -23.18 -11.84 27.03
N VAL C 373 -24.27 -11.37 26.42
CA VAL C 373 -24.80 -11.96 25.19
C VAL C 373 -24.27 -11.16 24.00
N LEU C 374 -23.60 -11.85 23.08
CA LEU C 374 -22.99 -11.25 21.89
C LEU C 374 -23.91 -11.53 20.71
N LEU C 375 -24.50 -10.48 20.14
CA LEU C 375 -25.33 -10.59 18.95
C LEU C 375 -24.59 -10.00 17.74
N ALA C 376 -25.13 -10.24 16.54
CA ALA C 376 -24.49 -9.80 15.31
C ALA C 376 -25.25 -8.66 14.64
N SER C 377 -24.53 -7.84 13.89
CA SER C 377 -25.19 -6.91 12.98
C SER C 377 -25.96 -7.71 11.95
N ALA C 378 -27.15 -7.23 11.55
CA ALA C 378 -27.87 -7.94 10.50
C ALA C 378 -27.28 -7.70 9.12
N GLN C 379 -26.49 -6.62 8.96
CA GLN C 379 -25.71 -6.34 7.76
C GLN C 379 -26.60 -6.12 6.53
N ILE C 380 -27.74 -5.46 6.73
CA ILE C 380 -28.67 -5.15 5.65
C ILE C 380 -28.32 -3.75 5.14
N PRO C 381 -27.78 -3.62 3.92
CA PRO C 381 -27.23 -2.32 3.51
C PRO C 381 -28.26 -1.20 3.44
N TYR C 382 -29.52 -1.49 3.12
CA TYR C 382 -30.55 -0.45 3.10
C TYR C 382 -31.28 -0.30 4.44
N ALA C 383 -30.81 -0.99 5.49
CA ALA C 383 -31.45 -0.92 6.80
C ALA C 383 -30.42 -1.32 7.86
N PRO C 384 -29.44 -0.46 8.12
CA PRO C 384 -28.27 -0.90 8.91
C PRO C 384 -28.56 -1.19 10.37
N ASP C 385 -29.59 -0.61 10.94
CA ASP C 385 -29.72 -0.67 12.40
C ASP C 385 -30.72 -1.74 12.81
N TRP C 386 -30.35 -2.95 12.41
CA TRP C 386 -31.04 -4.17 12.74
C TRP C 386 -30.00 -5.17 13.23
N VAL C 387 -30.44 -6.07 14.11
CA VAL C 387 -29.58 -7.06 14.75
C VAL C 387 -30.06 -8.46 14.34
N LYS C 388 -29.11 -9.37 14.19
CA LYS C 388 -29.46 -10.77 13.92
C LYS C 388 -28.92 -11.70 15.00
N VAL C 389 -29.68 -12.77 15.25
CA VAL C 389 -29.41 -13.76 16.31
C VAL C 389 -29.50 -15.15 15.69
N PHE C 390 -28.44 -15.94 15.84
CA PHE C 390 -28.42 -17.30 15.31
C PHE C 390 -29.21 -18.23 16.22
N LEU C 391 -30.01 -19.13 15.62
CA LEU C 391 -30.90 -20.02 16.38
C LEU C 391 -30.48 -21.48 16.39
N GLY C 392 -29.46 -21.88 15.65
CA GLY C 392 -29.19 -23.30 15.48
C GLY C 392 -28.26 -23.89 16.54
N ARG C 393 -28.63 -23.77 17.81
CA ARG C 393 -27.86 -24.33 18.91
C ARG C 393 -28.74 -25.27 19.73
N ARG C 394 -28.08 -26.19 20.45
CA ARG C 394 -28.75 -27.03 21.44
C ARG C 394 -29.55 -26.15 22.40
N PRO C 395 -30.80 -26.50 22.71
CA PRO C 395 -31.58 -25.61 23.61
C PRO C 395 -30.91 -25.34 24.95
N ASP C 396 -30.20 -26.31 25.52
CA ASP C 396 -29.57 -26.12 26.83
C ASP C 396 -28.37 -25.18 26.76
N ARG C 397 -27.92 -24.82 25.56
CA ARG C 397 -26.91 -23.81 25.40
C ARG C 397 -27.44 -22.52 24.79
N PHE C 398 -28.66 -22.52 24.24
CA PHE C 398 -29.28 -21.31 23.71
C PHE C 398 -30.16 -20.63 24.77
N LEU C 399 -30.98 -21.41 25.48
CA LEU C 399 -31.87 -20.83 26.47
C LEU C 399 -31.17 -20.09 27.62
N PRO C 400 -29.99 -20.49 28.10
CA PRO C 400 -29.32 -19.65 29.11
C PRO C 400 -29.00 -18.25 28.60
N ALA C 401 -28.70 -18.10 27.31
CA ALA C 401 -28.45 -16.78 26.76
C ALA C 401 -29.74 -15.96 26.72
N VAL C 402 -30.86 -16.62 26.42
CA VAL C 402 -32.16 -15.98 26.44
C VAL C 402 -32.51 -15.54 27.85
N GLU C 403 -32.26 -16.42 28.82
CA GLU C 403 -32.49 -16.05 30.22
C GLU C 403 -31.68 -14.83 30.62
N ALA C 404 -30.41 -14.76 30.18
CA ALA C 404 -29.59 -13.58 30.44
C ALA C 404 -30.22 -12.31 29.87
N LEU C 405 -30.68 -12.36 28.61
CA LEU C 405 -31.38 -11.21 28.05
C LEU C 405 -32.62 -10.86 28.87
N ARG C 406 -33.34 -11.89 29.35
CA ARG C 406 -34.55 -11.65 30.11
C ARG C 406 -34.30 -10.98 31.45
N THR C 407 -33.15 -11.24 32.07
CA THR C 407 -32.97 -10.94 33.48
C THR C 407 -31.88 -9.94 33.79
N ARG C 408 -30.93 -9.73 32.91
CA ARG C 408 -29.86 -8.81 33.20
C ARG C 408 -30.20 -7.47 32.58
N PRO C 409 -30.31 -6.40 33.36
CA PRO C 409 -30.77 -5.12 32.82
C PRO C 409 -29.73 -4.49 31.90
N SER C 410 -30.21 -3.72 30.92
CA SER C 410 -29.32 -2.99 30.03
C SER C 410 -30.05 -1.77 29.48
N ARG C 411 -29.38 -0.62 29.51
CA ARG C 411 -29.91 0.56 28.86
C ARG C 411 -29.93 0.43 27.35
N ALA C 412 -29.26 -0.58 26.77
CA ALA C 412 -29.35 -0.79 25.33
C ALA C 412 -30.79 -0.90 24.88
N TRP C 413 -31.67 -1.38 25.75
CA TRP C 413 -33.06 -1.59 25.40
C TRP C 413 -33.85 -0.29 25.40
N GLN C 414 -33.36 0.71 26.01
CA GLN C 414 -34.16 1.93 26.01
C GLN C 414 -33.60 2.93 25.00
N PRO C 415 -34.45 3.76 24.40
CA PRO C 415 -33.95 4.76 23.46
C PRO C 415 -32.78 5.55 24.05
N ARG C 416 -31.75 5.75 23.24
CA ARG C 416 -30.54 6.46 23.65
C ARG C 416 -30.79 7.94 23.40
N LEU C 417 -31.14 8.67 24.47
CA LEU C 417 -31.48 10.07 24.33
C LEU C 417 -30.89 10.86 25.49
N GLU C 418 -30.53 12.10 25.19
CA GLU C 418 -30.21 13.09 26.21
C GLU C 418 -31.51 13.76 26.64
N HIS C 419 -31.81 13.73 27.93
CA HIS C 419 -33.05 14.29 28.44
C HIS C 419 -32.78 15.66 29.05
N HIS C 420 -33.50 16.67 28.54
CA HIS C 420 -33.45 18.02 29.06
C HIS C 420 -34.80 18.34 29.66
N HIS C 421 -34.83 18.57 30.97
CA HIS C 421 -36.06 18.78 31.72
C HIS C 421 -36.18 20.26 32.04
N HIS C 422 -37.23 20.90 31.55
CA HIS C 422 -37.38 22.34 31.67
C HIS C 422 -38.43 22.70 32.72
N PRO D 27 -1.33 -41.54 -14.22
CA PRO D 27 -0.41 -42.43 -14.96
C PRO D 27 0.22 -43.49 -14.06
N GLU D 28 0.87 -43.04 -12.98
CA GLU D 28 1.32 -43.98 -11.95
C GLU D 28 0.13 -44.64 -11.26
N LEU D 29 -0.97 -43.90 -11.12
CA LEU D 29 -2.18 -44.48 -10.56
C LEU D 29 -2.78 -45.53 -11.48
N LYS D 30 -2.61 -45.36 -12.79
CA LYS D 30 -3.03 -46.39 -13.73
C LYS D 30 -2.23 -47.68 -13.53
N TRP D 31 -0.92 -47.56 -13.33
CA TRP D 31 -0.10 -48.74 -13.07
C TRP D 31 -0.49 -49.40 -11.76
N LEU D 32 -0.71 -48.59 -10.71
CA LEU D 32 -1.10 -49.13 -9.41
C LEU D 32 -2.42 -49.89 -9.51
N ALA D 33 -3.30 -49.46 -10.41
CA ALA D 33 -4.59 -50.14 -10.58
C ALA D 33 -4.42 -51.50 -11.26
N ASP D 34 -3.59 -51.56 -12.31
CA ASP D 34 -3.39 -52.80 -13.07
C ASP D 34 -2.44 -53.79 -12.37
N HIS D 35 -2.06 -53.53 -11.13
CA HIS D 35 -1.07 -54.35 -10.44
C HIS D 35 -1.73 -55.59 -9.87
N PRO D 36 -1.14 -56.77 -10.04
CA PRO D 36 -1.82 -58.01 -9.61
C PRO D 36 -1.87 -58.16 -8.10
N GLU D 37 -3.03 -58.60 -7.61
CA GLU D 37 -3.21 -58.85 -6.19
C GLU D 37 -2.50 -60.14 -5.78
N GLY D 38 -2.08 -60.19 -4.52
CA GLY D 38 -1.27 -61.28 -4.00
C GLY D 38 0.22 -61.00 -3.95
N THR D 39 0.64 -59.83 -4.43
CA THR D 39 2.00 -59.34 -4.47
C THR D 39 2.09 -58.05 -3.66
N PRO D 40 3.14 -57.86 -2.86
CA PRO D 40 3.30 -56.57 -2.18
C PRO D 40 3.49 -55.46 -3.19
N ALA D 41 2.84 -54.33 -2.95
CA ALA D 41 3.05 -53.14 -3.75
C ALA D 41 3.60 -52.06 -2.83
N TYR D 42 4.67 -51.41 -3.25
CA TYR D 42 5.28 -50.34 -2.46
C TYR D 42 5.23 -49.08 -3.29
N ALA D 43 4.40 -48.14 -2.87
CA ALA D 43 4.18 -46.89 -3.59
C ALA D 43 5.11 -45.86 -2.98
N LEU D 44 6.29 -45.69 -3.59
CA LEU D 44 7.32 -44.78 -3.16
C LEU D 44 7.43 -43.57 -4.06
N HIS D 45 6.42 -43.31 -4.89
CA HIS D 45 6.53 -42.26 -5.90
C HIS D 45 6.07 -40.89 -5.42
N LEU D 46 5.62 -40.75 -4.17
CA LEU D 46 5.18 -39.47 -3.65
C LEU D 46 6.02 -39.07 -2.46
N ALA D 47 6.04 -37.76 -2.17
CA ALA D 47 6.63 -37.26 -0.93
C ALA D 47 5.63 -37.47 0.21
N ASP D 48 5.28 -38.72 0.41
CA ASP D 48 4.27 -39.11 1.39
C ASP D 48 4.58 -40.54 1.79
N PRO D 49 4.70 -40.84 3.09
CA PRO D 49 5.04 -42.20 3.51
C PRO D 49 3.87 -43.17 3.52
N LEU D 50 2.63 -42.71 3.39
CA LEU D 50 1.47 -43.60 3.37
C LEU D 50 1.41 -44.43 4.64
N GLU D 51 1.97 -43.85 5.69
CA GLU D 51 2.02 -44.30 7.08
C GLU D 51 0.95 -43.57 7.87
N GLY D 52 0.52 -44.17 8.96
CA GLY D 52 -0.09 -43.38 10.00
C GLY D 52 0.87 -42.30 10.50
N ALA D 53 0.30 -41.16 10.92
CA ALA D 53 1.08 -40.13 11.59
C ALA D 53 1.66 -40.67 12.89
N PRO D 54 2.65 -39.97 13.47
CA PRO D 54 3.26 -40.46 14.72
C PRO D 54 2.21 -40.66 15.79
N GLU D 55 2.38 -41.73 16.55
CA GLU D 55 1.35 -42.15 17.48
C GLU D 55 0.99 -41.07 18.47
N GLY D 56 2.00 -40.33 18.95
CA GLY D 56 1.71 -39.26 19.91
C GLY D 56 0.77 -38.21 19.36
N LEU D 57 0.90 -37.90 18.06
CA LEU D 57 0.04 -36.90 17.45
C LEU D 57 -1.38 -37.42 17.30
N ARG D 58 -1.53 -38.66 16.85
CA ARG D 58 -2.87 -39.24 16.75
C ARG D 58 -3.51 -39.38 18.13
N GLN D 59 -2.72 -39.71 19.16
CA GLN D 59 -3.28 -39.79 20.50
C GLN D 59 -3.82 -38.44 20.96
N CYS D 60 -3.12 -37.35 20.60
CA CYS D 60 -3.60 -36.01 20.95
C CYS D 60 -4.94 -35.72 20.29
N LEU D 61 -5.11 -36.14 19.06
CA LEU D 61 -6.38 -36.02 18.37
C LEU D 61 -7.46 -36.85 19.06
N ARG D 62 -7.17 -38.12 19.36
CA ARG D 62 -8.18 -39.04 19.89
C ARG D 62 -8.65 -38.58 21.26
N GLU D 63 -7.72 -38.16 22.11
CA GLU D 63 -8.07 -37.77 23.48
C GLU D 63 -8.91 -36.51 23.55
N ALA D 64 -8.86 -35.65 22.53
CA ALA D 64 -9.66 -34.43 22.57
C ALA D 64 -11.02 -34.59 21.90
N TRP D 65 -11.44 -35.83 21.64
CA TRP D 65 -12.67 -36.08 20.89
C TRP D 65 -13.89 -35.48 21.57
N ASP D 66 -13.85 -35.31 22.89
CA ASP D 66 -15.02 -34.80 23.61
C ASP D 66 -14.81 -33.35 24.03
N GLU D 67 -13.85 -32.63 23.38
CA GLU D 67 -13.69 -31.19 23.61
C GLU D 67 -14.41 -30.41 22.52
N PRO D 68 -14.94 -29.21 22.80
CA PRO D 68 -15.62 -28.43 21.76
C PRO D 68 -14.64 -27.78 20.80
N LEU D 69 -14.20 -28.53 19.79
CA LEU D 69 -13.22 -28.06 18.84
C LEU D 69 -13.72 -28.14 17.41
N ASP D 70 -15.04 -28.10 17.23
CA ASP D 70 -15.63 -28.36 15.92
C ASP D 70 -15.97 -27.10 15.16
N SER D 71 -15.88 -25.93 15.81
CA SER D 71 -16.35 -24.67 15.27
C SER D 71 -15.27 -24.01 14.40
N TYR D 72 -15.67 -22.92 13.77
CA TYR D 72 -14.69 -22.01 13.19
C TYR D 72 -13.78 -21.49 14.28
N VAL D 73 -12.56 -21.16 13.90
CA VAL D 73 -11.66 -20.41 14.76
C VAL D 73 -11.89 -18.92 14.50
N LEU D 74 -11.98 -18.13 15.57
CA LEU D 74 -12.36 -16.72 15.41
C LEU D 74 -11.19 -15.80 15.11
N SER D 75 -9.98 -16.14 15.58
CA SER D 75 -8.81 -15.38 15.22
C SER D 75 -8.44 -15.61 13.76
N HIS D 76 -8.08 -14.53 13.04
CA HIS D 76 -7.71 -14.73 11.65
C HIS D 76 -6.31 -15.35 11.48
N HIS D 77 -5.59 -15.61 12.57
CA HIS D 77 -4.31 -16.29 12.51
C HIS D 77 -4.40 -17.78 12.82
N GLY D 78 -5.59 -18.29 13.08
CA GLY D 78 -5.76 -19.69 13.43
C GLY D 78 -5.80 -19.86 14.94
N LEU D 79 -5.74 -21.13 15.35
CA LEU D 79 -5.94 -21.45 16.77
C LEU D 79 -4.77 -20.93 17.60
N PRO D 80 -5.00 -20.02 18.55
CA PRO D 80 -3.87 -19.43 19.29
C PRO D 80 -2.86 -20.42 19.83
N GLU D 81 -3.29 -21.55 20.42
CA GLU D 81 -2.33 -22.44 21.08
C GLU D 81 -1.43 -23.13 20.07
N LEU D 82 -1.94 -23.41 18.86
CA LEU D 82 -1.12 -23.93 17.77
C LEU D 82 -0.18 -22.86 17.20
N ARG D 83 -0.71 -21.67 16.93
CA ARG D 83 0.12 -20.60 16.40
C ARG D 83 1.33 -20.37 17.30
N GLN D 84 1.10 -20.33 18.62
CA GLN D 84 2.18 -20.11 19.58
C GLN D 84 3.13 -21.30 19.64
N ALA D 85 2.61 -22.52 19.66
CA ALA D 85 3.51 -23.67 19.79
C ALA D 85 4.35 -23.84 18.53
N MET D 86 3.79 -23.56 17.36
CA MET D 86 4.55 -23.79 16.15
C MET D 86 5.59 -22.69 15.95
N GLU D 87 5.29 -21.47 16.36
CA GLU D 87 6.30 -20.42 16.39
C GLU D 87 7.47 -20.82 17.28
N ARG D 88 7.15 -21.30 18.48
CA ARG D 88 8.21 -21.73 19.41
C ARG D 88 9.01 -22.89 18.82
N TRP D 89 8.32 -23.89 18.28
CA TRP D 89 9.00 -25.09 17.82
C TRP D 89 9.89 -24.78 16.62
N PHE D 90 9.40 -23.95 15.70
CA PHE D 90 10.19 -23.64 14.52
C PHE D 90 11.35 -22.69 14.84
N ALA D 91 11.14 -21.70 15.73
CA ALA D 91 12.22 -20.78 16.09
C ALA D 91 13.36 -21.55 16.74
N ASP D 92 13.03 -22.57 17.52
CA ASP D 92 14.06 -23.42 18.11
C ASP D 92 14.71 -24.31 17.06
N ASP D 93 13.89 -24.94 16.21
CA ASP D 93 14.46 -25.81 15.17
C ASP D 93 15.38 -25.06 14.25
N GLU D 94 15.01 -23.83 13.89
CA GLU D 94 15.70 -23.04 12.89
C GLU D 94 16.66 -22.04 13.49
N ASN D 95 16.81 -22.06 14.79
CA ASN D 95 17.70 -21.16 15.49
C ASN D 95 17.38 -19.71 15.14
N TRP D 96 16.10 -19.35 15.20
CA TRP D 96 15.79 -17.94 15.00
C TRP D 96 16.33 -17.12 16.16
N PRO D 97 16.73 -15.88 15.92
CA PRO D 97 17.08 -14.98 17.01
C PRO D 97 15.85 -14.63 17.83
N ARG D 98 16.09 -14.38 19.12
CA ARG D 98 15.02 -14.09 20.07
C ARG D 98 14.36 -12.75 19.77
N ARG D 99 15.17 -11.74 19.45
CA ARG D 99 14.65 -10.42 19.14
C ARG D 99 14.33 -10.35 17.66
N ARG D 100 13.07 -10.11 17.35
CA ARG D 100 12.65 -10.01 15.96
C ARG D 100 11.30 -9.31 15.92
N ARG D 101 11.03 -8.67 14.79
CA ARG D 101 9.73 -8.04 14.60
C ARG D 101 8.74 -8.93 13.87
N LEU D 102 9.21 -10.00 13.22
CA LEU D 102 8.32 -10.89 12.48
C LEU D 102 7.24 -11.49 13.38
N LEU D 103 6.05 -11.68 12.82
CA LEU D 103 4.94 -12.37 13.47
C LEU D 103 4.57 -13.62 12.70
N THR D 104 4.16 -14.65 13.45
CA THR D 104 3.84 -15.96 12.90
C THR D 104 2.34 -16.16 12.91
N THR D 105 1.80 -16.63 11.78
CA THR D 105 0.40 -16.97 11.65
C THR D 105 0.31 -18.44 11.27
N ALA D 106 -0.81 -19.06 11.59
CA ALA D 106 -0.99 -20.46 11.20
C ALA D 106 -1.60 -20.54 9.81
N THR D 107 -1.39 -21.69 9.16
CA THR D 107 -2.04 -21.98 7.88
C THR D 107 -2.83 -23.29 8.01
N MET D 108 -3.95 -23.36 7.31
CA MET D 108 -4.97 -24.34 7.60
C MET D 108 -5.44 -25.08 6.34
N THR D 109 -4.96 -24.68 5.17
CA THR D 109 -5.41 -25.25 3.90
C THR D 109 -4.27 -25.67 2.99
N GLY D 110 -3.01 -25.60 3.46
CA GLY D 110 -1.88 -25.95 2.61
C GLY D 110 -0.96 -24.76 2.43
N THR D 111 0.35 -24.99 2.33
CA THR D 111 1.22 -23.83 2.12
C THR D 111 1.22 -23.38 0.67
N GLY D 112 0.65 -24.19 -0.25
CA GLY D 112 0.37 -23.77 -1.61
C GLY D 112 -0.61 -22.60 -1.73
N PRO D 113 -1.81 -22.77 -1.18
CA PRO D 113 -2.73 -21.62 -1.05
C PRO D 113 -2.15 -20.48 -0.25
N ALA D 114 -1.35 -20.78 0.78
CA ALA D 114 -0.68 -19.69 1.51
C ALA D 114 0.20 -18.89 0.57
N MET D 115 1.02 -19.57 -0.23
CA MET D 115 1.90 -18.82 -1.11
C MET D 115 1.11 -18.07 -2.19
N TYR D 116 0.00 -18.63 -2.67
CA TYR D 116 -0.89 -17.88 -3.57
C TYR D 116 -1.33 -16.58 -2.93
N ASP D 117 -1.78 -16.64 -1.68
CA ASP D 117 -2.22 -15.44 -0.99
C ASP D 117 -1.06 -14.53 -0.62
N LEU D 118 0.11 -15.07 -0.27
CA LEU D 118 1.27 -14.20 -0.07
C LEU D 118 1.66 -13.47 -1.35
N LEU D 119 1.59 -14.14 -2.50
CA LEU D 119 1.92 -13.43 -3.73
C LEU D 119 0.91 -12.34 -4.04
N ARG D 120 -0.35 -12.54 -3.68
CA ARG D 120 -1.32 -11.48 -3.86
C ARG D 120 -1.10 -10.35 -2.87
N THR D 121 -0.63 -10.68 -1.65
CA THR D 121 -0.37 -9.64 -0.65
C THR D 121 0.74 -8.71 -1.11
N ILE D 122 1.80 -9.30 -1.70
CA ILE D 122 2.93 -8.53 -2.22
C ILE D 122 2.51 -7.67 -3.40
N LYS D 123 1.73 -8.25 -4.31
CA LYS D 123 1.28 -7.47 -5.45
C LYS D 123 0.49 -6.23 -5.00
N ALA D 124 -0.32 -6.36 -3.95
CA ALA D 124 -1.13 -5.23 -3.52
C ALA D 124 -0.27 -4.12 -2.89
N ARG D 125 0.97 -4.39 -2.54
CA ARG D 125 1.84 -3.42 -1.88
C ARG D 125 2.89 -2.83 -2.80
N GLU D 126 2.93 -3.25 -4.02
CA GLU D 126 3.93 -2.79 -4.95
C GLU D 126 3.25 -1.99 -6.04
N PRO D 127 3.96 -1.04 -6.66
CA PRO D 127 3.35 -0.31 -7.77
C PRO D 127 3.05 -1.25 -8.93
N GLU D 128 2.03 -0.91 -9.70
CA GLU D 128 1.63 -1.74 -10.82
C GLU D 128 2.70 -1.73 -11.89
N GLY D 129 2.90 -2.86 -12.54
CA GLY D 129 3.86 -2.98 -13.60
C GLY D 129 4.23 -4.44 -13.78
N PRO D 130 4.89 -4.77 -14.89
CA PRO D 130 5.26 -6.17 -15.13
C PRO D 130 6.31 -6.64 -14.12
N MET D 131 6.03 -7.80 -13.52
CA MET D 131 6.85 -8.29 -12.41
C MET D 131 7.25 -9.74 -12.67
N ALA D 132 8.43 -10.12 -12.20
CA ALA D 132 8.90 -11.49 -12.25
C ALA D 132 8.98 -12.10 -10.86
N ALA D 133 8.76 -13.42 -10.77
CA ALA D 133 9.10 -14.20 -9.58
C ALA D 133 10.23 -15.14 -9.94
N LEU D 134 11.34 -15.03 -9.22
CA LEU D 134 12.50 -15.86 -9.49
C LEU D 134 12.37 -17.15 -8.69
N VAL D 135 12.27 -18.29 -9.38
CA VAL D 135 12.02 -19.58 -8.74
C VAL D 135 13.09 -20.61 -9.10
N PRO D 136 13.41 -21.55 -8.22
CA PRO D 136 14.41 -22.56 -8.54
C PRO D 136 13.93 -23.51 -9.62
N ARG D 137 14.84 -23.84 -10.54
CA ARG D 137 14.55 -24.79 -11.63
C ARG D 137 15.65 -25.84 -11.66
N PRO D 138 15.36 -27.12 -11.34
CA PRO D 138 14.05 -27.65 -10.95
C PRO D 138 13.63 -27.19 -9.58
N GLY D 139 12.35 -27.34 -9.27
CA GLY D 139 11.89 -27.09 -7.93
C GLY D 139 10.45 -27.45 -7.79
N TRP D 140 9.88 -27.05 -6.68
CA TRP D 140 8.46 -27.24 -6.41
C TRP D 140 7.65 -26.32 -7.33
N ASP D 141 6.33 -26.27 -7.09
CA ASP D 141 5.37 -25.71 -8.03
C ASP D 141 5.17 -24.21 -7.88
N TYR D 142 6.16 -23.49 -7.34
CA TYR D 142 6.04 -22.06 -7.16
C TYR D 142 5.66 -21.36 -8.45
N ARG D 143 6.19 -21.84 -9.57
CA ARG D 143 5.91 -21.18 -10.84
C ARG D 143 4.42 -21.19 -11.16
N LEU D 144 3.67 -22.18 -10.68
CA LEU D 144 2.25 -22.24 -11.00
C LEU D 144 1.45 -21.17 -10.26
N PHE D 145 1.74 -20.99 -8.97
CA PHE D 145 1.11 -19.91 -8.21
C PHE D 145 1.51 -18.56 -8.75
N ALA D 146 2.79 -18.41 -9.11
CA ALA D 146 3.28 -17.09 -9.53
C ALA D 146 2.59 -16.66 -10.81
N HIS D 147 2.52 -17.57 -11.80
CA HIS D 147 1.89 -17.24 -13.07
C HIS D 147 0.41 -16.94 -12.87
N ASP D 148 -0.24 -17.70 -11.99
CA ASP D 148 -1.66 -17.49 -11.75
C ASP D 148 -1.94 -16.10 -11.17
N VAL D 149 -1.08 -15.62 -10.27
CA VAL D 149 -1.31 -14.30 -9.66
C VAL D 149 -0.90 -13.15 -10.60
N GLY D 150 -0.12 -13.42 -11.63
CA GLY D 150 0.26 -12.39 -12.58
C GLY D 150 1.72 -12.04 -12.58
N TYR D 151 2.56 -12.87 -11.97
CA TYR D 151 4.01 -12.73 -12.10
C TYR D 151 4.46 -13.59 -13.28
N GLU D 152 5.53 -13.17 -13.92
CA GLU D 152 6.21 -14.06 -14.85
C GLU D 152 7.22 -14.90 -14.10
N PRO D 153 7.14 -16.23 -14.11
CA PRO D 153 8.13 -17.04 -13.39
C PRO D 153 9.41 -17.15 -14.22
N ILE D 154 10.53 -16.86 -13.59
CA ILE D 154 11.83 -16.90 -14.22
C ILE D 154 12.68 -17.86 -13.40
N GLY D 155 13.14 -18.94 -14.03
CA GLY D 155 13.89 -19.94 -13.28
C GLY D 155 15.34 -19.57 -13.10
N TYR D 156 15.88 -19.87 -11.92
CA TYR D 156 17.32 -19.85 -11.67
C TYR D 156 17.82 -21.27 -11.50
N HIS D 157 18.96 -21.54 -12.11
CA HIS D 157 19.47 -22.90 -12.27
C HIS D 157 19.84 -23.50 -10.92
N VAL D 158 19.34 -24.69 -10.63
CA VAL D 158 19.75 -25.44 -9.46
C VAL D 158 20.45 -26.70 -9.96
N PRO D 159 21.76 -26.84 -9.77
CA PRO D 159 22.46 -28.07 -10.20
C PRO D 159 22.08 -29.26 -9.31
N PHE D 160 21.70 -30.38 -9.93
CA PHE D 160 21.33 -31.54 -9.13
C PHE D 160 22.53 -32.40 -8.78
N THR D 161 23.67 -32.21 -9.45
CA THR D 161 24.80 -33.09 -9.18
C THR D 161 25.60 -32.66 -7.97
N SER D 162 25.34 -31.48 -7.44
CA SER D 162 26.12 -30.99 -6.33
C SER D 162 25.28 -30.99 -5.06
N PRO D 163 25.85 -31.43 -3.93
CA PRO D 163 25.09 -31.42 -2.69
C PRO D 163 24.78 -30.03 -2.16
N THR D 164 25.46 -28.98 -2.64
CA THR D 164 25.35 -27.67 -2.02
C THR D 164 24.64 -26.64 -2.88
N GLY D 165 24.02 -27.05 -3.98
CA GLY D 165 23.11 -26.16 -4.66
C GLY D 165 23.74 -25.13 -5.55
N PRO D 166 22.97 -24.09 -5.86
CA PRO D 166 23.42 -23.10 -6.85
C PRO D 166 24.53 -22.20 -6.34
N GLU D 167 25.13 -21.48 -7.28
CA GLU D 167 26.16 -20.49 -7.01
C GLU D 167 25.61 -19.09 -7.27
N PRO D 168 26.22 -18.05 -6.70
CA PRO D 168 25.70 -16.67 -6.92
C PRO D 168 25.43 -16.32 -8.38
N GLY D 169 26.28 -16.77 -9.31
CA GLY D 169 26.04 -16.45 -10.72
C GLY D 169 24.81 -17.11 -11.32
N ASP D 170 24.30 -18.17 -10.69
CA ASP D 170 23.02 -18.74 -11.13
C ASP D 170 21.89 -17.78 -10.82
N LEU D 171 21.96 -17.10 -9.68
CA LEU D 171 20.98 -16.03 -9.41
C LEU D 171 21.19 -14.84 -10.34
N ASP D 172 22.44 -14.44 -10.57
CA ASP D 172 22.73 -13.31 -11.45
C ASP D 172 22.16 -13.53 -12.84
N ARG D 173 22.25 -14.76 -13.35
CA ARG D 173 21.73 -15.06 -14.68
C ARG D 173 20.24 -14.82 -14.76
N ALA D 174 19.50 -15.27 -13.74
CA ALA D 174 18.04 -15.07 -13.73
C ALA D 174 17.68 -13.59 -13.65
N VAL D 175 18.41 -12.83 -12.85
CA VAL D 175 18.18 -11.39 -12.77
C VAL D 175 18.40 -10.74 -14.13
N GLU D 176 19.44 -11.17 -14.84
CA GLU D 176 19.71 -10.57 -16.15
C GLU D 176 18.64 -10.97 -17.17
N GLN D 177 18.19 -12.21 -17.13
N GLN D 177 18.22 -12.23 -17.16
CA GLN D 177 17.06 -12.63 -17.98
CA GLN D 177 17.06 -12.66 -17.94
C GLN D 177 15.82 -11.81 -17.64
C GLN D 177 15.85 -11.78 -17.64
N THR D 178 15.58 -11.55 -16.36
CA THR D 178 14.47 -10.72 -15.95
C THR D 178 14.59 -9.30 -16.53
N ARG D 179 15.79 -8.70 -16.45
CA ARG D 179 15.99 -7.36 -16.99
C ARG D 179 15.81 -7.33 -18.51
N ALA D 180 16.35 -8.33 -19.22
CA ALA D 180 16.22 -8.31 -20.67
C ALA D 180 14.76 -8.41 -21.11
N LYS D 181 13.92 -9.03 -20.30
CA LYS D 181 12.51 -9.16 -20.65
C LYS D 181 11.70 -7.95 -20.19
N GLY D 182 12.33 -6.92 -19.64
CA GLY D 182 11.59 -5.77 -19.18
C GLY D 182 10.69 -6.03 -17.98
N LEU D 183 11.06 -6.98 -17.13
CA LEU D 183 10.26 -7.33 -15.95
C LEU D 183 11.01 -6.85 -14.71
N ARG D 184 10.27 -6.40 -13.70
CA ARG D 184 10.93 -6.04 -12.44
C ARG D 184 11.03 -7.29 -11.57
N PRO D 185 12.24 -7.70 -11.17
CA PRO D 185 12.33 -8.85 -10.24
C PRO D 185 11.70 -8.44 -8.92
N THR D 186 10.59 -9.06 -8.53
CA THR D 186 9.82 -8.63 -7.38
C THR D 186 9.84 -9.61 -6.21
N VAL D 187 9.91 -10.91 -6.48
CA VAL D 187 9.91 -11.94 -5.47
C VAL D 187 11.00 -12.95 -5.81
N LEU D 188 11.76 -13.36 -4.80
CA LEU D 188 12.69 -14.47 -4.93
C LEU D 188 12.21 -15.59 -4.03
N VAL D 189 11.94 -16.77 -4.60
CA VAL D 189 11.66 -17.95 -3.79
C VAL D 189 12.95 -18.70 -3.54
N LEU D 190 13.24 -19.00 -2.28
CA LEU D 190 14.37 -19.81 -1.87
C LEU D 190 13.86 -21.10 -1.23
N ASN D 191 14.59 -22.19 -1.47
CA ASN D 191 14.22 -23.51 -0.95
C ASN D 191 15.49 -24.28 -0.64
N PRO D 192 16.20 -23.90 0.41
CA PRO D 192 17.59 -24.38 0.56
C PRO D 192 17.71 -25.84 0.94
N GLN D 193 16.70 -26.43 1.58
CA GLN D 193 16.63 -27.89 1.69
C GLN D 193 15.71 -28.30 0.56
N HIS D 194 16.33 -28.58 -0.59
CA HIS D 194 15.69 -28.43 -1.89
C HIS D 194 14.84 -29.61 -2.33
N TYR D 195 13.57 -29.32 -2.64
CA TYR D 195 12.73 -30.27 -3.33
C TYR D 195 13.08 -30.20 -4.82
N ALA D 196 13.55 -31.32 -5.42
CA ALA D 196 13.65 -32.63 -4.79
C ALA D 196 14.97 -33.27 -5.18
N THR D 197 16.03 -32.48 -5.05
CA THR D 197 17.37 -32.92 -5.43
C THR D 197 18.14 -33.51 -4.27
N GLY D 198 17.75 -33.20 -3.02
CA GLY D 198 18.55 -33.53 -1.87
C GLY D 198 19.52 -32.44 -1.43
N GLY D 199 19.64 -31.36 -2.18
CA GLY D 199 20.65 -30.37 -1.90
C GLY D 199 20.39 -29.64 -0.59
N ASN D 200 21.49 -29.13 0.00
CA ASN D 200 21.45 -28.26 1.18
C ASN D 200 22.30 -27.05 0.81
N TRP D 201 21.66 -25.95 0.45
CA TRP D 201 22.36 -24.80 -0.12
C TRP D 201 23.29 -24.15 0.92
N THR D 202 24.38 -23.50 0.42
CA THR D 202 25.37 -22.99 1.36
C THR D 202 24.91 -21.70 2.01
N PRO D 203 25.39 -21.42 3.23
CA PRO D 203 25.21 -20.08 3.81
C PRO D 203 25.72 -18.97 2.91
N GLU D 204 26.85 -19.19 2.23
CA GLU D 204 27.37 -18.18 1.31
C GLU D 204 26.35 -17.83 0.24
N PHE D 205 25.72 -18.84 -0.36
CA PHE D 205 24.75 -18.54 -1.42
C PHE D 205 23.52 -17.84 -0.84
N VAL D 206 23.02 -18.30 0.30
CA VAL D 206 21.82 -17.68 0.85
C VAL D 206 22.11 -16.25 1.28
N ARG D 207 23.29 -16.00 1.86
CA ARG D 207 23.67 -14.63 2.18
C ARG D 207 23.75 -13.78 0.91
N TYR D 208 24.32 -14.33 -0.17
CA TYR D 208 24.37 -13.59 -1.42
C TYR D 208 22.97 -13.29 -1.92
N ALA D 209 22.06 -14.27 -1.82
CA ALA D 209 20.70 -14.04 -2.31
C ALA D 209 19.97 -13.00 -1.48
N LEU D 210 20.20 -12.99 -0.16
CA LEU D 210 19.51 -12.02 0.68
C LEU D 210 20.01 -10.61 0.42
N SER D 211 21.32 -10.46 0.23
CA SER D 211 21.87 -9.12 -0.03
C SER D 211 21.45 -8.62 -1.41
N LEU D 212 21.41 -9.51 -2.39
CA LEU D 212 20.98 -9.11 -3.73
C LEU D 212 19.51 -8.73 -3.75
N ALA D 213 18.66 -9.55 -3.12
CA ALA D 213 17.25 -9.19 -3.02
C ALA D 213 17.08 -7.83 -2.34
N ASP D 214 17.84 -7.59 -1.27
CA ASP D 214 17.69 -6.33 -0.54
C ASP D 214 18.07 -5.14 -1.44
N THR D 215 19.15 -5.29 -2.20
CA THR D 215 19.59 -4.22 -3.11
C THR D 215 18.51 -3.89 -4.13
N LEU D 216 17.81 -4.91 -4.62
CA LEU D 216 16.80 -4.77 -5.67
C LEU D 216 15.41 -4.56 -5.12
N GLY D 217 15.23 -4.63 -3.80
CA GLY D 217 13.89 -4.51 -3.26
C GLY D 217 13.02 -5.72 -3.51
N MET D 218 13.62 -6.89 -3.74
CA MET D 218 12.85 -8.11 -3.88
C MET D 218 12.38 -8.64 -2.53
N TRP D 219 11.16 -9.20 -2.51
CA TRP D 219 10.72 -9.99 -1.38
C TRP D 219 11.40 -11.34 -1.44
N VAL D 220 11.80 -11.89 -0.30
CA VAL D 220 12.39 -13.23 -0.22
C VAL D 220 11.37 -14.13 0.47
N LEU D 221 10.87 -15.11 -0.27
CA LEU D 221 9.96 -16.12 0.26
C LEU D 221 10.74 -17.41 0.41
N VAL D 222 10.99 -17.84 1.65
CA VAL D 222 11.76 -19.06 1.88
C VAL D 222 10.81 -20.16 2.32
N ASP D 223 10.81 -21.25 1.57
CA ASP D 223 10.02 -22.43 1.85
C ASP D 223 10.93 -23.40 2.59
N ASN D 224 10.56 -23.74 3.81
CA ASN D 224 11.41 -24.53 4.71
C ASN D 224 10.73 -25.86 5.05
N ALA D 225 9.95 -26.40 4.11
CA ALA D 225 9.25 -27.65 4.32
C ALA D 225 10.16 -28.77 4.80
N TYR D 226 11.38 -28.86 4.26
CA TYR D 226 12.28 -29.96 4.59
C TYR D 226 13.40 -29.55 5.53
N HIS D 227 13.28 -28.38 6.18
CA HIS D 227 14.42 -27.89 6.96
C HIS D 227 14.80 -28.85 8.06
N GLY D 228 13.80 -29.43 8.71
CA GLY D 228 14.06 -30.37 9.77
C GLY D 228 14.14 -31.81 9.34
N MET D 229 14.20 -32.10 8.04
CA MET D 229 14.34 -33.47 7.55
C MET D 229 15.68 -33.72 6.86
N THR D 230 16.73 -33.00 7.22
CA THR D 230 18.03 -33.35 6.64
C THR D 230 18.52 -34.62 7.33
N ALA D 231 19.34 -35.38 6.59
CA ALA D 231 19.92 -36.59 7.16
C ALA D 231 20.67 -36.25 8.44
N ALA D 232 20.58 -37.12 9.45
CA ALA D 232 21.31 -36.87 10.69
C ALA D 232 22.76 -36.65 10.35
N GLY D 233 23.37 -35.66 10.99
CA GLY D 233 24.73 -35.33 10.67
C GLY D 233 24.90 -34.24 9.64
N THR D 234 23.81 -33.79 9.03
CA THR D 234 23.82 -32.61 8.15
C THR D 234 23.37 -31.38 8.92
N GLN D 235 23.97 -30.23 8.61
CA GLN D 235 23.57 -28.98 9.25
C GLN D 235 22.71 -28.20 8.25
N PRO D 236 21.39 -28.12 8.44
CA PRO D 236 20.57 -27.38 7.47
C PRO D 236 20.87 -25.90 7.56
N THR D 237 20.96 -25.26 6.39
CA THR D 237 21.13 -23.82 6.33
C THR D 237 19.82 -23.13 6.71
N SER D 238 19.90 -22.20 7.67
CA SER D 238 18.72 -21.54 8.21
C SER D 238 18.65 -20.15 7.59
N THR D 239 17.73 -19.97 6.64
CA THR D 239 17.62 -18.69 5.97
C THR D 239 17.20 -17.58 6.94
N VAL D 240 16.31 -17.90 7.88
CA VAL D 240 15.78 -16.84 8.75
C VAL D 240 16.87 -16.32 9.67
N ARG D 241 17.67 -17.22 10.24
CA ARG D 241 18.83 -16.80 11.02
C ARG D 241 19.78 -15.92 10.23
N LEU D 242 20.17 -16.35 9.04
CA LEU D 242 21.10 -15.55 8.26
C LEU D 242 20.50 -14.19 7.90
N ALA D 243 19.21 -14.17 7.57
CA ALA D 243 18.55 -12.92 7.18
C ALA D 243 18.50 -11.94 8.33
N LEU D 244 18.01 -12.37 9.50
CA LEU D 244 17.86 -11.45 10.62
C LEU D 244 19.20 -11.01 11.18
N ASP D 245 20.19 -11.90 11.21
CA ASP D 245 21.53 -11.48 11.63
C ASP D 245 22.04 -10.36 10.71
N GLY D 246 21.74 -10.45 9.42
CA GLY D 246 22.16 -9.42 8.50
C GLY D 246 21.23 -8.23 8.39
N GLY D 247 20.11 -8.23 9.11
CA GLY D 247 19.17 -7.13 9.08
C GLY D 247 18.18 -7.17 7.93
N PHE D 248 18.11 -8.28 7.19
CA PHE D 248 17.24 -8.39 6.01
C PHE D 248 15.88 -8.95 6.43
N GLU D 249 15.10 -8.11 7.11
CA GLU D 249 13.87 -8.56 7.75
C GLU D 249 12.61 -8.02 7.08
N GLU D 250 12.63 -6.81 6.54
CA GLU D 250 11.37 -6.14 6.20
C GLU D 250 10.60 -6.86 5.10
N ARG D 251 11.27 -7.55 4.18
CA ARG D 251 10.56 -8.24 3.11
C ARG D 251 10.82 -9.75 3.12
N LEU D 252 11.16 -10.29 4.28
CA LEU D 252 11.36 -11.72 4.47
C LEU D 252 10.03 -12.40 4.79
N ILE D 253 9.73 -13.51 4.10
CA ILE D 253 8.55 -14.30 4.40
C ILE D 253 8.98 -15.75 4.52
N HIS D 254 8.73 -16.36 5.69
CA HIS D 254 9.00 -17.77 5.97
C HIS D 254 7.72 -18.58 5.80
N VAL D 255 7.82 -19.73 5.13
CA VAL D 255 6.67 -20.63 4.95
C VAL D 255 7.15 -22.05 5.29
N ARG D 256 6.36 -22.79 6.08
CA ARG D 256 6.81 -24.14 6.45
C ARG D 256 5.62 -25.01 6.85
N THR D 257 5.37 -26.06 6.07
CA THR D 257 4.34 -27.02 6.43
C THR D 257 4.84 -27.97 7.51
N LEU D 258 3.90 -28.46 8.32
CA LEU D 258 4.18 -29.57 9.22
C LEU D 258 4.03 -30.92 8.54
N GLY D 259 3.41 -30.96 7.37
CA GLY D 259 3.00 -32.23 6.76
C GLY D 259 4.09 -33.23 6.40
N GLN D 261 7.19 -33.44 7.36
CA GLN D 261 8.06 -33.85 8.43
C GLN D 261 7.41 -34.86 9.35
N PHE D 262 6.12 -34.64 9.63
CA PHE D 262 5.44 -35.40 10.65
C PHE D 262 4.45 -36.39 10.05
N ALA D 263 4.73 -36.82 8.82
CA ALA D 263 4.01 -37.93 8.19
C ALA D 263 2.51 -37.71 8.25
N CYS D 264 2.08 -36.53 7.84
CA CYS D 264 0.66 -36.15 7.94
C CYS D 264 0.30 -35.09 6.90
N ASN D 265 0.61 -35.38 5.63
CA ASN D 265 0.36 -34.42 4.56
C ASN D 265 -1.11 -34.02 4.50
N GLY D 266 -2.02 -34.94 4.84
CA GLY D 266 -3.46 -34.67 4.79
C GLY D 266 -3.99 -33.73 5.88
N TRP D 267 -3.20 -33.42 6.90
CA TRP D 267 -3.67 -32.49 7.94
C TRP D 267 -3.62 -31.03 7.50
N ALA D 268 -2.75 -30.69 6.55
CA ALA D 268 -2.66 -29.35 5.95
C ALA D 268 -2.48 -28.24 6.99
N VAL D 269 -1.61 -28.46 7.98
CA VAL D 269 -1.24 -27.46 8.98
C VAL D 269 0.20 -26.99 8.71
N GLY D 270 0.41 -25.68 8.76
CA GLY D 270 1.71 -25.07 8.55
C GLY D 270 1.73 -23.67 9.15
N SER D 271 2.74 -22.89 8.77
CA SER D 271 2.87 -21.56 9.33
C SER D 271 3.53 -20.63 8.33
N VAL D 272 3.27 -19.34 8.51
CA VAL D 272 3.85 -18.27 7.72
C VAL D 272 4.33 -17.22 8.70
N THR D 273 5.51 -16.66 8.46
CA THR D 273 6.07 -15.64 9.33
C THR D 273 6.54 -14.48 8.45
N ALA D 274 6.07 -13.27 8.76
CA ALA D 274 6.48 -12.09 8.02
C ALA D 274 6.32 -10.88 8.93
N MET D 275 6.67 -9.68 8.41
CA MET D 275 6.42 -8.48 9.22
C MET D 275 4.94 -8.33 9.56
N PRO D 276 4.65 -7.68 10.69
CA PRO D 276 3.26 -7.60 11.17
C PRO D 276 2.26 -7.03 10.18
N ASP D 277 2.61 -5.96 9.47
CA ASP D 277 1.69 -5.39 8.49
C ASP D 277 1.42 -6.36 7.35
N VAL D 278 2.43 -7.13 6.94
CA VAL D 278 2.24 -8.09 5.87
C VAL D 278 1.31 -9.22 6.30
N ILE D 279 1.56 -9.79 7.48
CA ILE D 279 0.70 -10.88 7.96
C ILE D 279 -0.71 -10.38 8.15
N ASP D 280 -0.88 -9.14 8.63
CA ASP D 280 -2.23 -8.64 8.84
C ASP D 280 -3.02 -8.58 7.55
N GLU D 281 -2.41 -8.06 6.47
CA GLU D 281 -3.09 -7.99 5.17
C GLU D 281 -3.32 -9.37 4.59
N PHE D 282 -2.30 -10.22 4.64
CA PHE D 282 -2.46 -11.62 4.24
C PHE D 282 -3.66 -12.25 4.92
N ALA D 283 -3.74 -12.13 6.24
CA ALA D 283 -4.78 -12.84 7.00
C ALA D 283 -6.14 -12.17 6.88
N HIS D 284 -6.18 -10.85 6.88
CA HIS D 284 -7.48 -10.19 6.86
C HIS D 284 -8.09 -10.20 5.46
N ARG D 285 -7.32 -9.83 4.45
CA ARG D 285 -7.84 -9.50 3.12
C ARG D 285 -7.62 -10.61 2.10
N TRP D 286 -6.40 -11.12 1.97
CA TRP D 286 -6.11 -11.96 0.82
C TRP D 286 -6.53 -13.39 1.10
N ARG D 287 -6.02 -14.01 2.16
CA ARG D 287 -6.62 -15.23 2.67
C ARG D 287 -8.03 -14.98 3.19
N GLY D 288 -8.23 -13.88 3.92
CA GLY D 288 -9.43 -13.73 4.72
C GLY D 288 -10.71 -13.52 3.94
N PHE D 289 -10.64 -13.00 2.70
CA PHE D 289 -11.84 -12.86 1.89
C PHE D 289 -12.21 -14.14 1.13
N ARG D 290 -11.49 -15.25 1.37
CA ARG D 290 -11.80 -16.52 0.74
C ARG D 290 -12.03 -17.65 1.74
N GLU D 291 -11.12 -17.80 2.71
CA GLU D 291 -11.14 -18.88 3.68
C GLU D 291 -11.57 -18.34 5.04
N TYR D 292 -12.31 -19.18 5.78
CA TYR D 292 -12.64 -18.97 7.19
C TYR D 292 -11.79 -19.94 8.00
N PRO D 293 -11.06 -19.46 9.02
CA PRO D 293 -10.18 -20.37 9.76
C PRO D 293 -10.96 -21.52 10.42
N GLY D 294 -10.41 -22.71 10.30
CA GLY D 294 -11.09 -23.91 10.76
C GLY D 294 -10.07 -24.95 11.15
N HIS D 295 -10.51 -26.21 11.18
CA HIS D 295 -9.65 -27.34 11.54
C HIS D 295 -8.99 -27.14 12.89
N ALA D 296 -9.80 -26.75 13.88
CA ALA D 296 -9.24 -26.58 15.22
C ALA D 296 -8.79 -27.92 15.81
N ARG D 297 -9.38 -29.02 15.37
CA ARG D 297 -8.98 -30.33 15.88
C ARG D 297 -7.55 -30.67 15.48
N GLU D 298 -7.22 -30.53 14.19
CA GLU D 298 -5.83 -30.73 13.77
C GLU D 298 -4.88 -29.81 14.52
N GLN D 299 -5.29 -28.55 14.70
CA GLN D 299 -4.38 -27.56 15.26
C GLN D 299 -4.15 -27.80 16.73
N ALA D 300 -5.21 -28.15 17.46
CA ALA D 300 -5.05 -28.46 18.87
C ALA D 300 -4.20 -29.71 19.07
N ALA D 301 -4.44 -30.74 18.26
CA ALA D 301 -3.65 -31.96 18.35
C ALA D 301 -2.17 -31.67 18.08
N PHE D 302 -1.88 -30.82 17.09
CA PHE D 302 -0.47 -30.49 16.83
C PHE D 302 0.13 -29.68 17.97
N ALA D 303 -0.65 -28.80 18.58
CA ALA D 303 -0.10 -28.03 19.69
C ALA D 303 0.21 -28.93 20.87
N GLY D 304 -0.67 -29.90 21.14
CA GLY D 304 -0.36 -30.88 22.17
C GLY D 304 0.90 -31.66 21.86
N TRP D 305 1.09 -32.00 20.58
CA TRP D 305 2.24 -32.80 20.16
C TRP D 305 3.52 -31.98 20.22
N LEU D 306 3.52 -30.80 19.60
CA LEU D 306 4.72 -29.96 19.62
C LEU D 306 5.08 -29.53 21.04
N ASN D 307 4.10 -29.39 21.92
CA ASN D 307 4.38 -29.01 23.30
C ASN D 307 4.82 -30.20 24.13
N ASN D 308 4.84 -31.40 23.56
CA ASN D 308 5.29 -32.65 24.19
C ASN D 308 6.76 -32.87 23.87
N PRO D 309 7.59 -33.28 24.84
CA PRO D 309 9.00 -33.54 24.51
C PRO D 309 9.17 -34.62 23.46
N GLU D 310 8.19 -35.51 23.30
CA GLU D 310 8.28 -36.58 22.32
C GLU D 310 8.36 -36.07 20.89
N SER D 311 7.82 -34.87 20.64
CA SER D 311 7.85 -34.41 19.25
C SER D 311 9.27 -34.11 18.80
N ARG D 312 10.08 -33.51 19.66
CA ARG D 312 11.48 -33.28 19.35
C ARG D 312 12.25 -34.60 19.25
N LYS D 313 11.98 -35.53 20.18
CA LYS D 313 12.61 -36.85 20.12
C LYS D 313 12.25 -37.57 18.83
N TRP D 314 10.99 -37.51 18.44
CA TRP D 314 10.56 -38.20 17.24
C TRP D 314 11.20 -37.56 16.01
N ALA D 315 11.28 -36.22 15.99
CA ALA D 315 11.89 -35.54 14.84
C ALA D 315 13.36 -35.89 14.71
N ASP D 316 14.05 -36.00 15.86
CA ASP D 316 15.46 -36.35 15.83
C ASP D 316 15.67 -37.77 15.33
N GLU D 317 14.84 -38.70 15.81
CA GLU D 317 14.91 -40.09 15.38
C GLU D 317 14.58 -40.23 13.89
N ARG D 318 13.68 -39.40 13.39
CA ARG D 318 13.33 -39.42 11.98
C ARG D 318 14.52 -39.03 11.09
N ARG D 319 15.33 -38.06 11.53
CA ARG D 319 16.53 -37.72 10.77
C ARG D 319 17.53 -38.88 10.74
N GLU D 320 17.59 -39.68 11.81
CA GLU D 320 18.42 -40.89 11.77
C GLU D 320 17.85 -41.93 10.81
N ALA D 321 16.51 -42.06 10.77
CA ALA D 321 15.90 -42.97 9.81
C ALA D 321 16.09 -42.50 8.37
N ILE D 322 16.13 -41.18 8.14
CA ILE D 322 16.37 -40.70 6.79
C ILE D 322 17.78 -41.04 6.36
N ARG D 323 18.76 -40.88 7.27
CA ARG D 323 20.13 -41.25 6.96
C ARG D 323 20.27 -42.74 6.67
N SER D 324 19.75 -43.60 7.58
CA SER D 324 19.90 -45.03 7.35
C SER D 324 19.08 -45.50 6.15
N ASN D 325 17.89 -44.92 5.92
CA ASN D 325 17.11 -45.32 4.75
C ASN D 325 17.88 -45.06 3.46
N GLY D 326 18.53 -43.89 3.38
CA GLY D 326 19.26 -43.53 2.19
C GLY D 326 20.47 -44.42 1.97
N ASP D 327 21.19 -44.75 3.06
CA ASP D 327 22.31 -45.67 2.93
C ASP D 327 21.83 -47.04 2.48
N ALA D 328 20.70 -47.52 3.01
CA ALA D 328 20.19 -48.85 2.64
C ALA D 328 19.78 -48.91 1.17
N LEU D 329 19.16 -47.83 0.68
CA LEU D 329 18.77 -47.77 -0.72
C LEU D 329 19.99 -47.71 -1.64
N LEU D 330 20.97 -46.86 -1.33
CA LEU D 330 22.20 -46.83 -2.11
C LEU D 330 22.87 -48.20 -2.17
N ASP D 331 22.90 -48.94 -1.05
CA ASP D 331 23.52 -50.26 -1.05
C ASP D 331 22.79 -51.22 -1.98
N ALA D 332 21.46 -51.20 -1.95
CA ALA D 332 20.67 -52.07 -2.81
C ALA D 332 20.80 -51.67 -4.27
N LEU D 333 20.80 -50.36 -4.55
CA LEU D 333 21.01 -49.92 -5.94
C LEU D 333 22.31 -50.44 -6.50
N ALA D 334 23.39 -50.35 -5.72
CA ALA D 334 24.69 -50.85 -6.17
C ALA D 334 24.68 -52.35 -6.40
N GLU D 335 23.76 -53.07 -5.80
CA GLU D 335 23.72 -54.53 -5.92
C GLU D 335 22.98 -54.97 -7.18
N VAL D 336 22.10 -54.14 -7.72
CA VAL D 336 21.25 -54.54 -8.84
C VAL D 336 21.48 -53.71 -10.09
N SER D 337 22.30 -52.67 -10.04
CA SER D 337 22.44 -51.75 -11.16
C SER D 337 23.81 -51.10 -11.14
N ASN D 338 24.11 -50.37 -12.22
CA ASN D 338 25.38 -49.68 -12.36
C ASN D 338 25.16 -48.29 -12.95
N THR D 339 24.30 -47.49 -12.33
CA THR D 339 24.12 -46.12 -12.77
C THR D 339 24.54 -45.16 -11.67
N THR D 340 24.70 -43.90 -12.06
CA THR D 340 25.02 -42.83 -11.13
C THR D 340 23.90 -42.60 -10.13
N ARG D 341 24.26 -42.42 -8.86
CA ARG D 341 23.27 -42.11 -7.85
C ARG D 341 23.79 -41.01 -6.94
N HIS D 342 22.85 -40.29 -6.31
CA HIS D 342 23.18 -39.22 -5.38
C HIS D 342 22.34 -39.40 -4.14
N CYS D 343 22.91 -39.01 -3.01
CA CYS D 343 22.18 -38.95 -1.75
C CYS D 343 22.85 -37.79 -1.00
N HIS D 344 22.45 -36.57 -1.40
CA HIS D 344 23.14 -35.38 -0.91
C HIS D 344 22.84 -35.10 0.55
N GLY D 345 21.77 -35.66 1.10
CA GLY D 345 21.51 -35.56 2.51
C GLY D 345 20.94 -34.24 3.00
N GLY D 346 20.62 -33.31 2.12
CA GLY D 346 19.83 -32.15 2.50
C GLY D 346 18.40 -32.59 2.63
N SER D 347 17.56 -32.31 1.65
CA SER D 347 16.19 -32.80 1.67
C SER D 347 16.19 -34.32 1.48
N PRO D 348 15.12 -34.99 1.91
CA PRO D 348 15.13 -36.47 1.99
C PRO D 348 14.85 -37.19 0.68
N PHE D 349 15.76 -37.04 -0.30
CA PHE D 349 15.58 -37.66 -1.60
C PHE D 349 16.88 -38.29 -2.09
N VAL D 350 16.77 -39.50 -2.67
CA VAL D 350 17.85 -40.13 -3.43
C VAL D 350 17.53 -39.95 -4.90
N LEU D 351 18.55 -39.69 -5.71
CA LEU D 351 18.40 -39.59 -7.17
C LEU D 351 19.21 -40.72 -7.80
N PHE D 352 18.67 -41.34 -8.84
CA PHE D 352 19.54 -42.20 -9.63
C PHE D 352 19.14 -42.13 -11.11
N GLU D 353 20.12 -42.35 -11.97
CA GLU D 353 19.92 -42.24 -13.40
C GLU D 353 19.41 -43.55 -13.97
N VAL D 354 18.48 -43.46 -14.92
CA VAL D 354 17.94 -44.68 -15.49
C VAL D 354 19.01 -45.20 -16.45
N PRO D 355 19.16 -46.51 -16.62
CA PRO D 355 20.20 -46.99 -17.53
C PRO D 355 19.87 -46.64 -18.97
N GLY D 356 20.90 -46.75 -19.80
CA GLY D 356 20.80 -46.28 -21.17
C GLY D 356 19.80 -47.08 -21.99
N GLY D 357 19.19 -46.40 -22.95
CA GLY D 357 18.16 -47.02 -23.76
C GLY D 357 16.79 -47.08 -23.14
N TRP D 358 16.60 -46.49 -21.95
CA TRP D 358 15.34 -46.47 -21.25
C TRP D 358 14.90 -45.03 -21.04
N SER D 359 13.64 -44.73 -21.33
CA SER D 359 13.05 -43.50 -20.83
C SER D 359 12.65 -43.69 -19.38
N GLN D 360 12.56 -42.58 -18.63
CA GLN D 360 12.23 -42.74 -17.22
C GLN D 360 10.84 -43.34 -17.04
N GLU D 361 9.90 -43.05 -17.95
CA GLU D 361 8.57 -43.63 -17.81
C GLU D 361 8.60 -45.15 -18.00
N ASP D 362 9.18 -45.61 -19.12
CA ASP D 362 9.27 -47.05 -19.41
C ASP D 362 10.03 -47.79 -18.32
N PHE D 363 11.08 -47.17 -17.79
CA PHE D 363 11.86 -47.79 -16.73
C PHE D 363 11.01 -48.02 -15.48
N ARG D 364 10.40 -46.95 -14.97
CA ARG D 364 9.62 -47.07 -13.76
C ARG D 364 8.44 -48.02 -13.95
N GLN D 365 7.83 -48.01 -15.14
CA GLN D 365 6.73 -48.93 -15.42
C GLN D 365 7.21 -50.37 -15.38
N ARG D 366 8.33 -50.66 -16.05
CA ARG D 366 8.87 -52.01 -16.06
C ARG D 366 9.29 -52.44 -14.66
N LEU D 367 10.00 -51.56 -13.95
CA LEU D 367 10.45 -51.88 -12.60
C LEU D 367 9.27 -52.17 -11.67
N PHE D 368 8.21 -51.36 -11.73
CA PHE D 368 7.05 -51.61 -10.87
C PHE D 368 6.39 -52.95 -11.23
N ALA D 369 6.29 -53.25 -12.53
CA ALA D 369 5.75 -54.54 -12.98
C ALA D 369 6.56 -55.71 -12.44
N ASP D 370 7.90 -55.58 -12.41
CA ASP D 370 8.72 -56.71 -11.99
C ASP D 370 8.87 -56.80 -10.46
N THR D 371 8.92 -55.67 -9.76
CA THR D 371 9.29 -55.69 -8.35
C THR D 371 8.16 -55.28 -7.41
N GLY D 372 7.07 -54.72 -7.93
CA GLY D 372 6.07 -54.15 -7.05
C GLY D 372 6.43 -52.82 -6.42
N VAL D 373 7.57 -52.22 -6.79
CA VAL D 373 8.04 -50.96 -6.21
C VAL D 373 7.83 -49.87 -7.24
N LEU D 374 7.09 -48.83 -6.87
CA LEU D 374 6.71 -47.75 -7.77
C LEU D 374 7.49 -46.50 -7.37
N LEU D 375 8.32 -45.99 -8.28
CA LEU D 375 9.15 -44.83 -8.06
C LEU D 375 8.69 -43.66 -8.94
N ALA D 376 9.22 -42.47 -8.63
CA ALA D 376 8.89 -41.22 -9.30
C ALA D 376 9.97 -40.77 -10.27
N SER D 377 9.55 -40.04 -11.30
CA SER D 377 10.54 -39.32 -12.09
C SER D 377 11.16 -38.22 -11.23
N ALA D 378 12.44 -37.95 -11.46
CA ALA D 378 13.11 -36.87 -10.75
C ALA D 378 12.63 -35.50 -11.24
N GLN D 379 12.09 -35.42 -12.45
CA GLN D 379 11.48 -34.19 -13.00
C GLN D 379 12.51 -33.07 -13.12
N ILE D 380 13.72 -33.44 -13.52
CA ILE D 380 14.80 -32.47 -13.77
C ILE D 380 14.68 -32.04 -15.23
N PRO D 381 14.27 -30.82 -15.53
CA PRO D 381 14.00 -30.46 -16.93
C PRO D 381 15.21 -30.63 -17.84
N TYR D 382 16.41 -30.32 -17.37
CA TYR D 382 17.60 -30.49 -18.20
C TYR D 382 18.23 -31.89 -18.06
N ALA D 383 17.61 -32.80 -17.32
CA ALA D 383 18.12 -34.17 -17.19
C ALA D 383 16.95 -35.12 -16.97
N PRO D 384 16.15 -35.36 -18.02
CA PRO D 384 14.81 -35.96 -17.79
C PRO D 384 14.85 -37.39 -17.30
N ASP D 385 15.86 -38.17 -17.65
CA ASP D 385 15.83 -39.61 -17.41
C ASP D 385 16.59 -39.94 -16.13
N TRP D 386 16.01 -39.46 -15.03
CA TRP D 386 16.47 -39.72 -13.68
C TRP D 386 15.26 -40.02 -12.82
N VAL D 387 15.50 -40.76 -11.74
CA VAL D 387 14.46 -41.17 -10.81
C VAL D 387 14.76 -40.56 -9.44
N LYS D 388 13.71 -40.26 -8.66
CA LYS D 388 13.90 -39.80 -7.29
C LYS D 388 13.10 -40.66 -6.32
N VAL D 389 13.62 -40.80 -5.09
CA VAL D 389 13.00 -41.63 -4.05
C VAL D 389 12.96 -40.87 -2.73
N PHE D 390 11.75 -40.67 -2.21
CA PHE D 390 11.56 -39.99 -0.93
C PHE D 390 11.94 -40.92 0.23
N LEU D 391 12.64 -40.36 1.23
CA LEU D 391 13.22 -41.16 2.29
C LEU D 391 12.55 -41.02 3.63
N GLY D 392 11.59 -40.10 3.78
CA GLY D 392 10.96 -39.86 5.08
C GLY D 392 9.86 -40.87 5.40
N ARG D 393 10.28 -42.11 5.66
CA ARG D 393 9.40 -43.24 5.90
C ARG D 393 9.93 -44.03 7.08
N ARG D 394 9.02 -44.70 7.81
CA ARG D 394 9.46 -45.63 8.86
C ARG D 394 10.40 -46.65 8.26
N PRO D 395 11.59 -46.88 8.84
CA PRO D 395 12.44 -47.97 8.34
C PRO D 395 11.74 -49.31 8.21
N ASP D 396 10.83 -49.67 9.14
CA ASP D 396 10.20 -50.99 9.01
C ASP D 396 9.17 -51.06 7.89
N ARG D 397 8.90 -49.94 7.21
CA ARG D 397 8.13 -49.96 5.98
C ARG D 397 8.97 -49.66 4.74
N PHE D 398 10.02 -48.84 4.86
CA PHE D 398 10.89 -48.56 3.72
C PHE D 398 11.81 -49.74 3.41
N LEU D 399 12.38 -50.37 4.44
CA LEU D 399 13.32 -51.45 4.18
C LEU D 399 12.68 -52.63 3.43
N PRO D 400 11.42 -53.02 3.67
CA PRO D 400 10.84 -54.08 2.83
C PRO D 400 10.78 -53.70 1.36
N ALA D 401 10.50 -52.44 1.04
CA ALA D 401 10.54 -52.01 -0.36
C ALA D 401 11.93 -52.14 -0.92
N VAL D 402 12.95 -51.78 -0.13
CA VAL D 402 14.33 -51.88 -0.59
C VAL D 402 14.69 -53.35 -0.87
N GLU D 403 14.20 -54.26 -0.01
CA GLU D 403 14.49 -55.67 -0.21
C GLU D 403 13.81 -56.21 -1.46
N ALA D 404 12.61 -55.70 -1.78
CA ALA D 404 11.97 -56.11 -3.04
C ALA D 404 12.81 -55.68 -4.25
N LEU D 405 13.40 -54.49 -4.20
CA LEU D 405 14.31 -54.07 -5.29
C LEU D 405 15.55 -54.94 -5.33
N ARG D 406 16.01 -55.41 -4.18
CA ARG D 406 17.24 -56.18 -4.12
C ARG D 406 17.04 -57.62 -4.57
N THR D 407 15.83 -58.18 -4.41
CA THR D 407 15.56 -59.60 -4.59
C THR D 407 14.60 -59.96 -5.72
N ARG D 408 13.84 -59.01 -6.27
CA ARG D 408 13.00 -59.32 -7.42
C ARG D 408 13.71 -58.89 -8.69
N PRO D 409 14.22 -59.81 -9.51
CA PRO D 409 14.99 -59.42 -10.69
C PRO D 409 14.16 -58.58 -11.65
N SER D 410 14.84 -57.67 -12.35
CA SER D 410 14.20 -56.86 -13.37
C SER D 410 15.24 -56.48 -14.41
N ARG D 411 14.88 -56.63 -15.68
CA ARG D 411 15.75 -56.12 -16.72
C ARG D 411 15.62 -54.61 -16.91
N ALA D 412 14.76 -53.93 -16.13
CA ALA D 412 14.78 -52.46 -16.14
C ALA D 412 16.17 -51.93 -15.80
N TRP D 413 16.92 -52.68 -15.01
CA TRP D 413 18.25 -52.28 -14.60
C TRP D 413 19.29 -52.49 -15.67
N GLN D 414 18.97 -53.23 -16.74
CA GLN D 414 19.94 -53.55 -17.78
C GLN D 414 19.79 -52.58 -18.93
N PRO D 415 20.87 -51.91 -19.35
CA PRO D 415 20.78 -51.01 -20.49
C PRO D 415 20.54 -51.80 -21.76
N ARG D 416 19.79 -51.20 -22.67
CA ARG D 416 19.41 -51.86 -23.91
C ARG D 416 19.65 -50.92 -25.08
N LEU D 417 19.68 -51.48 -26.28
CA LEU D 417 19.95 -50.69 -27.48
C LEU D 417 18.86 -49.65 -27.70
N GLU D 418 19.23 -48.53 -28.32
CA GLU D 418 18.22 -47.61 -28.81
C GLU D 418 17.37 -48.31 -29.86
N HIS D 419 16.15 -47.81 -30.05
CA HIS D 419 15.19 -48.50 -30.91
C HIS D 419 15.72 -48.72 -32.32
N HIS D 420 16.75 -47.97 -32.74
CA HIS D 420 17.21 -47.98 -34.13
C HIS D 420 18.55 -48.68 -34.32
N HIS D 421 18.95 -49.52 -33.37
CA HIS D 421 20.19 -50.30 -33.49
C HIS D 421 19.88 -51.78 -33.32
N HIS D 422 20.67 -52.61 -34.00
CA HIS D 422 20.48 -54.05 -33.97
C HIS D 422 21.83 -54.77 -34.01
#